data_5X3K
#
_entry.id   5X3K
#
_cell.length_a   180.584
_cell.length_b   180.584
_cell.length_c   392.291
_cell.angle_alpha   90.00
_cell.angle_beta   90.00
_cell.angle_gamma   120.00
#
_symmetry.space_group_name_H-M   'H 3 2'
#
loop_
_entity.id
_entity.type
_entity.pdbx_description
1 polymer 'Glycoside hydrolase family 31'
2 branched alpha-D-glucopyranose-(1-6)-alpha-D-glucopyranose
3 branched alpha-D-glucopyranose-(1-6)-alpha-D-glucopyranose
4 non-polymer 'SULFATE ION'
5 non-polymer GLYCEROL
6 water water
#
_entity_poly.entity_id   1
_entity_poly.type   'polypeptide(L)'
_entity_poly.pdbx_seq_one_letter_code
;MGSSHHHHHHSSGLVPRGSHMIKHRPHGIEHPYAVSPDQRVPVLPLAGEPVLLGVVAPEADRVVCEWGTLELPLSATSAA
AADAAALAGGEGHLSEAQAKSLGADGAWSVQTPPLAEPVKYRFHAHRGGAAESTEWFEVSPAVWTADGVGEVRGGGERVR
GVEWLVSSQGVHRGRFRLQLQDGDRLVGFGERYDALDQRGRELDAVVFEQYKAQGVHGRTYLPMPFAHVVGADGNGWGFH
VRTSRRTWYSSAGNELTVEVALGDEPVVDLAIYEGDPATVLTGFLDEVGRAEELPGWVFRLWASGNEWNTQQLVTARMDT
HRDLAIPVGAVVIEAWSDEQGITIWRDAVYAVTEDGSAHRAEDFSYRPDGAWPDPKAMIDELHARGIKVILWQIPLQKTE
FSTGQVAADAAAMVRDGHAVLEADGTAYRNRGWWFPQALMPDLSVQRTRDWWTEKRRYLVEHFDVDGFKTAGGEHAWGHD
LVYADGRKGDEGNNLYPVHYARAFGDLLRSAGKAPVTFSRAGFTGSQAHGIFWAGDEDSTWQAFRSSVTAGLTAASCGIV
YWGWDLAGFSGPVPDAELYLRAAAASAFMPIMQYHSEFNHHQLPLRDRTPWHVAETTGDDRVVPLFRRFATLRESLVPYL
TEQAARTIATDRPLMRPLFFDHENDPEIWNHPYQYLLGDELLINPVLEPGATTWTTYLPAGEWIDVWTGDRVPSGLVTRD
VPLEVVPVYCRASRWSELQPVFS
;
_entity_poly.pdbx_strand_id   A,B
#
# COMPACT_ATOMS: atom_id res chain seq x y z
N MET A 21 -29.19 -17.71 57.44
CA MET A 21 -29.57 -17.26 56.11
C MET A 21 -29.29 -18.33 55.06
N ILE A 22 -30.13 -18.41 54.05
CA ILE A 22 -29.96 -19.38 52.99
C ILE A 22 -30.38 -18.79 51.65
N LYS A 23 -29.60 -19.03 50.61
CA LYS A 23 -29.94 -18.48 49.30
C LYS A 23 -29.90 -19.54 48.19
N HIS A 24 -30.88 -19.45 47.30
CA HIS A 24 -30.94 -20.31 46.13
C HIS A 24 -31.34 -19.50 44.89
N ARG A 25 -30.49 -19.50 43.88
CA ARG A 25 -30.84 -18.90 42.59
C ARG A 25 -30.82 -19.97 41.51
N PRO A 26 -32.00 -20.35 41.00
CA PRO A 26 -32.09 -21.45 40.03
C PRO A 26 -31.15 -21.30 38.84
N HIS A 27 -31.06 -20.10 38.28
CA HIS A 27 -30.15 -19.86 37.16
C HIS A 27 -28.73 -19.61 37.64
N GLY A 28 -28.59 -19.22 38.89
CA GLY A 28 -27.28 -18.95 39.44
C GLY A 28 -26.69 -17.65 38.93
N ILE A 29 -25.36 -17.58 38.91
CA ILE A 29 -24.67 -16.37 38.49
C ILE A 29 -24.82 -16.18 36.98
N GLU A 30 -25.18 -17.25 36.29
CA GLU A 30 -25.41 -17.28 34.85
C GLU A 30 -24.12 -17.02 34.07
N HIS A 31 -23.04 -17.57 34.59
CA HIS A 31 -21.82 -17.76 33.83
C HIS A 31 -22.18 -18.74 32.72
N PRO A 32 -21.93 -18.36 31.45
CA PRO A 32 -22.41 -19.16 30.31
C PRO A 32 -21.78 -20.55 30.19
N TYR A 33 -20.55 -20.70 30.66
CA TYR A 33 -19.90 -22.01 30.65
C TYR A 33 -19.78 -22.71 32.01
N ALA A 34 -20.32 -22.11 33.08
CA ALA A 34 -20.11 -22.67 34.40
C ALA A 34 -21.31 -22.51 35.32
N VAL A 35 -21.32 -23.26 36.42
CA VAL A 35 -22.42 -23.16 37.38
C VAL A 35 -21.95 -22.68 38.76
N SER A 36 -22.80 -21.91 39.41
CA SER A 36 -22.53 -21.44 40.77
C SER A 36 -23.10 -22.40 41.81
N PRO A 37 -22.53 -22.40 43.03
CA PRO A 37 -22.98 -23.30 44.10
C PRO A 37 -24.42 -23.07 44.56
N ASP A 38 -25.03 -21.96 44.20
CA ASP A 38 -26.38 -21.63 44.68
C ASP A 38 -27.49 -22.06 43.72
N GLN A 39 -27.16 -22.78 42.65
CA GLN A 39 -28.12 -22.95 41.57
C GLN A 39 -28.63 -24.36 41.36
N ARG A 40 -29.51 -24.47 40.38
CA ARG A 40 -30.09 -25.73 39.96
C ARG A 40 -29.40 -26.21 38.70
N VAL A 41 -28.81 -27.40 38.77
CA VAL A 41 -28.08 -27.96 37.63
C VAL A 41 -28.69 -29.27 37.13
N PRO A 42 -29.14 -29.29 35.86
CA PRO A 42 -29.25 -28.16 34.94
C PRO A 42 -30.43 -27.28 35.29
N VAL A 43 -30.44 -26.05 34.77
CA VAL A 43 -31.55 -25.15 35.00
C VAL A 43 -32.81 -25.73 34.38
N LEU A 44 -32.66 -26.28 33.17
CA LEU A 44 -33.77 -26.90 32.48
C LEU A 44 -33.48 -28.37 32.20
N PRO A 45 -33.80 -29.25 33.16
CA PRO A 45 -33.58 -30.68 33.02
C PRO A 45 -34.52 -31.30 32.00
N LEU A 46 -34.04 -32.28 31.25
CA LEU A 46 -34.92 -33.09 30.41
C LEU A 46 -35.75 -33.99 31.30
N ALA A 47 -36.95 -34.32 30.87
CA ALA A 47 -37.75 -35.32 31.58
C ALA A 47 -36.96 -36.61 31.67
N GLY A 48 -36.84 -37.14 32.88
CA GLY A 48 -36.07 -38.36 33.09
C GLY A 48 -34.71 -38.10 33.72
N GLU A 49 -34.27 -36.85 33.67
CA GLU A 49 -33.01 -36.47 34.29
C GLU A 49 -33.22 -36.14 35.76
N PRO A 50 -32.25 -36.50 36.60
CA PRO A 50 -32.24 -35.96 37.96
C PRO A 50 -31.76 -34.51 37.91
N VAL A 51 -32.04 -33.74 38.95
CA VAL A 51 -31.49 -32.39 39.00
C VAL A 51 -30.69 -32.19 40.27
N LEU A 52 -29.58 -31.47 40.16
CA LEU A 52 -28.76 -31.17 41.32
C LEU A 52 -29.15 -29.82 41.88
N LEU A 53 -29.37 -29.76 43.18
CA LEU A 53 -29.79 -28.51 43.82
C LEU A 53 -28.70 -27.99 44.74
N GLY A 54 -28.09 -26.87 44.37
CA GLY A 54 -27.14 -26.21 45.24
C GLY A 54 -27.79 -25.12 46.06
N VAL A 55 -27.21 -24.84 47.22
CA VAL A 55 -27.69 -23.77 48.08
C VAL A 55 -26.52 -23.25 48.91
N VAL A 56 -26.55 -21.95 49.22
CA VAL A 56 -25.51 -21.37 50.05
C VAL A 56 -26.07 -20.92 51.39
N ALA A 57 -25.68 -21.63 52.44
CA ALA A 57 -26.06 -21.28 53.81
C ALA A 57 -24.84 -21.45 54.70
N PRO A 58 -24.02 -20.40 54.81
CA PRO A 58 -22.69 -20.45 55.44
C PRO A 58 -22.69 -21.06 56.83
N GLU A 59 -23.60 -20.65 57.72
CA GLU A 59 -23.75 -21.37 58.98
C GLU A 59 -25.17 -21.92 59.16
N ALA A 60 -25.27 -23.23 59.06
CA ALA A 60 -26.51 -23.94 59.34
C ALA A 60 -26.15 -25.32 59.83
N ASP A 61 -26.89 -25.82 60.81
CA ASP A 61 -26.61 -27.13 61.36
C ASP A 61 -27.02 -28.19 60.34
N ARG A 62 -28.19 -27.98 59.75
CA ARG A 62 -28.71 -28.90 58.76
C ARG A 62 -29.56 -28.17 57.74
N VAL A 63 -29.59 -28.70 56.53
CA VAL A 63 -30.38 -28.11 55.46
C VAL A 63 -31.14 -29.19 54.70
N VAL A 64 -32.44 -28.97 54.53
CA VAL A 64 -33.28 -29.93 53.85
C VAL A 64 -34.08 -29.24 52.75
N CYS A 65 -34.43 -30.00 51.71
CA CYS A 65 -35.26 -29.49 50.63
C CYS A 65 -36.64 -30.13 50.65
N GLU A 66 -37.67 -29.31 50.58
CA GLU A 66 -39.00 -29.86 50.45
C GLU A 66 -39.28 -29.98 48.97
N TRP A 67 -39.25 -31.20 48.48
CA TRP A 67 -39.28 -31.47 47.05
C TRP A 67 -40.56 -32.19 46.68
N GLY A 68 -41.48 -31.48 46.05
CA GLY A 68 -42.82 -32.00 45.86
C GLY A 68 -43.39 -32.36 47.21
N THR A 69 -43.79 -33.61 47.36
CA THR A 69 -44.27 -34.10 48.65
C THR A 69 -43.13 -34.71 49.47
N LEU A 70 -41.95 -34.87 48.87
CA LEU A 70 -40.85 -35.50 49.57
C LEU A 70 -40.04 -34.51 50.39
N GLU A 71 -39.06 -35.03 51.12
CA GLU A 71 -38.15 -34.19 51.90
C GLU A 71 -36.73 -34.69 51.67
N LEU A 72 -35.89 -33.84 51.10
CA LEU A 72 -34.56 -34.26 50.67
C LEU A 72 -33.44 -33.57 51.45
N PRO A 73 -32.66 -34.35 52.21
CA PRO A 73 -31.51 -33.89 52.99
C PRO A 73 -30.32 -33.46 52.14
N LEU A 74 -29.72 -32.32 52.47
CA LEU A 74 -28.57 -31.82 51.74
C LEU A 74 -27.27 -32.06 52.52
N SER A 75 -26.20 -32.34 51.78
CA SER A 75 -24.87 -32.51 52.37
C SER A 75 -24.04 -31.23 52.28
N ALA A 76 -22.78 -31.32 52.65
CA ALA A 76 -21.83 -30.24 52.37
C ALA A 76 -21.05 -30.58 51.11
N THR A 77 -21.21 -29.75 50.08
CA THR A 77 -20.64 -30.04 48.76
C THR A 77 -19.12 -30.09 48.78
N HIS A 93 -17.97 -25.21 36.53
CA HIS A 93 -16.60 -25.25 36.02
C HIS A 93 -15.72 -24.16 36.64
N LEU A 94 -16.24 -23.52 37.67
CA LEU A 94 -15.56 -22.38 38.30
C LEU A 94 -14.22 -22.75 38.93
N SER A 95 -13.31 -21.78 38.97
CA SER A 95 -12.05 -21.94 39.69
C SER A 95 -12.31 -21.90 41.18
N GLU A 96 -11.37 -22.41 41.97
CA GLU A 96 -11.54 -22.47 43.42
C GLU A 96 -11.63 -21.09 44.07
N ALA A 97 -10.92 -20.12 43.50
CA ALA A 97 -10.94 -18.75 44.01
C ALA A 97 -12.29 -18.09 43.73
N GLN A 98 -12.82 -18.35 42.54
CA GLN A 98 -14.09 -17.78 42.12
C GLN A 98 -15.27 -18.43 42.85
N ALA A 99 -15.21 -19.75 43.00
CA ALA A 99 -16.26 -20.50 43.67
C ALA A 99 -16.37 -20.09 45.14
N LYS A 100 -15.23 -19.88 45.77
CA LYS A 100 -15.19 -19.48 47.18
C LYS A 100 -15.85 -18.11 47.40
N SER A 101 -15.66 -17.22 46.43
CA SER A 101 -16.27 -15.89 46.49
C SER A 101 -17.78 -15.97 46.38
N LEU A 102 -18.27 -17.07 45.79
CA LEU A 102 -19.70 -17.30 45.65
C LEU A 102 -20.23 -18.17 46.80
N GLY A 103 -19.36 -18.51 47.74
CA GLY A 103 -19.76 -19.28 48.90
C GLY A 103 -19.60 -20.79 48.83
N ALA A 104 -18.67 -21.27 48.00
CA ALA A 104 -18.40 -22.70 47.87
C ALA A 104 -18.17 -23.39 49.21
N ASP A 105 -17.57 -22.67 50.15
CA ASP A 105 -17.51 -23.13 51.53
C ASP A 105 -18.83 -22.77 52.21
N GLY A 106 -19.51 -23.77 52.75
CA GLY A 106 -20.82 -23.57 53.32
C GLY A 106 -21.90 -23.74 52.27
N ALA A 107 -21.55 -24.47 51.21
CA ALA A 107 -22.49 -24.78 50.16
C ALA A 107 -23.09 -26.16 50.34
N TRP A 108 -24.41 -26.25 50.24
CA TRP A 108 -25.11 -27.51 50.41
C TRP A 108 -25.67 -27.99 49.08
N SER A 109 -25.73 -29.32 48.90
CA SER A 109 -26.31 -29.87 47.68
C SER A 109 -26.89 -31.27 47.87
N VAL A 110 -27.86 -31.60 47.03
CA VAL A 110 -28.42 -32.94 46.97
C VAL A 110 -28.92 -33.21 45.55
N GLN A 111 -28.79 -34.44 45.09
CA GLN A 111 -29.34 -34.84 43.81
C GLN A 111 -30.75 -35.38 44.01
N THR A 112 -31.70 -34.87 43.23
CA THR A 112 -33.10 -35.24 43.40
C THR A 112 -33.43 -36.53 42.64
N PRO A 113 -34.66 -37.04 42.82
CA PRO A 113 -35.11 -38.10 41.91
C PRO A 113 -35.32 -37.52 40.51
N PRO A 114 -35.32 -38.37 39.48
CA PRO A 114 -35.54 -37.90 38.11
C PRO A 114 -36.81 -37.08 37.98
N LEU A 115 -36.87 -36.17 37.01
CA LEU A 115 -38.02 -35.29 36.88
C LEU A 115 -39.07 -35.91 35.99
N ALA A 116 -40.18 -36.35 36.59
CA ALA A 116 -41.28 -36.89 35.81
C ALA A 116 -42.35 -35.84 35.52
N GLU A 117 -42.28 -34.71 36.21
CA GLU A 117 -43.29 -33.68 36.06
C GLU A 117 -42.84 -32.37 36.70
N PRO A 118 -43.61 -31.29 36.52
CA PRO A 118 -43.26 -30.06 37.23
C PRO A 118 -43.24 -30.26 38.74
N VAL A 119 -42.21 -29.73 39.40
CA VAL A 119 -42.08 -29.84 40.84
C VAL A 119 -41.92 -28.47 41.49
N LYS A 120 -42.75 -28.19 42.50
CA LYS A 120 -42.54 -27.03 43.34
C LYS A 120 -41.67 -27.43 44.53
N TYR A 121 -40.72 -26.59 44.89
CA TYR A 121 -39.80 -26.93 45.96
C TYR A 121 -39.28 -25.72 46.70
N ARG A 122 -38.84 -25.94 47.93
CA ARG A 122 -38.17 -24.91 48.72
C ARG A 122 -37.20 -25.57 49.68
N PHE A 123 -36.51 -24.77 50.47
CA PHE A 123 -35.49 -25.29 51.37
C PHE A 123 -35.72 -24.82 52.80
N HIS A 124 -35.32 -25.65 53.75
CA HIS A 124 -35.43 -25.31 55.17
C HIS A 124 -34.07 -25.53 55.85
N ALA A 125 -33.62 -24.51 56.58
CA ALA A 125 -32.32 -24.58 57.25
C ALA A 125 -32.44 -24.26 58.72
N HIS A 126 -31.66 -24.96 59.53
CA HIS A 126 -31.67 -24.75 60.98
C HIS A 126 -30.28 -24.49 61.52
N ARG A 127 -30.16 -23.46 62.34
CA ARG A 127 -28.98 -23.29 63.18
C ARG A 127 -29.41 -23.26 64.64
N GLY A 128 -29.05 -24.31 65.38
CA GLY A 128 -29.37 -24.41 66.80
C GLY A 128 -30.83 -24.16 67.15
N GLY A 129 -31.74 -24.64 66.30
CA GLY A 129 -33.16 -24.47 66.56
C GLY A 129 -33.75 -23.27 65.86
N ALA A 130 -32.91 -22.30 65.51
CA ALA A 130 -33.36 -21.17 64.72
C ALA A 130 -33.66 -21.64 63.30
N ALA A 131 -34.86 -21.34 62.82
CA ALA A 131 -35.31 -21.89 61.54
C ALA A 131 -35.54 -20.81 60.49
N GLU A 132 -35.26 -21.15 59.24
CA GLU A 132 -35.54 -20.25 58.12
C GLU A 132 -35.86 -21.05 56.86
N SER A 133 -36.77 -20.50 56.05
CA SER A 133 -37.20 -21.17 54.83
C SER A 133 -37.10 -20.26 53.62
N THR A 134 -36.69 -20.83 52.49
CA THR A 134 -36.60 -20.10 51.23
C THR A 134 -37.97 -19.90 50.58
N GLU A 135 -38.03 -18.96 49.65
CA GLU A 135 -39.22 -18.76 48.84
C GLU A 135 -39.47 -20.01 47.98
N TRP A 136 -40.69 -20.16 47.48
CA TRP A 136 -41.00 -21.30 46.61
C TRP A 136 -40.32 -21.19 45.26
N PHE A 137 -39.77 -22.30 44.78
CA PHE A 137 -39.23 -22.39 43.44
C PHE A 137 -39.96 -23.49 42.68
N GLU A 138 -39.90 -23.45 41.36
CA GLU A 138 -40.52 -24.48 40.54
C GLU A 138 -39.66 -24.80 39.33
N VAL A 139 -39.61 -26.08 38.96
CA VAL A 139 -38.92 -26.49 37.75
C VAL A 139 -39.79 -27.45 36.95
N SER A 140 -39.91 -27.18 35.66
CA SER A 140 -40.66 -28.04 34.75
C SER A 140 -39.72 -28.75 33.79
N PRO A 141 -39.76 -30.09 33.77
CA PRO A 141 -38.92 -30.85 32.85
C PRO A 141 -39.33 -30.63 31.40
N ALA A 142 -38.37 -30.74 30.48
CA ALA A 142 -38.64 -30.49 29.07
C ALA A 142 -38.32 -31.71 28.21
N VAL A 143 -38.90 -31.75 27.03
CA VAL A 143 -38.66 -32.85 26.10
C VAL A 143 -38.41 -32.34 24.68
N TRP A 144 -37.64 -33.09 23.90
CA TRP A 144 -37.49 -32.82 22.48
C TRP A 144 -38.59 -33.51 21.68
N THR A 145 -39.19 -32.79 20.75
CA THR A 145 -40.29 -33.31 19.95
C THR A 145 -40.31 -32.71 18.56
N ALA A 146 -40.82 -33.47 17.58
CA ALA A 146 -40.99 -32.96 16.23
C ALA A 146 -42.34 -32.29 16.07
N ASP A 147 -43.20 -32.47 17.06
CA ASP A 147 -44.54 -31.89 17.03
C ASP A 147 -44.55 -30.48 17.63
N GLY A 148 -45.19 -29.54 16.94
CA GLY A 148 -45.31 -28.19 17.48
C GLY A 148 -45.80 -27.16 16.49
N VAL A 149 -46.13 -25.97 16.98
CA VAL A 149 -46.53 -24.86 16.12
C VAL A 149 -45.31 -24.14 15.55
N GLY A 150 -44.14 -24.50 16.04
CA GLY A 150 -42.90 -23.85 15.66
C GLY A 150 -42.48 -24.08 14.22
N GLU A 151 -41.87 -23.05 13.64
CA GLU A 151 -41.33 -23.13 12.27
C GLU A 151 -39.85 -22.81 12.22
N VAL A 152 -39.13 -23.50 11.35
CA VAL A 152 -37.82 -23.06 10.95
C VAL A 152 -37.92 -22.57 9.52
N ARG A 153 -37.79 -21.26 9.35
CA ARG A 153 -38.07 -20.62 8.07
C ARG A 153 -36.82 -20.27 7.30
N GLY A 154 -36.81 -20.61 6.01
CA GLY A 154 -35.78 -20.11 5.11
C GLY A 154 -34.72 -21.10 4.66
N GLY A 155 -34.64 -22.25 5.32
CA GLY A 155 -33.60 -23.20 5.00
C GLY A 155 -33.86 -24.03 3.76
N GLY A 156 -35.06 -23.93 3.22
CA GLY A 156 -35.44 -24.70 2.05
C GLY A 156 -35.25 -26.19 2.26
N GLU A 157 -34.73 -26.86 1.24
CA GLU A 157 -34.59 -28.30 1.28
C GLU A 157 -33.31 -28.73 1.96
N ARG A 158 -32.54 -27.77 2.45
CA ARG A 158 -31.29 -28.07 3.13
C ARG A 158 -31.53 -28.47 4.58
N VAL A 159 -32.70 -28.10 5.10
CA VAL A 159 -33.04 -28.33 6.50
C VAL A 159 -33.85 -29.62 6.69
N ARG A 160 -33.46 -30.41 7.68
CA ARG A 160 -34.24 -31.58 8.05
C ARG A 160 -34.08 -31.86 9.54
N GLY A 161 -34.96 -32.68 10.08
CA GLY A 161 -34.88 -33.07 11.47
C GLY A 161 -35.21 -31.94 12.43
N VAL A 162 -36.22 -31.15 12.08
CA VAL A 162 -36.63 -30.05 12.93
C VAL A 162 -37.27 -30.59 14.19
N GLU A 163 -36.80 -30.12 15.34
CA GLU A 163 -37.41 -30.49 16.61
C GLU A 163 -37.41 -29.32 17.60
N TRP A 164 -38.20 -29.45 18.65
CA TRP A 164 -38.42 -28.37 19.60
C TRP A 164 -38.28 -28.85 21.02
N LEU A 165 -37.59 -28.07 21.86
CA LEU A 165 -37.47 -28.42 23.26
C LEU A 165 -38.59 -27.72 24.01
N VAL A 166 -39.53 -28.51 24.52
CA VAL A 166 -40.74 -27.96 25.12
C VAL A 166 -41.00 -28.46 26.53
N SER A 167 -41.61 -27.60 27.33
CA SER A 167 -42.04 -27.95 28.67
C SER A 167 -43.40 -27.30 28.89
N SER A 168 -43.92 -27.41 30.10
CA SER A 168 -45.19 -26.79 30.43
C SER A 168 -45.09 -25.27 30.34
N GLN A 169 -43.86 -24.75 30.38
CA GLN A 169 -43.63 -23.31 30.30
C GLN A 169 -43.71 -22.80 28.87
N GLY A 170 -43.33 -23.63 27.91
CA GLY A 170 -43.36 -23.24 26.51
C GLY A 170 -42.28 -23.91 25.69
N VAL A 171 -42.00 -23.34 24.51
CA VAL A 171 -40.95 -23.85 23.65
C VAL A 171 -39.64 -23.10 23.91
N HIS A 172 -38.69 -23.78 24.52
CA HIS A 172 -37.43 -23.17 24.93
C HIS A 172 -36.37 -23.08 23.84
N ARG A 173 -36.26 -24.12 23.01
CA ARG A 173 -35.23 -24.17 21.98
C ARG A 173 -35.72 -24.82 20.70
N GLY A 174 -35.16 -24.39 19.57
CA GLY A 174 -35.32 -25.12 18.33
C GLY A 174 -34.06 -25.92 18.05
N ARG A 175 -34.18 -26.94 17.20
CA ARG A 175 -33.01 -27.66 16.74
C ARG A 175 -33.30 -28.26 15.38
N PHE A 176 -32.27 -28.35 14.54
CA PHE A 176 -32.43 -28.88 13.20
C PHE A 176 -31.08 -29.22 12.60
N ARG A 177 -31.12 -29.80 11.41
CA ARG A 177 -29.92 -30.31 10.77
C ARG A 177 -29.76 -29.75 9.36
N LEU A 178 -28.54 -29.34 9.04
CA LEU A 178 -28.23 -28.92 7.69
C LEU A 178 -27.43 -30.01 6.98
N GLN A 179 -27.83 -30.30 5.75
CA GLN A 179 -27.20 -31.37 4.99
C GLN A 179 -25.83 -30.97 4.47
N LEU A 180 -24.84 -31.82 4.68
CA LEU A 180 -23.49 -31.58 4.21
C LEU A 180 -23.08 -32.64 3.20
N GLN A 181 -22.06 -32.33 2.41
CA GLN A 181 -21.53 -33.25 1.42
C GLN A 181 -20.08 -33.56 1.76
N ASP A 182 -19.54 -34.64 1.21
CA ASP A 182 -18.15 -35.01 1.46
C ASP A 182 -17.22 -33.91 0.98
N GLY A 183 -16.28 -33.52 1.83
CA GLY A 183 -15.31 -32.50 1.45
C GLY A 183 -15.77 -31.09 1.81
N ASP A 184 -17.00 -30.96 2.28
CA ASP A 184 -17.48 -29.68 2.76
C ASP A 184 -16.74 -29.30 4.04
N ARG A 185 -16.24 -28.06 4.07
CA ARG A 185 -15.63 -27.51 5.26
C ARG A 185 -16.58 -26.50 5.87
N LEU A 186 -16.53 -26.34 7.18
CA LEU A 186 -17.33 -25.33 7.85
C LEU A 186 -16.43 -24.22 8.39
N VAL A 187 -16.47 -23.06 7.76
CA VAL A 187 -15.57 -21.96 8.12
C VAL A 187 -16.38 -20.72 8.45
N GLY A 188 -16.16 -20.15 9.62
CA GLY A 188 -17.09 -19.14 10.07
C GLY A 188 -17.19 -19.02 11.57
N PHE A 189 -18.41 -18.65 12.00
CA PHE A 189 -18.80 -18.61 13.40
C PHE A 189 -18.13 -17.47 14.15
N GLY A 190 -17.78 -16.41 13.42
CA GLY A 190 -17.09 -15.29 14.01
C GLY A 190 -15.61 -15.55 14.12
N GLU A 191 -15.02 -15.07 15.20
CA GLU A 191 -13.59 -15.25 15.45
C GLU A 191 -13.35 -16.54 16.24
N ARG A 192 -12.63 -17.48 15.63
CA ARG A 192 -12.40 -18.78 16.25
C ARG A 192 -10.92 -19.07 16.43
N TYR A 193 -10.54 -19.52 17.61
CA TYR A 193 -9.13 -19.73 17.90
C TYR A 193 -8.58 -21.15 17.75
N ASP A 194 -9.45 -22.16 17.64
CA ASP A 194 -8.94 -23.53 17.57
C ASP A 194 -8.61 -24.03 16.17
N ALA A 195 -9.50 -23.81 15.21
CA ALA A 195 -9.28 -24.33 13.87
C ALA A 195 -10.03 -23.55 12.81
N LEU A 196 -9.51 -23.55 11.59
CA LEU A 196 -10.18 -22.87 10.49
C LEU A 196 -11.46 -23.62 10.12
N ASP A 197 -11.33 -24.93 9.94
CA ASP A 197 -12.46 -25.80 9.64
C ASP A 197 -13.07 -26.32 10.93
N GLN A 198 -14.35 -26.04 11.14
CA GLN A 198 -15.02 -26.44 12.37
C GLN A 198 -15.77 -27.77 12.26
N ARG A 199 -15.77 -28.38 11.08
CA ARG A 199 -16.50 -29.63 10.90
C ARG A 199 -15.97 -30.71 11.82
N GLY A 200 -16.88 -31.39 12.50
CA GLY A 200 -16.52 -32.46 13.41
C GLY A 200 -16.37 -31.99 14.83
N ARG A 201 -16.74 -30.73 15.08
CA ARG A 201 -16.54 -30.14 16.39
C ARG A 201 -17.84 -29.71 17.03
N GLU A 202 -17.81 -29.60 18.36
CA GLU A 202 -18.90 -28.99 19.10
C GLU A 202 -18.48 -27.58 19.52
N LEU A 203 -19.36 -26.61 19.26
CA LEU A 203 -19.08 -25.22 19.57
C LEU A 203 -20.38 -24.47 19.73
N ASP A 204 -20.34 -23.28 20.31
CA ASP A 204 -21.53 -22.45 20.34
C ASP A 204 -21.19 -21.01 19.99
N ALA A 205 -22.21 -20.17 19.87
CA ALA A 205 -21.98 -18.76 19.68
C ALA A 205 -22.54 -17.96 20.85
N VAL A 206 -21.66 -17.51 21.71
CA VAL A 206 -22.07 -16.62 22.80
C VAL A 206 -20.90 -15.75 23.19
N VAL A 207 -21.18 -14.48 23.47
CA VAL A 207 -20.12 -13.56 23.82
C VAL A 207 -19.61 -13.90 25.21
N PHE A 208 -18.31 -14.16 25.32
CA PHE A 208 -17.73 -14.51 26.60
C PHE A 208 -16.30 -14.02 26.72
N GLU A 209 -15.90 -13.60 27.91
CA GLU A 209 -14.50 -13.33 28.12
C GLU A 209 -13.83 -14.56 28.69
N GLN A 210 -13.01 -15.18 27.85
CA GLN A 210 -12.17 -16.28 28.25
C GLN A 210 -10.77 -15.73 28.43
N TYR A 211 -10.28 -15.64 29.63
CA TYR A 211 -9.00 -15.06 29.86
C TYR A 211 -7.85 -15.97 29.46
N LYS A 212 -7.38 -15.75 28.25
CA LYS A 212 -6.38 -16.51 27.56
C LYS A 212 -6.85 -17.88 27.25
N ALA A 213 -6.04 -18.61 26.53
CA ALA A 213 -6.26 -19.98 26.19
C ALA A 213 -7.58 -20.18 25.50
N GLN A 214 -7.91 -19.26 24.64
CA GLN A 214 -9.21 -19.29 23.95
C GLN A 214 -9.36 -20.49 23.04
N GLY A 215 -8.27 -20.90 22.39
CA GLY A 215 -8.32 -22.01 21.46
C GLY A 215 -8.53 -23.33 22.17
N VAL A 216 -7.88 -23.48 23.32
CA VAL A 216 -8.00 -24.69 24.11
C VAL A 216 -9.44 -24.91 24.57
N HIS A 217 -10.09 -23.86 25.06
CA HIS A 217 -11.45 -23.97 25.54
C HIS A 217 -12.48 -23.86 24.42
N GLY A 218 -12.02 -23.53 23.22
CA GLY A 218 -12.91 -23.34 22.09
C GLY A 218 -13.94 -22.24 22.28
N ARG A 219 -13.54 -21.14 22.91
CA ARG A 219 -14.45 -20.04 23.17
C ARG A 219 -14.00 -18.76 22.45
N THR A 220 -14.80 -17.71 22.51
CA THR A 220 -14.44 -16.48 21.82
C THR A 220 -15.12 -15.22 22.35
N TYR A 221 -14.49 -14.07 22.12
CA TYR A 221 -15.10 -12.79 22.44
C TYR A 221 -16.05 -12.35 21.34
N LEU A 222 -15.88 -12.91 20.15
CA LEU A 222 -16.57 -12.42 18.96
C LEU A 222 -17.16 -13.53 18.12
N PRO A 223 -18.21 -14.19 18.64
CA PRO A 223 -18.93 -15.22 17.87
C PRO A 223 -19.91 -14.64 16.88
N MET A 224 -20.21 -15.38 15.81
CA MET A 224 -21.36 -15.08 14.96
C MET A 224 -22.07 -16.37 14.57
N PRO A 225 -23.41 -16.38 14.56
CA PRO A 225 -24.17 -17.54 14.10
C PRO A 225 -24.23 -17.60 12.58
N PHE A 226 -23.06 -17.58 11.96
CA PHE A 226 -22.92 -17.58 10.51
C PHE A 226 -21.73 -18.44 10.14
N ALA A 227 -21.82 -19.17 9.03
CA ALA A 227 -20.65 -19.88 8.53
C ALA A 227 -20.69 -20.17 7.03
N HIS A 228 -19.51 -20.34 6.46
CA HIS A 228 -19.37 -20.83 5.11
C HIS A 228 -19.49 -22.35 5.10
N VAL A 229 -20.28 -22.90 4.18
CA VAL A 229 -20.17 -24.31 3.88
C VAL A 229 -19.41 -24.40 2.56
N VAL A 230 -18.16 -24.80 2.63
CA VAL A 230 -17.24 -24.52 1.54
C VAL A 230 -17.09 -25.72 0.65
N GLY A 231 -17.63 -25.57 -0.55
CA GLY A 231 -17.86 -26.70 -1.41
C GLY A 231 -16.66 -27.43 -1.96
N ALA A 232 -16.61 -28.70 -1.62
CA ALA A 232 -16.07 -29.72 -2.48
C ALA A 232 -17.24 -30.70 -2.54
N ASP A 233 -17.78 -30.96 -3.72
CA ASP A 233 -17.25 -30.46 -4.99
C ASP A 233 -17.90 -29.16 -5.46
N GLY A 234 -19.21 -29.20 -5.67
CA GLY A 234 -19.91 -28.14 -6.40
C GLY A 234 -20.09 -26.81 -5.69
N ASN A 235 -21.07 -26.04 -6.17
CA ASN A 235 -21.31 -24.69 -5.66
C ASN A 235 -21.44 -24.62 -4.15
N GLY A 236 -20.69 -23.72 -3.54
CA GLY A 236 -20.70 -23.54 -2.10
C GLY A 236 -21.85 -22.66 -1.66
N TRP A 237 -22.00 -22.54 -0.35
CA TRP A 237 -23.08 -21.75 0.21
C TRP A 237 -22.75 -21.36 1.64
N GLY A 238 -23.67 -20.65 2.28
CA GLY A 238 -23.50 -20.28 3.66
C GLY A 238 -24.82 -20.00 4.32
N PHE A 239 -24.82 -19.89 5.64
CA PHE A 239 -26.04 -19.66 6.38
C PHE A 239 -25.83 -18.66 7.50
N HIS A 240 -26.91 -17.97 7.85
CA HIS A 240 -26.94 -17.10 9.01
C HIS A 240 -28.21 -17.37 9.80
N VAL A 241 -28.05 -17.83 11.04
CA VAL A 241 -29.19 -17.97 11.93
C VAL A 241 -29.50 -16.59 12.46
N ARG A 242 -30.70 -16.06 12.21
CA ARG A 242 -30.89 -14.69 12.62
C ARG A 242 -31.43 -14.65 14.03
N THR A 243 -30.50 -14.47 14.95
CA THR A 243 -30.83 -14.30 16.36
C THR A 243 -29.61 -13.72 17.04
N SER A 244 -29.83 -13.01 18.15
CA SER A 244 -28.71 -12.67 19.01
C SER A 244 -28.68 -13.58 20.23
N ARG A 245 -29.62 -14.53 20.30
CA ARG A 245 -29.61 -15.48 21.39
C ARG A 245 -28.56 -16.54 21.17
N ARG A 246 -28.37 -17.40 22.16
CA ARG A 246 -27.34 -18.42 22.09
C ARG A 246 -27.67 -19.48 21.05
N THR A 247 -26.65 -19.95 20.34
CA THR A 247 -26.82 -21.04 19.40
C THR A 247 -25.68 -22.04 19.60
N TRP A 248 -25.98 -23.32 19.41
CA TRP A 248 -24.97 -24.38 19.56
C TRP A 248 -24.80 -25.14 18.25
N TYR A 249 -23.62 -25.69 18.05
CA TYR A 249 -23.29 -26.35 16.79
C TYR A 249 -22.52 -27.64 17.01
N SER A 250 -22.90 -28.67 16.27
CA SER A 250 -22.11 -29.89 16.22
C SER A 250 -22.30 -30.57 14.87
N SER A 251 -21.26 -31.23 14.41
CA SER A 251 -21.35 -31.90 13.12
C SER A 251 -20.73 -33.30 13.22
N ALA A 252 -21.43 -34.28 12.66
CA ALA A 252 -20.90 -35.62 12.56
C ALA A 252 -21.50 -36.25 11.33
N GLY A 253 -20.72 -37.04 10.62
CA GLY A 253 -21.15 -37.56 9.35
C GLY A 253 -21.49 -36.42 8.41
N ASN A 254 -22.63 -36.54 7.74
CA ASN A 254 -23.06 -35.59 6.73
C ASN A 254 -24.04 -34.51 7.21
N GLU A 255 -24.26 -34.43 8.52
CA GLU A 255 -25.16 -33.41 9.04
C GLU A 255 -24.51 -32.44 10.03
N LEU A 256 -24.82 -31.16 9.89
CA LEU A 256 -24.49 -30.16 10.90
C LEU A 256 -25.71 -29.86 11.74
N THR A 257 -25.60 -30.07 13.04
CA THR A 257 -26.74 -29.86 13.92
C THR A 257 -26.72 -28.46 14.50
N VAL A 258 -27.82 -27.74 14.34
CA VAL A 258 -27.92 -26.37 14.82
C VAL A 258 -28.99 -26.24 15.90
N GLU A 259 -28.59 -25.81 17.09
CA GLU A 259 -29.52 -25.63 18.19
C GLU A 259 -29.67 -24.16 18.54
N VAL A 260 -30.91 -23.69 18.64
CA VAL A 260 -31.18 -22.26 18.80
C VAL A 260 -32.03 -21.96 20.03
N ALA A 261 -31.56 -21.08 20.90
CA ALA A 261 -32.35 -20.64 22.04
C ALA A 261 -33.44 -19.70 21.54
N LEU A 262 -34.59 -19.73 22.21
CA LEU A 262 -35.76 -19.01 21.73
C LEU A 262 -36.32 -18.05 22.76
N GLY A 263 -37.07 -17.07 22.27
CA GLY A 263 -37.88 -16.21 23.12
C GLY A 263 -39.32 -16.67 23.06
N ASP A 264 -40.25 -15.72 23.23
CA ASP A 264 -41.68 -16.03 23.24
C ASP A 264 -42.19 -16.64 21.93
N GLU A 265 -41.54 -16.29 20.83
CA GLU A 265 -42.00 -16.77 19.53
C GLU A 265 -41.18 -17.98 19.13
N PRO A 266 -41.86 -19.10 18.85
CA PRO A 266 -41.18 -20.34 18.46
C PRO A 266 -40.86 -20.33 16.98
N VAL A 267 -40.03 -19.38 16.56
CA VAL A 267 -39.67 -19.25 15.16
C VAL A 267 -38.18 -19.07 14.99
N VAL A 268 -37.57 -19.88 14.13
CA VAL A 268 -36.19 -19.69 13.76
C VAL A 268 -36.11 -19.23 12.32
N ASP A 269 -35.67 -17.99 12.11
CA ASP A 269 -35.47 -17.47 10.77
C ASP A 269 -34.04 -17.75 10.33
N LEU A 270 -33.91 -18.48 9.22
CA LEU A 270 -32.62 -18.90 8.73
C LEU A 270 -32.38 -18.33 7.33
N ALA A 271 -31.23 -17.70 7.13
CA ALA A 271 -30.88 -17.17 5.82
C ALA A 271 -29.87 -18.06 5.13
N ILE A 272 -30.10 -18.34 3.86
CA ILE A 272 -29.17 -19.12 3.06
C ILE A 272 -28.57 -18.25 1.97
N TYR A 273 -27.25 -18.32 1.81
CA TYR A 273 -26.58 -17.55 0.77
C TYR A 273 -25.90 -18.50 -0.21
N GLU A 274 -26.14 -18.29 -1.50
CA GLU A 274 -25.58 -19.14 -2.54
C GLU A 274 -24.50 -18.43 -3.35
N GLY A 275 -23.41 -19.12 -3.67
CA GLY A 275 -22.40 -18.58 -4.55
C GLY A 275 -21.01 -19.03 -4.19
N ASP A 276 -20.00 -18.33 -4.73
CA ASP A 276 -18.64 -18.56 -4.30
C ASP A 276 -18.47 -17.88 -2.94
N PRO A 277 -17.38 -18.20 -2.20
CA PRO A 277 -17.26 -17.69 -0.82
C PRO A 277 -17.43 -16.19 -0.68
N ALA A 278 -16.90 -15.42 -1.62
CA ALA A 278 -17.04 -13.97 -1.57
C ALA A 278 -18.50 -13.56 -1.72
N THR A 279 -19.22 -14.24 -2.60
CA THR A 279 -20.62 -13.91 -2.86
C THR A 279 -21.48 -14.27 -1.66
N VAL A 280 -21.10 -15.35 -0.98
CA VAL A 280 -21.76 -15.75 0.25
C VAL A 280 -21.57 -14.68 1.32
N LEU A 281 -20.36 -14.15 1.41
CA LEU A 281 -20.06 -13.12 2.39
C LEU A 281 -20.86 -11.86 2.07
N THR A 282 -20.99 -11.55 0.79
CA THR A 282 -21.72 -10.37 0.35
C THR A 282 -23.16 -10.41 0.83
N GLY A 283 -23.79 -11.57 0.69
CA GLY A 283 -25.16 -11.75 1.13
C GLY A 283 -25.32 -11.53 2.62
N PHE A 284 -24.36 -12.02 3.39
CA PHE A 284 -24.32 -11.84 4.83
C PHE A 284 -24.10 -10.37 5.19
N LEU A 285 -23.06 -9.75 4.62
CA LEU A 285 -22.72 -8.38 4.97
C LEU A 285 -23.76 -7.38 4.46
N ASP A 286 -24.40 -7.68 3.34
CA ASP A 286 -25.51 -6.86 2.88
C ASP A 286 -26.64 -6.87 3.89
N GLU A 287 -26.79 -7.99 4.58
CA GLU A 287 -27.82 -8.12 5.60
C GLU A 287 -27.43 -7.50 6.93
N VAL A 288 -26.25 -7.84 7.44
CA VAL A 288 -25.89 -7.46 8.80
C VAL A 288 -24.93 -6.28 8.96
N GLY A 289 -24.45 -5.73 7.86
CA GLY A 289 -23.48 -4.65 7.94
C GLY A 289 -22.08 -4.99 7.46
N ARG A 290 -21.31 -3.94 7.19
CA ARG A 290 -20.05 -4.05 6.46
C ARG A 290 -19.09 -2.95 6.91
N ALA A 291 -17.79 -3.20 6.84
CA ALA A 291 -16.79 -2.21 7.16
C ALA A 291 -16.85 -0.99 6.25
N GLU A 292 -16.48 0.16 6.79
CA GLU A 292 -16.27 1.37 5.99
C GLU A 292 -14.78 1.65 5.98
N GLU A 293 -14.29 2.35 4.97
CA GLU A 293 -12.86 2.60 4.87
C GLU A 293 -12.35 3.47 6.01
N LEU A 294 -11.37 2.93 6.72
CA LEU A 294 -10.68 3.64 7.78
C LEU A 294 -9.44 4.35 7.20
N PRO A 295 -8.93 5.37 7.90
CA PRO A 295 -7.76 6.09 7.39
C PRO A 295 -6.56 5.18 7.28
N GLY A 296 -5.72 5.46 6.30
CA GLY A 296 -4.57 4.61 6.02
C GLY A 296 -3.59 4.45 7.16
N TRP A 297 -3.62 5.35 8.15
CA TRP A 297 -2.63 5.30 9.22
C TRP A 297 -2.84 4.12 10.18
N VAL A 298 -4.02 3.51 10.16
CA VAL A 298 -4.25 2.36 11.04
C VAL A 298 -3.39 1.17 10.60
N PHE A 299 -2.85 1.25 9.39
CA PHE A 299 -2.01 0.19 8.85
C PHE A 299 -0.54 0.33 9.25
N ARG A 300 -0.23 1.33 10.05
CA ARG A 300 1.12 1.47 10.56
C ARG A 300 1.24 0.72 11.88
N LEU A 301 2.42 0.67 12.46
CA LEU A 301 2.64 -0.06 13.69
C LEU A 301 1.92 0.60 14.87
N TRP A 302 1.22 -0.20 15.67
CA TRP A 302 0.62 0.27 16.91
C TRP A 302 1.49 -0.13 18.09
N ALA A 303 1.85 0.85 18.93
CA ALA A 303 2.66 0.58 20.10
C ALA A 303 1.81 0.69 21.35
N SER A 304 2.01 -0.23 22.27
CA SER A 304 1.18 -0.27 23.47
C SER A 304 1.91 -0.93 24.62
N GLY A 305 1.63 -0.47 25.84
CA GLY A 305 1.89 -1.26 27.02
C GLY A 305 1.11 -0.68 28.18
N ASN A 306 0.66 -1.54 29.08
CA ASN A 306 -0.31 -1.13 30.09
C ASN A 306 0.33 -0.30 31.18
N GLU A 307 1.62 -0.51 31.39
CA GLU A 307 2.30 0.14 32.49
C GLU A 307 2.84 1.51 32.12
N TRP A 308 2.51 2.01 30.92
CA TRP A 308 2.85 3.38 30.66
C TRP A 308 1.68 4.18 31.21
N ASN A 309 1.81 4.54 32.49
CA ASN A 309 0.74 5.20 33.22
C ASN A 309 1.01 6.65 33.55
N THR A 310 2.12 7.18 33.05
CA THR A 310 2.41 8.61 33.19
C THR A 310 2.83 9.21 31.87
N GLN A 311 2.70 10.54 31.79
CA GLN A 311 3.17 11.30 30.65
C GLN A 311 4.66 11.08 30.41
N GLN A 312 5.43 11.05 31.48
CA GLN A 312 6.86 10.81 31.38
C GLN A 312 7.16 9.48 30.71
N LEU A 313 6.42 8.45 31.10
CA LEU A 313 6.65 7.11 30.56
C LEU A 313 6.28 7.03 29.08
N VAL A 314 5.10 7.51 28.73
CA VAL A 314 4.63 7.50 27.35
C VAL A 314 5.60 8.21 26.43
N THR A 315 6.03 9.40 26.84
CA THR A 315 6.94 10.18 26.03
C THR A 315 8.30 9.52 25.93
N ALA A 316 8.76 8.91 27.02
CA ALA A 316 10.04 8.20 27.00
C ALA A 316 9.99 7.02 26.04
N ARG A 317 8.89 6.28 26.07
CA ARG A 317 8.73 5.10 25.23
C ARG A 317 8.67 5.48 23.76
N MET A 318 7.97 6.56 23.45
CA MET A 318 7.89 7.02 22.07
C MET A 318 9.22 7.63 21.64
N ASP A 319 9.92 8.23 22.59
CA ASP A 319 11.24 8.78 22.29
C ASP A 319 12.21 7.67 21.91
N THR A 320 12.15 6.57 22.63
CA THR A 320 13.00 5.42 22.30
C THR A 320 12.66 4.90 20.92
N HIS A 321 11.38 4.91 20.57
CA HIS A 321 10.97 4.55 19.22
C HIS A 321 11.65 5.44 18.20
N ARG A 322 11.56 6.74 18.41
CA ARG A 322 12.18 7.71 17.53
C ARG A 322 13.68 7.47 17.44
N ASP A 323 14.32 7.33 18.59
CA ASP A 323 15.78 7.27 18.64
C ASP A 323 16.33 5.97 18.08
N LEU A 324 15.56 4.90 18.16
CA LEU A 324 15.96 3.62 17.60
C LEU A 324 15.52 3.49 16.15
N ALA A 325 14.88 4.55 15.66
CA ALA A 325 14.42 4.61 14.27
C ALA A 325 13.44 3.50 13.93
N ILE A 326 12.56 3.20 14.87
CA ILE A 326 11.49 2.23 14.64
C ILE A 326 10.18 2.95 14.48
N PRO A 327 9.65 2.97 13.25
CA PRO A 327 8.45 3.75 12.95
C PRO A 327 7.22 3.24 13.69
N VAL A 328 6.47 4.17 14.28
CA VAL A 328 5.22 3.83 14.93
C VAL A 328 4.16 4.83 14.48
N GLY A 329 2.98 4.34 14.11
CA GLY A 329 1.92 5.20 13.65
C GLY A 329 0.89 5.55 14.69
N ALA A 330 0.82 4.77 15.76
CA ALA A 330 -0.17 4.99 16.81
C ALA A 330 0.31 4.46 18.15
N VAL A 331 -0.06 5.15 19.22
CA VAL A 331 0.25 4.69 20.54
C VAL A 331 -1.05 4.59 21.34
N VAL A 332 -1.22 3.46 22.02
CA VAL A 332 -2.36 3.25 22.90
C VAL A 332 -1.95 3.53 24.32
N ILE A 333 -2.69 4.39 25.00
CA ILE A 333 -2.48 4.60 26.42
C ILE A 333 -3.63 3.99 27.20
N GLU A 334 -3.34 2.93 27.95
CA GLU A 334 -4.37 2.24 28.70
C GLU A 334 -4.59 2.86 30.08
N ALA A 335 -3.56 2.90 30.92
CA ALA A 335 -3.82 3.59 32.17
C ALA A 335 -3.47 5.04 32.00
N TRP A 336 -4.44 5.80 31.55
CA TRP A 336 -4.32 7.23 31.42
C TRP A 336 -5.18 7.97 32.42
N SER A 337 -6.07 7.23 33.07
CA SER A 337 -7.20 7.87 33.73
C SER A 337 -7.15 7.77 35.25
N ASP A 338 -8.15 8.37 35.88
CA ASP A 338 -8.28 8.37 37.33
C ASP A 338 -8.54 6.98 37.89
N GLU A 339 -8.76 6.03 36.99
CA GLU A 339 -9.09 4.66 37.35
C GLU A 339 -10.36 4.59 38.18
N GLN A 340 -11.23 5.57 38.01
CA GLN A 340 -12.53 5.50 38.64
C GLN A 340 -13.64 5.55 37.58
N GLY A 341 -13.93 6.65 37.06
CA GLY A 341 -14.87 6.78 36.06
C GLY A 341 -14.34 6.41 34.67
N ILE A 342 -12.93 6.44 34.49
CA ILE A 342 -12.22 6.13 33.33
C ILE A 342 -12.58 7.08 32.18
N THR A 343 -12.81 8.35 32.43
CA THR A 343 -13.12 9.26 31.40
C THR A 343 -12.45 10.56 31.73
N ILE A 344 -11.63 10.51 32.75
CA ILE A 344 -10.85 11.71 33.13
C ILE A 344 -9.36 11.40 33.34
N TRP A 345 -8.45 12.30 32.94
CA TRP A 345 -7.00 12.09 33.15
C TRP A 345 -6.66 11.92 34.63
N ARG A 346 -5.68 11.08 34.93
CA ARG A 346 -5.28 10.88 36.31
C ARG A 346 -4.64 12.14 36.88
N ASP A 347 -4.96 12.41 38.14
CA ASP A 347 -4.53 13.60 38.89
C ASP A 347 -5.06 14.90 38.31
N ALA A 348 -6.13 14.83 37.53
CA ALA A 348 -6.75 16.04 37.03
C ALA A 348 -7.56 16.66 38.16
N VAL A 349 -7.60 17.99 38.19
CA VAL A 349 -8.29 18.71 39.25
C VAL A 349 -9.50 19.46 38.70
N TYR A 350 -10.65 19.27 39.33
CA TYR A 350 -11.91 19.81 38.83
C TYR A 350 -12.93 19.87 39.94
N ALA A 351 -13.98 20.67 39.75
CA ALA A 351 -15.11 20.62 40.65
C ALA A 351 -16.07 19.53 40.18
N VAL A 352 -16.41 18.62 41.08
CA VAL A 352 -17.34 17.54 40.75
C VAL A 352 -18.71 18.11 40.39
N THR A 353 -19.32 17.57 39.35
CA THR A 353 -20.69 17.93 39.01
C THR A 353 -21.66 16.95 39.69
N GLU A 354 -22.40 17.46 40.67
CA GLU A 354 -23.28 16.63 41.49
C GLU A 354 -24.38 15.95 40.67
N ASP A 355 -24.76 16.57 39.56
CA ASP A 355 -25.87 16.07 38.77
C ASP A 355 -25.46 14.94 37.84
N GLY A 356 -24.17 14.65 37.77
CA GLY A 356 -23.67 13.62 36.89
C GLY A 356 -23.56 14.06 35.45
N SER A 357 -23.56 15.37 35.23
CA SER A 357 -23.40 15.92 33.89
C SER A 357 -21.95 15.80 33.45
N ALA A 358 -21.74 15.86 32.14
CA ALA A 358 -20.42 15.72 31.58
C ALA A 358 -19.56 16.96 31.79
N HIS A 359 -18.24 16.78 31.70
CA HIS A 359 -17.31 17.87 31.91
C HIS A 359 -16.85 18.53 30.62
N ARG A 360 -16.58 19.82 30.71
CA ARG A 360 -15.98 20.57 29.64
C ARG A 360 -14.48 20.60 29.86
N ALA A 361 -13.70 20.65 28.79
CA ALA A 361 -12.25 20.69 28.89
C ALA A 361 -11.74 21.72 29.91
N GLU A 362 -12.39 22.87 29.97
CA GLU A 362 -11.92 23.94 30.84
C GLU A 362 -12.23 23.69 32.31
N ASP A 363 -13.04 22.66 32.60
CA ASP A 363 -13.30 22.28 33.98
C ASP A 363 -12.04 21.76 34.66
N PHE A 364 -11.07 21.34 33.87
CA PHE A 364 -9.94 20.60 34.39
C PHE A 364 -8.68 21.42 34.54
N SER A 365 -7.92 21.13 35.59
CA SER A 365 -6.57 21.65 35.74
C SER A 365 -5.60 20.49 35.90
N TYR A 366 -4.40 20.67 35.40
CA TYR A 366 -3.40 19.61 35.49
C TYR A 366 -2.17 20.16 36.20
N ARG A 367 -1.80 19.54 37.30
CA ARG A 367 -0.74 20.04 38.17
C ARG A 367 0.61 19.53 37.72
N PRO A 368 1.65 20.37 37.85
CA PRO A 368 3.01 20.06 37.41
C PRO A 368 3.52 18.74 37.95
N ASP A 369 3.12 18.39 39.16
CA ASP A 369 3.63 17.21 39.83
C ASP A 369 2.72 16.00 39.64
N GLY A 370 1.64 16.16 38.88
CA GLY A 370 0.73 15.07 38.62
C GLY A 370 1.25 14.10 37.57
N ALA A 371 0.49 13.02 37.33
CA ALA A 371 0.89 12.00 36.36
C ALA A 371 0.82 12.51 34.92
N TRP A 372 -0.10 13.43 34.65
CA TRP A 372 -0.21 14.04 33.33
C TRP A 372 -0.27 15.56 33.45
N PRO A 373 0.90 16.20 33.60
CA PRO A 373 0.97 17.65 33.83
C PRO A 373 0.48 18.49 32.65
N ASP A 374 0.74 18.04 31.43
CA ASP A 374 0.25 18.74 30.26
C ASP A 374 -0.09 17.76 29.14
N PRO A 375 -1.23 17.06 29.28
CA PRO A 375 -1.58 16.03 28.30
C PRO A 375 -1.75 16.57 26.88
N LYS A 376 -2.23 17.79 26.72
CA LYS A 376 -2.37 18.38 25.40
C LYS A 376 -1.02 18.56 24.71
N ALA A 377 -0.02 18.98 25.49
CA ALA A 377 1.30 19.18 24.92
C ALA A 377 1.86 17.86 24.44
N MET A 378 1.62 16.81 25.23
CA MET A 378 2.08 15.47 24.87
C MET A 378 1.48 15.00 23.56
N ILE A 379 0.16 15.10 23.45
CA ILE A 379 -0.54 14.68 22.24
C ILE A 379 -0.14 15.51 21.03
N ASP A 380 0.00 16.82 21.22
CA ASP A 380 0.39 17.71 20.14
C ASP A 380 1.76 17.34 19.59
N GLU A 381 2.67 16.98 20.48
CA GLU A 381 4.00 16.58 20.06
C GLU A 381 3.94 15.26 19.31
N LEU A 382 3.15 14.33 19.82
CA LEU A 382 2.97 13.04 19.18
C LEU A 382 2.38 13.20 17.79
N HIS A 383 1.33 14.02 17.70
CA HIS A 383 0.73 14.35 16.42
C HIS A 383 1.74 14.97 15.46
N ALA A 384 2.62 15.81 15.99
CA ALA A 384 3.62 16.47 15.16
C ALA A 384 4.57 15.45 14.57
N ARG A 385 4.80 14.37 15.31
CA ARG A 385 5.65 13.28 14.85
C ARG A 385 4.88 12.31 13.96
N GLY A 386 3.59 12.55 13.77
CA GLY A 386 2.76 11.71 12.93
C GLY A 386 2.16 10.51 13.63
N ILE A 387 2.20 10.51 14.96
CA ILE A 387 1.70 9.41 15.77
C ILE A 387 0.31 9.68 16.32
N LYS A 388 -0.63 8.79 16.02
CA LYS A 388 -1.98 8.92 16.55
C LYS A 388 -2.06 8.46 18.00
N VAL A 389 -3.08 8.93 18.73
CA VAL A 389 -3.22 8.61 20.13
C VAL A 389 -4.56 7.93 20.44
N ILE A 390 -4.48 6.77 21.08
CA ILE A 390 -5.66 5.98 21.41
C ILE A 390 -5.82 5.80 22.91
N LEU A 391 -7.02 6.06 23.42
CA LEU A 391 -7.29 5.88 24.86
C LEU A 391 -8.18 4.67 25.17
N TRP A 392 -7.81 3.96 26.21
CA TRP A 392 -8.52 2.77 26.66
C TRP A 392 -9.88 3.10 27.26
N GLN A 393 -10.85 2.22 27.02
CA GLN A 393 -12.20 2.42 27.53
C GLN A 393 -12.78 1.12 28.05
N ILE A 394 -13.70 1.24 29.00
CA ILE A 394 -14.45 0.10 29.51
C ILE A 394 -15.90 0.53 29.63
N PRO A 395 -16.84 -0.34 29.27
CA PRO A 395 -18.25 0.07 29.37
C PRO A 395 -18.84 -0.21 30.75
N LEU A 396 -18.20 0.30 31.80
CA LEU A 396 -18.58 0.01 33.17
C LEU A 396 -18.43 1.21 34.07
N GLN A 397 -19.37 1.39 35.00
CA GLN A 397 -19.28 2.45 35.99
C GLN A 397 -19.09 1.85 37.37
N LYS A 398 -17.93 2.11 37.97
CA LYS A 398 -17.61 1.54 39.28
C LYS A 398 -18.57 2.00 40.37
N THR A 399 -19.07 1.06 41.15
CA THR A 399 -19.97 1.37 42.25
C THR A 399 -19.33 1.39 43.63
N GLU A 400 -18.03 1.08 43.70
CA GLU A 400 -17.38 0.84 44.99
C GLU A 400 -16.95 2.12 45.70
N PHE A 401 -17.18 3.26 45.08
CA PHE A 401 -16.86 4.55 45.70
C PHE A 401 -18.14 5.26 46.12
N SER A 402 -18.13 5.87 47.29
CA SER A 402 -19.30 6.60 47.76
C SER A 402 -19.18 8.10 47.47
N THR A 403 -18.03 8.52 46.97
CA THR A 403 -17.80 9.93 46.70
C THR A 403 -17.15 10.15 45.35
N GLY A 404 -17.13 11.40 44.92
CA GLY A 404 -16.44 11.78 43.70
C GLY A 404 -17.35 11.81 42.49
N GLN A 405 -16.77 12.10 41.33
CA GLN A 405 -17.52 12.12 40.09
C GLN A 405 -18.04 10.74 39.73
N VAL A 406 -17.27 9.71 40.07
CA VAL A 406 -17.68 8.36 39.74
C VAL A 406 -18.93 7.97 40.52
N ALA A 407 -19.07 8.47 41.73
CA ALA A 407 -20.24 8.17 42.54
C ALA A 407 -21.44 8.97 42.04
N ALA A 408 -21.20 10.23 41.72
CA ALA A 408 -22.23 11.11 41.20
C ALA A 408 -22.84 10.58 39.91
N ASP A 409 -21.99 10.09 39.02
CA ASP A 409 -22.44 9.60 37.72
C ASP A 409 -23.22 8.30 37.87
N ALA A 410 -22.73 7.43 38.75
CA ALA A 410 -23.41 6.19 39.04
C ALA A 410 -24.82 6.47 39.55
N ALA A 411 -24.94 7.42 40.45
CA ALA A 411 -26.24 7.79 41.00
C ALA A 411 -27.13 8.33 39.90
N ALA A 412 -26.54 9.08 38.98
CA ALA A 412 -27.27 9.67 37.88
C ALA A 412 -27.74 8.61 36.89
N MET A 413 -26.95 7.57 36.69
CA MET A 413 -27.32 6.48 35.78
C MET A 413 -28.61 5.82 36.24
N VAL A 414 -28.72 5.58 37.54
CA VAL A 414 -29.90 4.96 38.12
C VAL A 414 -31.08 5.93 38.11
N ARG A 415 -30.83 7.18 38.46
CA ARG A 415 -31.90 8.18 38.54
C ARG A 415 -32.52 8.47 37.18
N ASP A 416 -31.69 8.64 36.16
CA ASP A 416 -32.16 9.01 34.83
C ASP A 416 -32.32 7.84 33.88
N GLY A 417 -32.10 6.62 34.39
CA GLY A 417 -32.33 5.43 33.59
C GLY A 417 -31.32 5.16 32.50
N HIS A 418 -30.04 5.39 32.79
CA HIS A 418 -28.97 5.10 31.83
C HIS A 418 -28.33 3.74 32.07
N ALA A 419 -28.80 3.02 33.07
CA ALA A 419 -28.21 1.73 33.41
C ALA A 419 -29.04 0.54 32.90
N VAL A 420 -28.34 -0.50 32.46
CA VAL A 420 -28.97 -1.79 32.17
C VAL A 420 -29.65 -2.33 33.43
N LEU A 421 -30.86 -2.85 33.28
CA LEU A 421 -31.66 -3.20 34.45
C LEU A 421 -31.82 -4.71 34.68
N GLU A 422 -31.96 -5.09 35.94
CA GLU A 422 -32.38 -6.45 36.28
C GLU A 422 -33.88 -6.56 35.99
N ALA A 423 -34.42 -7.76 36.17
CA ALA A 423 -35.84 -7.99 35.92
C ALA A 423 -36.71 -7.21 36.90
N ASP A 424 -36.22 -7.02 38.11
CA ASP A 424 -36.98 -6.35 39.15
C ASP A 424 -36.89 -4.84 39.08
N GLY A 425 -36.15 -4.33 38.09
CA GLY A 425 -36.09 -2.90 37.86
C GLY A 425 -34.90 -2.21 38.47
N THR A 426 -34.19 -2.93 39.34
CA THR A 426 -32.93 -2.43 39.91
C THR A 426 -31.83 -2.47 38.87
N ALA A 427 -30.78 -1.69 39.09
CA ALA A 427 -29.65 -1.66 38.17
C ALA A 427 -28.85 -2.94 38.23
N TYR A 428 -28.53 -3.49 37.06
CA TYR A 428 -27.64 -4.63 36.97
C TYR A 428 -26.25 -4.27 37.49
N ARG A 429 -25.70 -5.13 38.33
CA ARG A 429 -24.35 -4.94 38.83
C ARG A 429 -23.49 -6.08 38.31
N ASN A 430 -22.29 -5.74 37.85
CA ASN A 430 -21.46 -6.71 37.15
C ASN A 430 -21.22 -7.96 37.98
N ARG A 431 -21.59 -9.11 37.44
CA ARG A 431 -21.49 -10.38 38.15
C ARG A 431 -20.11 -10.98 37.95
N GLY A 432 -19.37 -10.42 37.00
CA GLY A 432 -18.01 -10.86 36.72
C GLY A 432 -17.06 -10.50 37.84
N TRP A 433 -15.85 -11.05 37.78
CA TRP A 433 -14.83 -10.78 38.79
C TRP A 433 -13.94 -9.62 38.38
N TRP A 434 -14.08 -9.18 37.14
CA TRP A 434 -13.32 -8.04 36.64
C TRP A 434 -14.22 -6.82 36.65
N PHE A 435 -13.83 -5.80 37.42
CA PHE A 435 -14.71 -4.67 37.73
C PHE A 435 -16.01 -5.18 38.35
N PRO A 436 -15.92 -5.76 39.55
CA PRO A 436 -17.12 -6.33 40.17
C PRO A 436 -18.15 -5.29 40.60
N GLN A 437 -19.44 -5.59 40.39
CA GLN A 437 -20.56 -4.78 40.85
C GLN A 437 -20.75 -3.47 40.08
N ALA A 438 -19.88 -3.21 39.10
CA ALA A 438 -20.01 -2.03 38.26
C ALA A 438 -21.31 -2.02 37.46
N LEU A 439 -21.85 -0.84 37.21
CA LEU A 439 -23.03 -0.69 36.35
C LEU A 439 -22.64 -0.72 34.87
N MET A 440 -23.58 -1.12 34.03
CA MET A 440 -23.39 -1.07 32.58
C MET A 440 -24.27 0.01 31.99
N PRO A 441 -23.67 0.98 31.29
CA PRO A 441 -24.52 1.97 30.61
C PRO A 441 -25.33 1.29 29.52
N ASP A 442 -26.58 1.68 29.35
CA ASP A 442 -27.40 0.97 28.40
C ASP A 442 -27.22 1.62 27.04
N LEU A 443 -26.39 0.99 26.22
CA LEU A 443 -25.96 1.60 24.98
C LEU A 443 -26.87 1.13 23.86
N SER A 444 -27.92 0.40 24.23
CA SER A 444 -28.90 -0.07 23.27
C SER A 444 -29.77 1.07 22.72
N VAL A 445 -29.72 2.23 23.35
CA VAL A 445 -30.51 3.38 22.90
C VAL A 445 -29.69 4.66 22.75
N GLN A 446 -30.15 5.57 21.89
CA GLN A 446 -29.38 6.74 21.52
C GLN A 446 -29.11 7.71 22.67
N ARG A 447 -30.10 7.94 23.52
CA ARG A 447 -29.96 8.93 24.58
C ARG A 447 -28.86 8.56 25.57
N THR A 448 -28.72 7.27 25.87
CA THR A 448 -27.68 6.85 26.81
C THR A 448 -26.33 6.74 26.12
N ARG A 449 -26.31 6.36 24.85
CA ARG A 449 -25.08 6.42 24.07
C ARG A 449 -24.55 7.86 24.06
N ASP A 450 -25.46 8.81 23.88
CA ASP A 450 -25.10 10.22 23.92
C ASP A 450 -24.57 10.63 25.27
N TRP A 451 -25.31 10.27 26.31
CA TRP A 451 -24.99 10.66 27.68
C TRP A 451 -23.64 10.11 28.10
N TRP A 452 -23.41 8.84 27.76
CA TRP A 452 -22.19 8.16 28.17
C TRP A 452 -20.98 8.67 27.41
N THR A 453 -21.10 8.83 26.11
CA THR A 453 -19.97 9.29 25.31
C THR A 453 -19.74 10.78 25.48
N GLU A 454 -20.74 11.50 25.98
CA GLU A 454 -20.59 12.93 26.18
C GLU A 454 -19.50 13.24 27.20
N LYS A 455 -19.28 12.31 28.11
CA LYS A 455 -18.28 12.47 29.13
C LYS A 455 -16.88 12.39 28.51
N ARG A 456 -16.79 11.74 27.37
CA ARG A 456 -15.53 11.57 26.68
C ARG A 456 -15.30 12.61 25.56
N ARG A 457 -16.28 13.47 25.33
CA ARG A 457 -16.24 14.34 24.15
C ARG A 457 -15.06 15.34 24.16
N TYR A 458 -14.75 15.91 25.32
CA TYR A 458 -13.66 16.86 25.42
C TYR A 458 -12.33 16.21 25.04
N LEU A 459 -12.24 14.90 25.21
CA LEU A 459 -11.03 14.17 24.86
C LEU A 459 -10.79 14.19 23.36
N VAL A 460 -11.87 14.08 22.59
CA VAL A 460 -11.76 14.11 21.14
C VAL A 460 -11.69 15.53 20.60
N GLU A 461 -12.52 16.41 21.13
CA GLU A 461 -12.64 17.75 20.57
C GLU A 461 -11.55 18.72 21.03
N HIS A 462 -11.19 18.66 22.31
CA HIS A 462 -10.11 19.49 22.82
C HIS A 462 -8.76 18.81 22.64
N PHE A 463 -8.60 17.64 23.24
CA PHE A 463 -7.32 16.94 23.20
C PHE A 463 -7.04 16.26 21.87
N ASP A 464 -8.05 16.16 21.01
CA ASP A 464 -7.89 15.61 19.68
C ASP A 464 -7.39 14.16 19.65
N VAL A 465 -7.86 13.32 20.57
CA VAL A 465 -7.44 11.91 20.53
C VAL A 465 -8.07 11.27 19.30
N ASP A 466 -7.37 10.31 18.71
CA ASP A 466 -7.76 9.81 17.41
C ASP A 466 -8.56 8.51 17.46
N GLY A 467 -8.74 7.94 18.63
CA GLY A 467 -9.48 6.70 18.73
C GLY A 467 -9.64 6.21 20.15
N PHE A 468 -10.49 5.22 20.32
CA PHE A 468 -10.65 4.59 21.61
C PHE A 468 -10.44 3.10 21.52
N LYS A 469 -9.72 2.55 22.48
CA LYS A 469 -9.61 1.12 22.55
C LYS A 469 -10.75 0.70 23.44
N THR A 470 -11.77 0.11 22.83
CA THR A 470 -12.96 -0.17 23.58
C THR A 470 -12.92 -1.63 23.99
N ALA A 471 -12.40 -1.83 25.19
CA ALA A 471 -12.20 -3.14 25.80
C ALA A 471 -13.47 -3.58 26.51
N GLY A 472 -13.61 -4.89 26.69
CA GLY A 472 -14.73 -5.42 27.46
C GLY A 472 -16.00 -5.45 26.66
N GLY A 473 -17.13 -5.38 27.35
CA GLY A 473 -18.43 -5.52 26.71
C GLY A 473 -19.10 -6.88 26.90
N GLU A 474 -18.42 -7.82 27.56
CA GLU A 474 -18.95 -9.16 27.77
C GLU A 474 -19.63 -9.30 29.10
N HIS A 475 -19.76 -8.19 29.83
CA HIS A 475 -20.05 -8.24 31.25
C HIS A 475 -21.49 -8.60 31.60
N ALA A 476 -22.37 -8.68 30.61
CA ALA A 476 -23.79 -8.83 30.92
C ALA A 476 -24.19 -10.29 31.03
N TRP A 477 -24.50 -10.71 32.25
CA TRP A 477 -25.01 -12.05 32.50
C TRP A 477 -26.38 -11.99 33.13
N GLY A 478 -27.40 -12.35 32.36
CA GLY A 478 -28.67 -12.81 32.89
C GLY A 478 -29.64 -12.93 31.74
N HIS A 479 -30.58 -13.87 31.85
CA HIS A 479 -31.51 -14.13 30.75
C HIS A 479 -32.63 -13.12 30.79
N ASP A 480 -32.94 -12.65 31.99
CA ASP A 480 -34.06 -11.74 32.21
C ASP A 480 -33.67 -10.26 32.33
N LEU A 481 -32.41 -9.91 32.08
CA LEU A 481 -32.00 -8.51 32.09
C LEU A 481 -32.83 -7.69 31.12
N VAL A 482 -33.06 -6.42 31.44
CA VAL A 482 -33.88 -5.56 30.61
C VAL A 482 -33.09 -4.40 30.00
N TYR A 483 -33.16 -4.28 28.68
CA TYR A 483 -32.56 -3.15 27.97
C TYR A 483 -33.63 -2.19 27.51
N ALA A 484 -33.28 -0.91 27.46
CA ALA A 484 -34.22 0.15 27.13
C ALA A 484 -34.72 0.08 25.70
N ASP A 485 -34.10 -0.77 24.89
CA ASP A 485 -34.55 -0.92 23.52
C ASP A 485 -35.65 -1.96 23.44
N GLY A 486 -36.01 -2.52 24.59
CA GLY A 486 -37.09 -3.50 24.68
C GLY A 486 -36.61 -4.93 24.70
N ARG A 487 -35.33 -5.14 24.41
CA ARG A 487 -34.79 -6.50 24.39
C ARG A 487 -34.49 -6.99 25.79
N LYS A 488 -34.58 -8.31 25.98
CA LYS A 488 -34.21 -8.89 27.24
C LYS A 488 -32.81 -9.46 27.14
N GLY A 489 -32.28 -9.91 28.27
CA GLY A 489 -30.89 -10.32 28.37
C GLY A 489 -30.48 -11.45 27.45
N ASP A 490 -31.36 -12.44 27.30
CA ASP A 490 -31.06 -13.61 26.48
C ASP A 490 -30.88 -13.21 25.03
N GLU A 491 -31.46 -12.07 24.68
CA GLU A 491 -31.35 -11.52 23.34
C GLU A 491 -30.28 -10.44 23.29
N GLY A 492 -30.43 -9.42 24.13
CA GLY A 492 -29.55 -8.27 24.11
C GLY A 492 -28.12 -8.36 24.62
N ASN A 493 -27.78 -9.39 25.39
CA ASN A 493 -26.44 -9.44 25.97
C ASN A 493 -25.35 -9.68 24.93
N ASN A 494 -25.65 -10.46 23.90
CA ASN A 494 -24.68 -10.69 22.83
C ASN A 494 -24.52 -9.44 21.97
N LEU A 495 -25.55 -8.60 21.96
CA LEU A 495 -25.56 -7.40 21.15
C LEU A 495 -24.79 -6.26 21.79
N TYR A 496 -24.58 -6.34 23.11
CA TYR A 496 -24.00 -5.21 23.84
C TYR A 496 -22.66 -4.72 23.29
N PRO A 497 -21.70 -5.62 23.02
CA PRO A 497 -20.45 -5.11 22.46
C PRO A 497 -20.60 -4.41 21.10
N VAL A 498 -21.63 -4.76 20.34
CA VAL A 498 -21.87 -4.11 19.06
C VAL A 498 -22.32 -2.67 19.30
N HIS A 499 -23.28 -2.48 20.22
CA HIS A 499 -23.73 -1.14 20.61
C HIS A 499 -22.57 -0.31 21.13
N TYR A 500 -21.68 -0.98 21.86
CA TYR A 500 -20.56 -0.35 22.53
C TYR A 500 -19.56 0.25 21.54
N ALA A 501 -19.16 -0.53 20.55
CA ALA A 501 -18.21 -0.04 19.55
C ALA A 501 -18.86 1.06 18.71
N ARG A 502 -20.14 0.89 18.41
CA ARG A 502 -20.86 1.86 17.60
C ARG A 502 -20.98 3.19 18.32
N ALA A 503 -21.19 3.13 19.63
CA ALA A 503 -21.32 4.33 20.45
C ALA A 503 -20.09 5.21 20.32
N PHE A 504 -18.91 4.61 20.45
CA PHE A 504 -17.70 5.40 20.41
C PHE A 504 -17.26 5.72 18.99
N GLY A 505 -17.64 4.86 18.04
CA GLY A 505 -17.49 5.20 16.64
C GLY A 505 -18.27 6.45 16.30
N ASP A 506 -19.49 6.54 16.82
CA ASP A 506 -20.35 7.70 16.58
C ASP A 506 -19.83 8.97 17.24
N LEU A 507 -19.21 8.82 18.40
CA LEU A 507 -18.60 9.94 19.09
C LEU A 507 -17.54 10.57 18.20
N LEU A 508 -16.68 9.74 17.64
CA LEU A 508 -15.62 10.19 16.75
C LEU A 508 -16.17 10.85 15.49
N ARG A 509 -17.18 10.25 14.88
CA ARG A 509 -17.85 10.82 13.72
C ARG A 509 -18.39 12.22 14.04
N SER A 510 -19.00 12.36 15.21
CA SER A 510 -19.62 13.62 15.60
C SER A 510 -18.58 14.72 15.80
N ALA A 511 -17.34 14.30 16.03
CA ALA A 511 -16.22 15.22 16.15
C ALA A 511 -15.51 15.38 14.82
N GLY A 512 -16.06 14.81 13.77
CA GLY A 512 -15.48 14.91 12.44
C GLY A 512 -14.30 13.99 12.22
N LYS A 513 -14.20 12.94 13.02
CA LYS A 513 -13.07 12.01 12.90
C LYS A 513 -13.54 10.62 12.51
N ALA A 514 -12.63 9.85 11.92
CA ALA A 514 -12.92 8.48 11.52
C ALA A 514 -13.21 7.61 12.73
N PRO A 515 -14.19 6.70 12.59
CA PRO A 515 -14.65 5.92 13.73
C PRO A 515 -13.66 4.84 14.13
N VAL A 516 -12.50 5.22 14.62
CA VAL A 516 -11.51 4.20 14.93
C VAL A 516 -11.67 3.77 16.39
N THR A 517 -12.27 2.60 16.54
CA THR A 517 -12.42 1.96 17.82
C THR A 517 -11.62 0.68 17.72
N PHE A 518 -11.17 0.19 18.86
CA PHE A 518 -10.30 -0.95 18.92
C PHE A 518 -10.93 -1.90 19.95
N SER A 519 -11.48 -3.02 19.49
CA SER A 519 -12.34 -3.86 20.33
C SER A 519 -11.97 -5.34 20.26
N ARG A 520 -12.03 -6.04 21.39
CA ARG A 520 -11.92 -7.50 21.40
C ARG A 520 -13.27 -8.17 21.19
N ALA A 521 -14.33 -7.56 21.67
CA ALA A 521 -15.62 -8.22 21.77
C ALA A 521 -16.57 -7.76 20.69
N GLY A 522 -17.45 -8.66 20.27
CA GLY A 522 -18.47 -8.31 19.30
C GLY A 522 -19.43 -9.43 18.95
N PHE A 523 -20.21 -9.20 17.92
CA PHE A 523 -21.22 -10.14 17.48
C PHE A 523 -21.57 -9.79 16.06
N THR A 524 -22.62 -10.43 15.54
CA THR A 524 -23.16 -10.08 14.25
C THR A 524 -23.43 -8.58 14.19
N GLY A 525 -22.90 -7.92 13.16
CA GLY A 525 -23.06 -6.49 13.01
C GLY A 525 -21.82 -5.70 13.38
N SER A 526 -20.92 -6.31 14.13
CA SER A 526 -19.67 -5.65 14.52
C SER A 526 -18.80 -5.27 13.33
N GLN A 527 -19.08 -5.88 12.18
CA GLN A 527 -18.27 -5.65 10.98
C GLN A 527 -18.21 -4.18 10.61
N ALA A 528 -19.23 -3.43 11.03
CA ALA A 528 -19.37 -2.05 10.63
C ALA A 528 -18.71 -1.08 11.61
N HIS A 529 -18.20 -1.57 12.74
CA HIS A 529 -17.60 -0.65 13.70
C HIS A 529 -16.15 -0.92 14.08
N GLY A 530 -15.26 -0.12 13.50
CA GLY A 530 -13.88 -0.05 13.93
C GLY A 530 -12.99 -1.27 13.72
N ILE A 531 -12.00 -1.37 14.58
CA ILE A 531 -10.91 -2.33 14.47
C ILE A 531 -11.08 -3.38 15.57
N PHE A 532 -10.56 -4.58 15.33
CA PHE A 532 -10.64 -5.64 16.33
C PHE A 532 -9.30 -6.32 16.58
N TRP A 533 -9.04 -6.71 17.82
CA TRP A 533 -7.87 -7.50 18.13
C TRP A 533 -8.29 -8.76 18.89
N ALA A 534 -7.42 -9.76 18.94
CA ALA A 534 -7.81 -11.11 19.35
C ALA A 534 -7.89 -11.31 20.86
N GLY A 535 -7.62 -10.27 21.64
CA GLY A 535 -7.75 -10.36 23.07
C GLY A 535 -6.50 -10.83 23.78
N ASP A 536 -6.69 -11.37 24.99
CA ASP A 536 -5.60 -11.69 25.90
C ASP A 536 -5.04 -13.09 25.71
N GLU A 537 -3.72 -13.20 25.62
CA GLU A 537 -3.07 -14.51 25.55
C GLU A 537 -1.66 -14.51 26.15
N ASP A 538 -1.19 -15.70 26.51
CA ASP A 538 0.18 -15.90 26.95
C ASP A 538 1.13 -15.81 25.77
N SER A 539 2.42 -15.67 26.04
CA SER A 539 3.37 -15.66 24.94
C SER A 539 3.84 -17.07 24.70
N THR A 540 3.26 -17.71 23.69
CA THR A 540 3.52 -19.11 23.38
C THR A 540 3.27 -19.32 21.92
N TRP A 541 3.86 -20.38 21.36
CA TRP A 541 3.67 -20.71 19.97
C TRP A 541 2.24 -21.14 19.71
N GLN A 542 1.61 -21.74 20.71
CA GLN A 542 0.24 -22.18 20.58
C GLN A 542 -0.69 -20.98 20.45
N ALA A 543 -0.47 -19.97 21.28
CA ALA A 543 -1.24 -18.74 21.21
C ALA A 543 -1.02 -18.02 19.86
N PHE A 544 0.20 -18.06 19.37
CA PHE A 544 0.54 -17.53 18.05
C PHE A 544 -0.35 -18.20 17.00
N ARG A 545 -0.32 -19.52 16.96
CA ARG A 545 -1.10 -20.27 15.97
C ARG A 545 -2.60 -20.00 16.11
N SER A 546 -3.08 -19.93 17.36
CA SER A 546 -4.48 -19.65 17.62
C SER A 546 -4.88 -18.31 17.05
N SER A 547 -4.02 -17.31 17.22
CA SER A 547 -4.32 -15.96 16.81
C SER A 547 -4.47 -15.85 15.29
N VAL A 548 -3.58 -16.52 14.55
CA VAL A 548 -3.68 -16.53 13.10
C VAL A 548 -5.02 -17.07 12.65
N THR A 549 -5.44 -18.15 13.30
CA THR A 549 -6.72 -18.77 13.03
C THR A 549 -7.85 -17.80 13.34
N ALA A 550 -7.69 -17.07 14.43
CA ALA A 550 -8.68 -16.10 14.86
C ALA A 550 -8.89 -15.02 13.80
N GLY A 551 -7.80 -14.55 13.21
CA GLY A 551 -7.87 -13.54 12.18
C GLY A 551 -8.50 -14.06 10.90
N LEU A 552 -8.13 -15.30 10.53
CA LEU A 552 -8.64 -15.90 9.31
C LEU A 552 -10.12 -16.17 9.37
N THR A 553 -10.59 -16.71 10.48
CA THR A 553 -12.01 -16.99 10.64
C THR A 553 -12.79 -15.69 10.73
N ALA A 554 -12.26 -14.71 11.46
CA ALA A 554 -12.90 -13.41 11.56
C ALA A 554 -13.08 -12.76 10.19
N ALA A 555 -12.06 -12.82 9.36
CA ALA A 555 -12.12 -12.23 8.03
C ALA A 555 -13.19 -12.91 7.18
N SER A 556 -13.29 -14.23 7.32
CA SER A 556 -14.27 -15.00 6.58
C SER A 556 -15.68 -14.58 6.92
N CYS A 557 -15.85 -13.97 8.09
CA CYS A 557 -17.13 -13.45 8.53
C CYS A 557 -17.29 -11.94 8.31
N GLY A 558 -16.30 -11.31 7.69
CA GLY A 558 -16.41 -9.91 7.33
C GLY A 558 -15.68 -8.93 8.24
N ILE A 559 -14.82 -9.43 9.12
CA ILE A 559 -14.06 -8.54 9.99
C ILE A 559 -12.77 -8.19 9.26
N VAL A 560 -12.67 -6.95 8.82
CA VAL A 560 -11.60 -6.52 7.94
C VAL A 560 -10.37 -6.09 8.71
N TYR A 561 -10.52 -5.09 9.57
CA TYR A 561 -9.38 -4.57 10.27
C TYR A 561 -9.20 -5.36 11.57
N TRP A 562 -8.18 -6.21 11.58
CA TRP A 562 -7.97 -7.15 12.66
C TRP A 562 -6.50 -7.29 13.01
N GLY A 563 -6.23 -7.48 14.28
CA GLY A 563 -4.88 -7.72 14.74
C GLY A 563 -4.86 -8.54 16.01
N TRP A 564 -3.67 -8.69 16.59
CA TRP A 564 -3.52 -9.39 17.86
C TRP A 564 -2.37 -8.76 18.63
N ASP A 565 -2.12 -9.22 19.86
CA ASP A 565 -0.94 -8.75 20.54
C ASP A 565 0.15 -9.70 20.12
N LEU A 566 1.05 -9.21 19.28
CA LEU A 566 2.02 -10.09 18.67
C LEU A 566 2.95 -10.66 19.73
N ALA A 567 3.11 -11.98 19.67
CA ALA A 567 3.87 -12.77 20.64
C ALA A 567 3.33 -12.65 22.06
N GLY A 568 2.07 -12.25 22.21
CA GLY A 568 1.36 -12.32 23.48
C GLY A 568 1.65 -11.16 24.41
N PHE A 569 0.66 -10.75 25.19
CA PHE A 569 0.90 -9.64 26.12
C PHE A 569 1.11 -10.07 27.57
N SER A 570 0.92 -11.35 27.86
CA SER A 570 0.80 -11.79 29.25
C SER A 570 1.90 -12.74 29.69
N GLY A 571 2.34 -12.58 30.93
CA GLY A 571 3.38 -13.42 31.49
C GLY A 571 4.76 -12.89 31.16
N PRO A 572 5.78 -13.72 31.37
CA PRO A 572 7.17 -13.32 31.10
C PRO A 572 7.36 -12.89 29.65
N VAL A 573 8.35 -12.04 29.42
CA VAL A 573 8.65 -11.54 28.09
C VAL A 573 8.95 -12.69 27.14
N PRO A 574 8.35 -12.67 25.92
CA PRO A 574 8.67 -13.69 24.93
C PRO A 574 10.15 -13.75 24.60
N ASP A 575 10.63 -14.93 24.23
CA ASP A 575 12.00 -15.09 23.76
C ASP A 575 12.15 -14.45 22.39
N ALA A 576 13.39 -14.21 22.00
CA ALA A 576 13.70 -13.57 20.73
C ALA A 576 13.05 -14.26 19.53
N GLU A 577 13.10 -15.59 19.50
CA GLU A 577 12.64 -16.31 18.32
C GLU A 577 11.13 -16.16 18.12
N LEU A 578 10.36 -16.38 19.17
CA LEU A 578 8.90 -16.24 19.08
C LEU A 578 8.53 -14.80 18.73
N TYR A 579 9.22 -13.86 19.36
CA TYR A 579 8.95 -12.44 19.13
C TYR A 579 9.15 -12.08 17.66
N LEU A 580 10.27 -12.50 17.09
CA LEU A 580 10.59 -12.15 15.72
C LEU A 580 9.74 -12.92 14.70
N ARG A 581 9.39 -14.15 15.03
CA ARG A 581 8.49 -14.90 14.14
C ARG A 581 7.13 -14.22 14.11
N ALA A 582 6.66 -13.82 15.28
CA ALA A 582 5.38 -13.12 15.37
C ALA A 582 5.45 -11.75 14.71
N ALA A 583 6.54 -11.01 14.96
CA ALA A 583 6.66 -9.66 14.43
C ALA A 583 6.71 -9.67 12.91
N ALA A 584 7.42 -10.65 12.34
CA ALA A 584 7.55 -10.76 10.89
C ALA A 584 6.20 -11.03 10.23
N ALA A 585 5.44 -11.95 10.81
CA ALA A 585 4.17 -12.34 10.23
C ALA A 585 3.13 -11.25 10.39
N SER A 586 3.13 -10.60 11.55
CA SER A 586 2.16 -9.55 11.82
C SER A 586 2.31 -8.34 10.90
N ALA A 587 3.52 -8.14 10.38
CA ALA A 587 3.75 -7.07 9.41
C ALA A 587 2.98 -7.33 8.13
N PHE A 588 2.62 -8.59 7.95
CA PHE A 588 1.79 -9.02 6.83
C PHE A 588 0.33 -9.27 7.22
N MET A 589 -0.07 -8.76 8.38
CA MET A 589 -1.44 -8.84 8.87
C MET A 589 -2.10 -7.46 8.85
N PRO A 590 -3.45 -7.40 8.86
CA PRO A 590 -4.15 -6.11 8.77
C PRO A 590 -3.73 -5.08 9.84
N ILE A 591 -3.58 -5.52 11.09
CA ILE A 591 -3.16 -4.61 12.14
C ILE A 591 -1.96 -5.16 12.90
N MET A 592 -0.86 -4.42 12.84
CA MET A 592 0.38 -4.80 13.50
C MET A 592 0.55 -4.02 14.79
N GLN A 593 0.47 -4.72 15.92
CA GLN A 593 0.46 -4.07 17.22
C GLN A 593 1.13 -4.95 18.26
N TYR A 594 1.92 -4.35 19.15
CA TYR A 594 2.44 -5.07 20.30
C TYR A 594 1.83 -4.46 21.55
N HIS A 595 1.77 -5.24 22.62
CA HIS A 595 1.08 -4.85 23.82
C HIS A 595 1.58 -5.67 25.01
N SER A 596 1.37 -5.17 26.22
CA SER A 596 1.80 -5.89 27.41
C SER A 596 0.82 -5.71 28.57
N GLU A 597 0.59 -6.79 29.29
CA GLU A 597 -0.34 -6.82 30.41
C GLU A 597 0.20 -6.10 31.65
N PHE A 598 -0.69 -5.62 32.50
CA PHE A 598 -0.35 -5.05 33.79
C PHE A 598 0.48 -6.02 34.64
N ASN A 599 1.65 -5.58 35.06
CA ASN A 599 2.56 -6.34 35.93
C ASN A 599 2.65 -5.92 37.41
N HIS A 600 1.76 -5.03 37.84
CA HIS A 600 1.84 -4.41 39.18
C HIS A 600 3.05 -3.52 39.34
N HIS A 601 3.54 -3.00 38.21
CA HIS A 601 4.67 -2.07 38.19
C HIS A 601 5.90 -2.63 38.90
N GLN A 602 6.04 -3.94 38.84
CA GLN A 602 7.23 -4.60 39.35
C GLN A 602 8.40 -4.36 38.42
N LEU A 603 9.60 -4.61 38.93
CA LEU A 603 10.78 -4.70 38.07
C LEU A 603 11.25 -6.14 38.12
N PRO A 604 11.77 -6.67 37.00
CA PRO A 604 11.94 -6.02 35.70
C PRO A 604 10.64 -5.80 34.94
N LEU A 605 10.66 -4.90 33.96
CA LEU A 605 9.49 -4.60 33.15
C LEU A 605 9.10 -5.80 32.29
N ARG A 606 7.80 -5.93 32.07
CA ARG A 606 7.26 -6.94 31.16
C ARG A 606 6.88 -6.37 29.78
N ASP A 607 7.32 -5.15 29.50
CA ASP A 607 7.03 -4.50 28.22
C ASP A 607 7.34 -5.41 27.03
N ARG A 608 6.51 -5.31 25.99
CA ARG A 608 6.73 -5.99 24.73
C ARG A 608 7.40 -5.11 23.66
N THR A 609 7.89 -3.94 24.05
CA THR A 609 8.69 -3.13 23.14
C THR A 609 9.90 -3.92 22.64
N PRO A 610 10.33 -3.65 21.40
CA PRO A 610 11.45 -4.39 20.82
C PRO A 610 12.71 -4.31 21.65
N TRP A 611 13.04 -3.12 22.15
CA TRP A 611 14.27 -2.95 22.90
C TRP A 611 14.20 -3.61 24.27
N HIS A 612 13.01 -3.73 24.84
CA HIS A 612 12.93 -4.47 26.09
C HIS A 612 13.08 -5.98 25.86
N VAL A 613 12.56 -6.47 24.74
CA VAL A 613 12.72 -7.87 24.40
C VAL A 613 14.20 -8.18 24.18
N ALA A 614 14.88 -7.30 23.46
CA ALA A 614 16.32 -7.43 23.23
C ALA A 614 17.06 -7.41 24.56
N GLU A 615 16.67 -6.51 25.43
CA GLU A 615 17.27 -6.39 26.76
C GLU A 615 17.12 -7.66 27.57
N THR A 616 15.92 -8.23 27.54
CA THR A 616 15.60 -9.39 28.36
C THR A 616 16.24 -10.65 27.81
N THR A 617 16.22 -10.81 26.50
CA THR A 617 16.79 -11.98 25.87
C THR A 617 18.30 -11.87 25.68
N GLY A 618 18.81 -10.64 25.67
CA GLY A 618 20.21 -10.41 25.38
C GLY A 618 20.52 -10.65 23.91
N ASP A 619 19.47 -10.71 23.10
CA ASP A 619 19.60 -11.00 21.68
C ASP A 619 19.71 -9.71 20.86
N ASP A 620 20.84 -9.52 20.20
CA ASP A 620 21.11 -8.25 19.52
C ASP A 620 20.51 -8.21 18.12
N ARG A 621 19.80 -9.26 17.75
CA ARG A 621 19.09 -9.29 16.48
C ARG A 621 17.67 -8.73 16.57
N VAL A 622 17.15 -8.53 17.78
CA VAL A 622 15.73 -8.21 17.93
C VAL A 622 15.38 -6.80 17.42
N VAL A 623 16.09 -5.80 17.92
CA VAL A 623 15.87 -4.43 17.47
C VAL A 623 16.15 -4.24 15.97
N PRO A 624 17.30 -4.72 15.46
CA PRO A 624 17.52 -4.49 14.04
C PRO A 624 16.51 -5.19 13.12
N LEU A 625 16.12 -6.41 13.47
CA LEU A 625 15.21 -7.16 12.61
C LEU A 625 13.79 -6.64 12.72
N PHE A 626 13.39 -6.25 13.93
CA PHE A 626 12.07 -5.66 14.10
C PHE A 626 11.99 -4.33 13.34
N ARG A 627 13.08 -3.57 13.38
CA ARG A 627 13.13 -2.30 12.65
C ARG A 627 12.95 -2.56 11.17
N ARG A 628 13.57 -3.63 10.69
CA ARG A 628 13.43 -4.03 9.29
C ARG A 628 11.98 -4.34 8.95
N PHE A 629 11.30 -5.08 9.82
CA PHE A 629 9.90 -5.43 9.60
C PHE A 629 9.02 -4.20 9.65
N ALA A 630 9.27 -3.34 10.63
CA ALA A 630 8.50 -2.12 10.80
C ALA A 630 8.71 -1.17 9.62
N THR A 631 9.95 -1.08 9.13
CA THR A 631 10.26 -0.22 8.01
C THR A 631 9.57 -0.73 6.75
N LEU A 632 9.55 -2.05 6.57
CA LEU A 632 8.88 -2.64 5.41
C LEU A 632 7.38 -2.44 5.50
N ARG A 633 6.84 -2.60 6.69
CA ARG A 633 5.43 -2.34 6.95
C ARG A 633 5.01 -0.94 6.49
N GLU A 634 5.83 0.06 6.80
CA GLU A 634 5.57 1.44 6.37
C GLU A 634 5.42 1.53 4.86
N SER A 635 6.28 0.83 4.13
CA SER A 635 6.20 0.78 2.68
C SER A 635 4.92 0.11 2.18
N LEU A 636 4.31 -0.70 3.02
CA LEU A 636 3.16 -1.50 2.63
C LEU A 636 1.84 -0.78 2.79
N VAL A 637 1.85 0.38 3.45
CA VAL A 637 0.62 1.09 3.75
C VAL A 637 -0.21 1.43 2.50
N PRO A 638 0.43 1.93 1.43
CA PRO A 638 -0.44 2.20 0.28
C PRO A 638 -1.05 0.93 -0.33
N TYR A 639 -0.32 -0.17 -0.34
CA TYR A 639 -0.86 -1.44 -0.81
C TYR A 639 -2.03 -1.89 0.06
N LEU A 640 -1.81 -1.87 1.38
CA LEU A 640 -2.85 -2.24 2.32
C LEU A 640 -4.09 -1.36 2.14
N THR A 641 -3.87 -0.06 1.98
CA THR A 641 -4.96 0.88 1.82
C THR A 641 -5.80 0.53 0.59
N GLU A 642 -5.14 0.23 -0.51
CA GLU A 642 -5.84 -0.12 -1.74
C GLU A 642 -6.58 -1.45 -1.61
N GLN A 643 -5.93 -2.42 -1.00
CA GLN A 643 -6.52 -3.72 -0.80
C GLN A 643 -7.72 -3.67 0.14
N ALA A 644 -7.62 -2.87 1.19
CA ALA A 644 -8.72 -2.73 2.13
C ALA A 644 -9.93 -2.11 1.46
N ALA A 645 -9.68 -1.25 0.48
CA ALA A 645 -10.76 -0.64 -0.26
C ALA A 645 -11.41 -1.67 -1.19
N ARG A 646 -10.63 -2.57 -1.74
CA ARG A 646 -11.16 -3.62 -2.57
C ARG A 646 -11.99 -4.57 -1.72
N THR A 647 -11.46 -4.93 -0.58
CA THR A 647 -12.12 -5.82 0.36
C THR A 647 -13.47 -5.25 0.79
N ILE A 648 -13.55 -3.94 0.95
CA ILE A 648 -14.79 -3.31 1.37
C ILE A 648 -15.77 -3.26 0.20
N ALA A 649 -15.25 -3.07 -1.00
CA ALA A 649 -16.10 -3.02 -2.18
C ALA A 649 -16.53 -4.40 -2.68
N THR A 650 -15.58 -5.33 -2.76
CA THR A 650 -15.88 -6.67 -3.28
C THR A 650 -16.20 -7.74 -2.23
N ASP A 651 -15.96 -7.43 -0.95
CA ASP A 651 -16.10 -8.39 0.15
C ASP A 651 -15.09 -9.55 0.12
N ARG A 652 -14.21 -9.58 -0.87
CA ARG A 652 -13.07 -10.51 -0.82
C ARG A 652 -12.14 -10.07 0.29
N PRO A 653 -11.96 -10.93 1.31
CA PRO A 653 -11.28 -10.58 2.57
C PRO A 653 -9.87 -10.04 2.41
N LEU A 654 -9.46 -9.23 3.39
CA LEU A 654 -8.11 -8.69 3.45
C LEU A 654 -7.11 -9.73 3.93
N MET A 655 -7.44 -10.40 5.03
CA MET A 655 -6.64 -11.52 5.46
C MET A 655 -7.41 -12.74 5.01
N ARG A 656 -6.95 -13.34 3.92
CA ARG A 656 -7.83 -14.17 3.09
C ARG A 656 -7.42 -15.62 3.00
N PRO A 657 -8.21 -16.51 3.62
CA PRO A 657 -8.05 -17.96 3.45
C PRO A 657 -8.11 -18.33 1.99
N LEU A 658 -7.37 -19.35 1.57
CA LEU A 658 -7.26 -19.66 0.15
C LEU A 658 -8.54 -20.19 -0.48
N PHE A 659 -9.53 -20.55 0.33
CA PHE A 659 -10.74 -21.14 -0.24
C PHE A 659 -11.61 -20.08 -0.92
N PHE A 660 -11.30 -18.81 -0.70
CA PHE A 660 -12.07 -17.75 -1.35
C PHE A 660 -11.81 -17.72 -2.84
N ASP A 661 -10.54 -17.71 -3.21
CA ASP A 661 -10.15 -17.77 -4.62
C ASP A 661 -10.05 -19.19 -5.17
N HIS A 662 -9.55 -20.10 -4.34
CA HIS A 662 -9.17 -21.45 -4.74
C HIS A 662 -10.10 -22.62 -4.37
N GLU A 663 -11.35 -22.34 -4.03
CA GLU A 663 -12.25 -23.29 -3.36
C GLU A 663 -12.20 -24.75 -3.85
N ASN A 664 -12.04 -24.96 -5.16
CA ASN A 664 -12.05 -26.31 -5.69
C ASN A 664 -10.70 -27.02 -5.60
N ASP A 665 -9.72 -26.36 -5.00
CA ASP A 665 -8.42 -26.98 -4.76
C ASP A 665 -8.44 -27.67 -3.40
N PRO A 666 -8.37 -29.00 -3.41
CA PRO A 666 -8.44 -29.78 -2.17
C PRO A 666 -7.21 -29.60 -1.29
N GLU A 667 -6.07 -29.26 -1.89
CA GLU A 667 -4.81 -29.23 -1.17
C GLU A 667 -4.72 -28.07 -0.17
N ILE A 668 -5.52 -27.03 -0.38
CA ILE A 668 -5.44 -25.83 0.44
C ILE A 668 -5.69 -26.12 1.91
N TRP A 669 -6.47 -27.16 2.20
CA TRP A 669 -6.89 -27.43 3.57
C TRP A 669 -5.78 -28.04 4.40
N ASN A 670 -4.69 -28.43 3.73
CA ASN A 670 -3.55 -28.98 4.44
C ASN A 670 -2.61 -27.90 4.94
N HIS A 671 -2.93 -26.65 4.60
CA HIS A 671 -2.13 -25.53 5.06
C HIS A 671 -3.03 -24.40 5.54
N PRO A 672 -3.74 -24.63 6.64
CA PRO A 672 -4.77 -23.73 7.16
C PRO A 672 -4.21 -22.41 7.69
N TYR A 673 -2.91 -22.32 7.89
CA TYR A 673 -2.30 -21.09 8.41
C TYR A 673 -1.81 -20.15 7.32
N GLN A 674 -1.87 -20.59 6.06
CA GLN A 674 -1.53 -19.73 4.94
C GLN A 674 -2.68 -18.80 4.63
N TYR A 675 -2.36 -17.65 4.06
CA TYR A 675 -3.41 -16.76 3.58
C TYR A 675 -2.88 -15.78 2.55
N LEU A 676 -3.81 -15.20 1.80
CA LEU A 676 -3.50 -14.08 0.94
C LEU A 676 -3.69 -12.78 1.70
N LEU A 677 -2.74 -11.86 1.59
CA LEU A 677 -2.94 -10.52 2.09
C LEU A 677 -3.31 -9.66 0.90
N GLY A 678 -4.59 -9.32 0.81
CA GLY A 678 -5.12 -8.72 -0.39
C GLY A 678 -5.05 -9.70 -1.55
N ASP A 679 -5.16 -9.21 -2.77
CA ASP A 679 -5.14 -10.07 -3.94
C ASP A 679 -3.75 -10.62 -4.27
N GLU A 680 -2.72 -9.83 -4.03
CA GLU A 680 -1.42 -10.12 -4.62
C GLU A 680 -0.39 -10.88 -3.80
N LEU A 681 -0.61 -11.03 -2.51
CA LEU A 681 0.44 -11.56 -1.64
C LEU A 681 0.01 -12.78 -0.84
N LEU A 682 0.81 -13.83 -0.90
CA LEU A 682 0.54 -15.03 -0.12
C LEU A 682 1.52 -15.09 1.05
N ILE A 683 0.99 -15.33 2.25
CA ILE A 683 1.82 -15.27 3.44
C ILE A 683 1.77 -16.59 4.20
N ASN A 684 2.94 -17.06 4.64
CA ASN A 684 3.03 -18.32 5.36
C ASN A 684 3.90 -18.20 6.60
N PRO A 685 3.29 -17.77 7.72
CA PRO A 685 3.95 -17.53 8.99
C PRO A 685 4.74 -18.73 9.49
N VAL A 686 5.86 -18.49 10.15
CA VAL A 686 6.61 -19.61 10.71
C VAL A 686 6.14 -19.81 12.15
N LEU A 687 5.39 -20.88 12.34
CA LEU A 687 4.64 -21.13 13.58
C LEU A 687 5.28 -22.11 14.55
N GLU A 688 6.48 -22.60 14.24
CA GLU A 688 7.19 -23.51 15.12
C GLU A 688 8.57 -23.00 15.48
N PRO A 689 9.03 -23.28 16.70
CA PRO A 689 10.40 -22.94 17.09
C PRO A 689 11.41 -23.88 16.44
N GLY A 690 12.61 -23.39 16.17
CA GLY A 690 13.68 -24.21 15.67
C GLY A 690 13.69 -24.46 14.17
N ALA A 691 12.73 -23.88 13.45
CA ALA A 691 12.61 -24.15 12.02
C ALA A 691 13.63 -23.36 11.20
N THR A 692 14.49 -24.08 10.48
CA THR A 692 15.43 -23.45 9.57
C THR A 692 14.92 -23.42 8.13
N THR A 693 13.87 -24.20 7.86
CA THR A 693 13.26 -24.22 6.54
C THR A 693 11.76 -24.26 6.71
N TRP A 694 11.02 -23.85 5.69
CA TRP A 694 9.58 -23.78 5.78
C TRP A 694 9.00 -24.10 4.42
N THR A 695 7.84 -24.75 4.41
CA THR A 695 7.25 -25.18 3.15
C THR A 695 5.89 -24.55 2.93
N THR A 696 5.71 -23.99 1.74
CA THR A 696 4.53 -23.22 1.40
C THR A 696 3.82 -23.87 0.22
N TYR A 697 2.50 -23.92 0.26
CA TYR A 697 1.76 -24.42 -0.88
C TYR A 697 1.23 -23.28 -1.72
N LEU A 698 1.74 -23.16 -2.93
CA LEU A 698 1.28 -22.13 -3.85
C LEU A 698 0.24 -22.69 -4.79
N PRO A 699 -0.97 -22.14 -4.74
CA PRO A 699 -2.09 -22.55 -5.61
C PRO A 699 -1.83 -22.15 -7.05
N ALA A 700 -2.83 -22.32 -7.90
CA ALA A 700 -2.68 -22.05 -9.34
C ALA A 700 -2.24 -20.62 -9.60
N GLY A 701 -1.52 -20.41 -10.70
CA GLY A 701 -1.00 -19.11 -11.06
C GLY A 701 0.51 -19.01 -10.95
N GLU A 702 1.07 -17.93 -11.48
CA GLU A 702 2.52 -17.73 -11.44
C GLU A 702 2.91 -16.94 -10.21
N TRP A 703 4.03 -17.30 -9.60
CA TRP A 703 4.43 -16.70 -8.34
C TRP A 703 5.89 -16.24 -8.32
N ILE A 704 6.19 -15.31 -7.42
CA ILE A 704 7.54 -14.82 -7.24
C ILE A 704 7.90 -14.74 -5.76
N ASP A 705 9.10 -15.19 -5.42
CA ASP A 705 9.60 -15.04 -4.07
C ASP A 705 10.00 -13.58 -3.88
N VAL A 706 9.37 -12.91 -2.92
CA VAL A 706 9.53 -11.46 -2.79
C VAL A 706 10.92 -11.11 -2.28
N TRP A 707 11.55 -12.05 -1.59
CA TRP A 707 12.85 -11.79 -1.02
C TRP A 707 13.97 -11.92 -2.05
N THR A 708 13.87 -12.91 -2.93
CA THR A 708 14.87 -13.07 -3.98
C THR A 708 14.47 -12.45 -5.32
N GLY A 709 13.20 -12.10 -5.47
CA GLY A 709 12.70 -11.68 -6.77
C GLY A 709 12.61 -12.79 -7.80
N ASP A 710 12.97 -14.01 -7.42
CA ASP A 710 12.95 -15.14 -8.36
C ASP A 710 11.55 -15.66 -8.62
N ARG A 711 11.36 -16.25 -9.79
CA ARG A 711 10.10 -16.91 -10.10
C ARG A 711 10.08 -18.27 -9.42
N VAL A 712 8.88 -18.69 -9.01
CA VAL A 712 8.73 -19.94 -8.30
C VAL A 712 7.53 -20.69 -8.86
N PRO A 713 7.66 -22.01 -9.05
CA PRO A 713 6.54 -22.78 -9.58
C PRO A 713 5.47 -23.03 -8.54
N SER A 714 4.21 -23.06 -8.97
CA SER A 714 3.11 -23.33 -8.06
C SER A 714 3.22 -24.76 -7.54
N GLY A 715 2.57 -25.03 -6.41
CA GLY A 715 2.77 -26.29 -5.71
C GLY A 715 3.62 -26.07 -4.47
N LEU A 716 4.10 -27.14 -3.87
CA LEU A 716 4.89 -27.03 -2.65
C LEU A 716 6.22 -26.35 -2.92
N VAL A 717 6.59 -25.42 -2.04
CA VAL A 717 7.86 -24.70 -2.14
C VAL A 717 8.54 -24.64 -0.79
N THR A 718 9.83 -24.95 -0.76
CA THR A 718 10.57 -24.89 0.48
C THR A 718 11.71 -23.88 0.34
N ARG A 719 11.88 -23.04 1.35
CA ARG A 719 12.94 -22.05 1.36
C ARG A 719 13.49 -21.88 2.75
N ASP A 720 14.70 -21.35 2.84
CA ASP A 720 15.31 -21.09 4.14
C ASP A 720 14.56 -20.00 4.88
N VAL A 721 14.45 -20.16 6.20
CA VAL A 721 13.81 -19.15 7.01
C VAL A 721 14.68 -18.71 8.18
N PRO A 722 15.69 -17.89 7.88
CA PRO A 722 16.37 -17.20 8.98
C PRO A 722 15.42 -16.18 9.57
N LEU A 723 15.70 -15.68 10.76
CA LEU A 723 14.76 -14.83 11.48
C LEU A 723 14.32 -13.58 10.71
N GLU A 724 15.11 -13.15 9.72
CA GLU A 724 14.77 -11.94 8.98
C GLU A 724 13.79 -12.24 7.86
N VAL A 725 13.38 -13.50 7.75
CA VAL A 725 12.50 -13.89 6.65
C VAL A 725 11.26 -14.62 7.13
N VAL A 726 10.12 -14.23 6.58
CA VAL A 726 8.92 -15.07 6.63
C VAL A 726 8.53 -15.27 5.19
N PRO A 727 8.13 -16.50 4.83
CA PRO A 727 7.83 -16.75 3.42
C PRO A 727 6.67 -15.91 2.90
N VAL A 728 6.92 -15.20 1.80
CA VAL A 728 5.93 -14.34 1.19
C VAL A 728 6.08 -14.44 -0.33
N TYR A 729 4.97 -14.61 -1.02
CA TYR A 729 5.02 -14.75 -2.47
C TYR A 729 4.06 -13.78 -3.12
N CYS A 730 4.46 -13.26 -4.27
CA CYS A 730 3.65 -12.28 -4.98
C CYS A 730 3.20 -12.84 -6.31
N ARG A 731 1.96 -12.57 -6.68
CA ARG A 731 1.47 -12.93 -8.01
C ARG A 731 2.37 -12.26 -9.04
N ALA A 732 2.86 -13.04 -9.99
CA ALA A 732 3.89 -12.59 -10.92
C ALA A 732 3.47 -11.36 -11.72
N SER A 733 2.19 -11.23 -11.99
CA SER A 733 1.67 -10.16 -12.76
C SER A 733 1.66 -8.80 -12.06
N ARG A 734 1.87 -8.80 -10.77
CA ARG A 734 1.83 -7.57 -10.03
C ARG A 734 3.07 -7.36 -9.25
N TRP A 735 4.08 -8.15 -9.51
CA TRP A 735 5.34 -7.96 -8.85
C TRP A 735 6.06 -6.71 -9.30
N SER A 736 5.67 -6.14 -10.41
CA SER A 736 6.25 -4.86 -10.78
C SER A 736 5.75 -3.76 -9.85
N GLU A 737 4.56 -3.94 -9.29
CA GLU A 737 4.03 -2.98 -8.33
C GLU A 737 4.61 -3.18 -6.93
N LEU A 738 4.84 -4.42 -6.53
CA LEU A 738 5.25 -4.72 -5.16
C LEU A 738 6.76 -4.71 -4.95
N GLN A 739 7.51 -4.77 -6.04
CA GLN A 739 8.96 -4.89 -5.96
C GLN A 739 9.66 -3.78 -5.16
N PRO A 740 9.27 -2.50 -5.36
CA PRO A 740 9.95 -1.46 -4.58
C PRO A 740 9.82 -1.65 -3.08
N VAL A 741 8.70 -2.22 -2.64
CA VAL A 741 8.47 -2.46 -1.22
C VAL A 741 9.54 -3.37 -0.63
N PHE A 742 9.93 -4.37 -1.39
CA PHE A 742 10.89 -5.35 -0.89
C PHE A 742 12.32 -5.08 -1.33
N SER A 743 12.54 -3.97 -2.05
CA SER A 743 13.86 -3.66 -2.57
C SER A 743 14.86 -3.36 -1.45
N MET B 21 13.95 -25.12 -39.15
CA MET B 21 14.10 -23.68 -39.16
C MET B 21 15.00 -23.22 -38.01
N ILE B 22 16.15 -22.65 -38.37
CA ILE B 22 17.09 -22.16 -37.37
C ILE B 22 17.42 -20.70 -37.63
N LYS B 23 17.54 -19.91 -36.57
CA LYS B 23 17.73 -18.47 -36.72
C LYS B 23 18.90 -17.94 -35.89
N HIS B 24 19.77 -17.17 -36.53
CA HIS B 24 20.89 -16.54 -35.84
C HIS B 24 21.07 -15.10 -36.31
N ARG B 25 21.04 -14.18 -35.36
CA ARG B 25 21.23 -12.76 -35.64
C ARG B 25 22.31 -12.19 -34.74
N PRO B 26 23.56 -12.15 -35.23
CA PRO B 26 24.75 -11.82 -34.44
C PRO B 26 24.60 -10.58 -33.54
N HIS B 27 23.83 -9.59 -33.99
CA HIS B 27 23.59 -8.41 -33.16
C HIS B 27 22.35 -8.59 -32.29
N GLY B 28 21.56 -9.62 -32.59
CA GLY B 28 20.35 -9.88 -31.84
C GLY B 28 19.31 -8.79 -31.98
N ILE B 29 18.47 -8.66 -30.95
CA ILE B 29 17.40 -7.68 -30.95
C ILE B 29 17.98 -6.27 -30.81
N GLU B 30 19.23 -6.21 -30.38
CA GLU B 30 19.98 -4.96 -30.20
C GLU B 30 19.36 -4.05 -29.14
N HIS B 31 18.75 -4.68 -28.14
CA HIS B 31 18.47 -4.05 -26.87
C HIS B 31 19.80 -3.56 -26.33
N PRO B 32 19.90 -2.26 -26.02
CA PRO B 32 21.20 -1.70 -25.65
C PRO B 32 21.80 -2.27 -24.36
N TYR B 33 20.97 -2.62 -23.40
CA TYR B 33 21.47 -3.19 -22.16
C TYR B 33 21.33 -4.72 -22.01
N ALA B 34 20.80 -5.40 -23.02
CA ALA B 34 20.59 -6.84 -22.91
C ALA B 34 20.90 -7.59 -24.19
N VAL B 35 21.03 -8.92 -24.08
CA VAL B 35 21.30 -9.78 -25.22
C VAL B 35 20.16 -10.78 -25.44
N SER B 36 19.84 -11.02 -26.70
CA SER B 36 18.79 -11.97 -27.07
C SER B 36 19.38 -13.37 -27.27
N PRO B 37 18.54 -14.41 -27.18
CA PRO B 37 19.04 -15.79 -27.29
C PRO B 37 19.58 -16.17 -28.67
N ASP B 38 19.30 -15.36 -29.69
CA ASP B 38 19.67 -15.69 -31.06
C ASP B 38 21.01 -15.09 -31.53
N GLN B 39 21.74 -14.42 -30.63
CA GLN B 39 22.86 -13.60 -31.07
C GLN B 39 24.24 -14.06 -30.62
N ARG B 40 25.24 -13.25 -30.95
CA ARG B 40 26.62 -13.49 -30.56
C ARG B 40 27.03 -12.58 -29.42
N VAL B 41 27.50 -13.18 -28.33
CA VAL B 41 27.94 -12.43 -27.16
C VAL B 41 29.41 -12.63 -26.84
N PRO B 42 30.22 -11.57 -26.88
CA PRO B 42 29.87 -10.22 -27.35
C PRO B 42 29.90 -10.15 -28.86
N VAL B 43 29.22 -9.17 -29.44
CA VAL B 43 29.21 -9.01 -30.89
C VAL B 43 30.63 -8.75 -31.40
N LEU B 44 31.39 -7.98 -30.62
CA LEU B 44 32.77 -7.67 -31.00
C LEU B 44 33.74 -8.16 -29.93
N PRO B 45 34.18 -9.42 -30.06
CA PRO B 45 35.09 -10.04 -29.10
C PRO B 45 36.48 -9.45 -29.15
N LEU B 46 37.11 -9.28 -28.00
CA LEU B 46 38.51 -8.90 -27.96
C LEU B 46 39.34 -10.12 -28.33
N ALA B 47 40.48 -9.88 -28.96
CA ALA B 47 41.38 -10.96 -29.33
C ALA B 47 41.80 -11.74 -28.09
N GLY B 48 41.63 -13.05 -28.14
CA GLY B 48 42.06 -13.92 -27.05
C GLY B 48 40.93 -14.36 -26.15
N GLU B 49 39.72 -13.86 -26.40
CA GLU B 49 38.58 -14.23 -25.57
C GLU B 49 37.55 -15.00 -26.38
N PRO B 50 36.85 -15.94 -25.72
CA PRO B 50 35.82 -16.76 -26.37
C PRO B 50 34.55 -15.97 -26.64
N VAL B 51 33.70 -16.51 -27.50
CA VAL B 51 32.44 -15.85 -27.81
C VAL B 51 31.29 -16.80 -27.57
N LEU B 52 30.13 -16.26 -27.22
CA LEU B 52 28.95 -17.06 -26.95
C LEU B 52 27.99 -17.02 -28.12
N LEU B 53 27.65 -18.19 -28.65
CA LEU B 53 26.79 -18.27 -29.81
C LEU B 53 25.43 -18.87 -29.47
N GLY B 54 24.40 -18.04 -29.46
CA GLY B 54 23.05 -18.54 -29.32
C GLY B 54 22.36 -18.69 -30.66
N VAL B 55 21.41 -19.62 -30.74
CA VAL B 55 20.55 -19.75 -31.90
C VAL B 55 19.15 -20.11 -31.44
N VAL B 56 18.16 -19.85 -32.28
CA VAL B 56 16.80 -20.24 -31.97
C VAL B 56 16.34 -21.32 -32.94
N ALA B 57 16.22 -22.55 -32.43
CA ALA B 57 15.77 -23.68 -33.22
C ALA B 57 14.89 -24.59 -32.37
N PRO B 58 13.60 -24.25 -32.26
CA PRO B 58 12.67 -24.98 -31.39
C PRO B 58 12.38 -26.40 -31.87
N GLU B 59 12.57 -26.65 -33.16
CA GLU B 59 12.25 -27.96 -33.73
C GLU B 59 13.44 -28.90 -33.87
N ALA B 60 14.63 -28.46 -33.45
CA ALA B 60 15.85 -29.21 -33.71
C ALA B 60 16.14 -30.28 -32.65
N ASP B 61 16.60 -31.44 -33.12
CA ASP B 61 17.08 -32.50 -32.23
C ASP B 61 18.48 -32.17 -31.74
N ARG B 62 19.34 -31.77 -32.67
CA ARG B 62 20.71 -31.42 -32.35
C ARG B 62 21.16 -30.23 -33.20
N VAL B 63 22.04 -29.41 -32.64
CA VAL B 63 22.56 -28.25 -33.35
C VAL B 63 24.08 -28.18 -33.23
N VAL B 64 24.75 -28.12 -34.36
CA VAL B 64 26.20 -28.02 -34.39
C VAL B 64 26.62 -26.76 -35.10
N CYS B 65 27.70 -26.14 -34.63
CA CYS B 65 28.26 -24.98 -35.29
C CYS B 65 29.56 -25.33 -36.00
N GLU B 66 29.71 -24.85 -37.22
CA GLU B 66 30.97 -25.02 -37.94
C GLU B 66 31.83 -23.79 -37.69
N TRP B 67 32.89 -23.94 -36.92
CA TRP B 67 33.69 -22.81 -36.47
C TRP B 67 35.08 -22.86 -37.10
N GLY B 68 35.35 -21.98 -38.06
CA GLY B 68 36.52 -22.15 -38.90
C GLY B 68 36.36 -23.52 -39.52
N THR B 69 37.37 -24.37 -39.36
CA THR B 69 37.15 -25.78 -39.62
C THR B 69 37.15 -26.48 -38.27
N LEU B 70 35.96 -26.65 -37.72
CA LEU B 70 35.76 -27.27 -36.42
C LEU B 70 34.29 -27.58 -36.31
N GLU B 71 33.92 -28.50 -35.43
CA GLU B 71 32.51 -28.74 -35.16
C GLU B 71 32.21 -28.53 -33.68
N LEU B 72 31.29 -27.62 -33.40
CA LEU B 72 30.93 -27.27 -32.04
C LEU B 72 29.50 -27.68 -31.74
N PRO B 73 29.33 -28.66 -30.84
CA PRO B 73 27.99 -29.09 -30.44
C PRO B 73 27.28 -28.03 -29.62
N LEU B 74 26.01 -27.77 -29.94
CA LEU B 74 25.20 -26.88 -29.13
C LEU B 74 24.18 -27.68 -28.33
N SER B 75 24.08 -27.38 -27.04
CA SER B 75 23.08 -28.01 -26.19
C SER B 75 21.90 -27.06 -25.98
N ALA B 76 20.90 -27.52 -25.24
CA ALA B 76 19.77 -26.67 -24.92
C ALA B 76 20.16 -25.69 -23.83
N THR B 77 19.59 -24.49 -23.87
CA THR B 77 19.97 -23.44 -22.92
C THR B 77 19.15 -23.54 -21.64
N GLY B 92 23.06 -6.34 -18.14
CA GLY B 92 21.61 -6.52 -18.06
C GLY B 92 21.14 -7.80 -18.71
N HIS B 93 19.90 -8.20 -18.39
CA HIS B 93 19.32 -9.43 -18.93
C HIS B 93 17.85 -9.23 -19.24
N LEU B 94 17.35 -9.96 -20.23
CA LEU B 94 15.93 -9.90 -20.57
C LEU B 94 15.07 -10.53 -19.47
N SER B 95 13.84 -10.05 -19.35
CA SER B 95 12.90 -10.67 -18.43
C SER B 95 12.46 -12.01 -19.02
N GLU B 96 11.94 -12.89 -18.15
CA GLU B 96 11.54 -14.22 -18.60
C GLU B 96 10.44 -14.12 -19.66
N ALA B 97 9.49 -13.22 -19.44
CA ALA B 97 8.41 -13.01 -20.40
C ALA B 97 8.98 -12.52 -21.74
N GLN B 98 9.95 -11.61 -21.66
CA GLN B 98 10.58 -11.04 -22.84
C GLN B 98 11.42 -12.07 -23.60
N ALA B 99 12.17 -12.88 -22.86
CA ALA B 99 13.04 -13.87 -23.48
C ALA B 99 12.24 -14.93 -24.23
N LYS B 100 11.13 -15.38 -23.63
CA LYS B 100 10.30 -16.41 -24.24
C LYS B 100 9.63 -15.92 -25.53
N SER B 101 9.31 -14.63 -25.57
CA SER B 101 8.73 -14.04 -26.77
C SER B 101 9.73 -14.07 -27.92
N LEU B 102 11.01 -14.15 -27.58
CA LEU B 102 12.07 -14.25 -28.57
C LEU B 102 12.46 -15.71 -28.82
N GLY B 103 11.74 -16.62 -28.18
CA GLY B 103 11.96 -18.05 -28.39
C GLY B 103 13.04 -18.68 -27.53
N ALA B 104 13.22 -18.16 -26.32
CA ALA B 104 14.23 -18.68 -25.39
C ALA B 104 13.98 -20.14 -25.01
N ASP B 105 12.75 -20.61 -25.22
CA ASP B 105 12.43 -22.00 -24.93
C ASP B 105 13.06 -22.93 -25.95
N GLY B 106 13.24 -22.44 -27.17
CA GLY B 106 13.87 -23.21 -28.23
C GLY B 106 15.32 -22.83 -28.45
N ALA B 107 15.93 -22.25 -27.42
CA ALA B 107 17.28 -21.71 -27.53
C ALA B 107 18.37 -22.77 -27.43
N TRP B 108 19.44 -22.57 -28.18
CA TRP B 108 20.62 -23.39 -28.07
C TRP B 108 21.82 -22.47 -27.88
N SER B 109 22.91 -22.98 -27.35
CA SER B 109 24.10 -22.17 -27.18
C SER B 109 25.37 -23.00 -27.08
N VAL B 110 26.50 -22.36 -27.34
CA VAL B 110 27.80 -22.95 -27.12
C VAL B 110 28.82 -21.86 -26.82
N GLN B 111 29.76 -22.14 -25.94
CA GLN B 111 30.90 -21.25 -25.77
C GLN B 111 31.98 -21.72 -26.72
N THR B 112 32.54 -20.78 -27.48
CA THR B 112 33.49 -21.13 -28.52
C THR B 112 34.90 -21.06 -27.94
N PRO B 113 35.92 -21.48 -28.70
CA PRO B 113 37.29 -21.26 -28.21
C PRO B 113 37.70 -19.79 -28.32
N PRO B 114 38.76 -19.38 -27.61
CA PRO B 114 39.27 -18.02 -27.72
C PRO B 114 39.50 -17.60 -29.17
N LEU B 115 39.11 -16.39 -29.53
CA LEU B 115 39.29 -15.92 -30.90
C LEU B 115 40.60 -15.15 -31.03
N ALA B 116 41.60 -15.77 -31.65
CA ALA B 116 42.85 -15.10 -31.94
C ALA B 116 42.91 -14.56 -33.37
N GLU B 117 41.97 -15.02 -34.19
CA GLU B 117 41.95 -14.65 -35.60
C GLU B 117 40.51 -14.63 -36.10
N PRO B 118 40.25 -13.88 -37.19
CA PRO B 118 38.91 -13.87 -37.79
C PRO B 118 38.42 -15.28 -38.11
N VAL B 119 37.13 -15.51 -37.93
CA VAL B 119 36.54 -16.82 -38.15
C VAL B 119 35.19 -16.72 -38.85
N LYS B 120 35.02 -17.47 -39.92
CA LYS B 120 33.71 -17.60 -40.56
C LYS B 120 33.02 -18.82 -39.95
N TYR B 121 31.72 -18.70 -39.71
CA TYR B 121 30.99 -19.78 -39.05
C TYR B 121 29.55 -19.88 -39.50
N ARG B 122 28.95 -21.04 -39.25
CA ARG B 122 27.52 -21.25 -39.49
C ARG B 122 27.01 -22.43 -38.66
N PHE B 123 25.72 -22.71 -38.79
CA PHE B 123 25.08 -23.72 -37.96
C PHE B 123 24.34 -24.75 -38.80
N HIS B 124 24.45 -26.02 -38.39
CA HIS B 124 23.71 -27.09 -39.02
C HIS B 124 22.75 -27.71 -38.00
N ALA B 125 21.49 -27.86 -38.37
CA ALA B 125 20.49 -28.39 -37.45
C ALA B 125 19.80 -29.63 -38.03
N HIS B 126 19.37 -30.54 -37.16
CA HIS B 126 18.72 -31.77 -37.58
C HIS B 126 17.47 -32.07 -36.77
N ARG B 127 16.34 -32.19 -37.46
CA ARG B 127 15.14 -32.75 -36.85
C ARG B 127 14.77 -34.05 -37.57
N GLY B 128 14.95 -35.16 -36.87
CA GLY B 128 14.81 -36.46 -37.48
C GLY B 128 15.83 -36.62 -38.60
N GLY B 129 15.37 -37.01 -39.77
CA GLY B 129 16.24 -37.14 -40.93
C GLY B 129 16.46 -35.81 -41.62
N ALA B 130 15.53 -34.89 -41.40
CA ALA B 130 15.60 -33.57 -42.02
C ALA B 130 16.79 -32.78 -41.49
N ALA B 131 17.26 -31.84 -42.31
CA ALA B 131 18.32 -30.93 -41.90
C ALA B 131 18.22 -29.55 -42.54
N GLU B 132 18.56 -28.50 -41.81
CA GLU B 132 18.65 -27.15 -42.37
C GLU B 132 19.97 -26.52 -41.94
N SER B 133 20.55 -25.72 -42.79
CA SER B 133 21.77 -25.01 -42.45
C SER B 133 21.61 -23.50 -42.67
N THR B 134 22.40 -22.72 -41.98
CA THR B 134 22.27 -21.28 -42.08
C THR B 134 23.48 -20.69 -42.78
N GLU B 135 23.30 -19.51 -43.36
CA GLU B 135 24.35 -18.88 -44.13
C GLU B 135 25.56 -18.60 -43.25
N TRP B 136 26.71 -18.42 -43.87
CA TRP B 136 27.93 -18.17 -43.14
C TRP B 136 27.91 -16.80 -42.47
N PHE B 137 28.39 -16.77 -41.22
CA PHE B 137 28.60 -15.52 -40.52
C PHE B 137 30.09 -15.39 -40.30
N GLU B 138 30.57 -14.17 -40.12
CA GLU B 138 31.97 -13.99 -39.78
C GLU B 138 32.10 -13.08 -38.58
N VAL B 139 33.17 -13.29 -37.82
CA VAL B 139 33.47 -12.43 -36.69
C VAL B 139 34.98 -12.23 -36.62
N SER B 140 35.40 -11.00 -36.35
CA SER B 140 36.81 -10.72 -36.28
C SER B 140 37.16 -10.14 -34.91
N PRO B 141 38.29 -10.58 -34.35
CA PRO B 141 38.72 -10.11 -33.04
C PRO B 141 39.27 -8.69 -33.13
N ALA B 142 39.22 -7.95 -32.03
CA ALA B 142 39.72 -6.59 -32.04
C ALA B 142 40.63 -6.35 -30.85
N VAL B 143 41.62 -5.49 -31.02
CA VAL B 143 42.50 -5.12 -29.92
C VAL B 143 42.58 -3.61 -29.78
N TRP B 144 43.00 -3.17 -28.61
CA TRP B 144 43.27 -1.77 -28.38
C TRP B 144 44.73 -1.49 -28.70
N THR B 145 44.97 -0.42 -29.46
CA THR B 145 46.33 -0.03 -29.79
C THR B 145 46.53 1.46 -29.71
N ALA B 146 47.77 1.88 -29.47
CA ALA B 146 48.10 3.30 -29.37
C ALA B 146 48.50 3.83 -30.74
N ASP B 147 48.41 2.99 -31.76
CA ASP B 147 48.78 3.38 -33.11
C ASP B 147 47.85 4.47 -33.62
N GLY B 148 48.31 5.21 -34.63
CA GLY B 148 47.65 6.43 -35.08
C GLY B 148 46.54 6.19 -36.08
N VAL B 149 45.94 5.01 -36.00
CA VAL B 149 44.89 4.59 -36.94
C VAL B 149 43.65 5.48 -36.91
N GLY B 150 43.60 6.40 -35.94
CA GLY B 150 42.49 7.34 -35.84
C GLY B 150 42.94 8.65 -35.23
N GLU B 151 42.02 9.61 -35.14
CA GLU B 151 42.38 10.94 -34.66
C GLU B 151 41.33 11.54 -33.71
N VAL B 152 41.81 12.08 -32.59
CA VAL B 152 40.95 12.82 -31.67
C VAL B 152 41.25 14.32 -31.78
N ARG B 153 40.23 15.08 -32.18
CA ARG B 153 40.42 16.50 -32.47
C ARG B 153 39.75 17.42 -31.46
N GLY B 154 40.50 18.41 -30.99
CA GLY B 154 39.91 19.51 -30.25
C GLY B 154 40.13 19.51 -28.76
N GLY B 155 40.63 18.39 -28.24
CA GLY B 155 40.77 18.24 -26.80
C GLY B 155 41.93 18.99 -26.18
N GLY B 156 42.82 19.51 -27.02
CA GLY B 156 43.97 20.26 -26.55
C GLY B 156 44.87 19.47 -25.62
N GLU B 157 45.32 20.13 -24.56
CA GLU B 157 46.33 19.55 -23.67
C GLU B 157 45.74 18.61 -22.62
N ARG B 158 44.42 18.61 -22.51
CA ARG B 158 43.76 17.81 -21.47
C ARG B 158 43.60 16.35 -21.86
N VAL B 159 43.75 16.06 -23.14
CA VAL B 159 43.62 14.69 -23.61
C VAL B 159 44.94 13.92 -23.46
N ARG B 160 44.83 12.66 -23.04
CA ARG B 160 45.98 11.80 -22.83
C ARG B 160 45.59 10.35 -23.08
N GLY B 161 46.55 9.50 -23.40
CA GLY B 161 46.32 8.08 -23.55
C GLY B 161 45.25 7.71 -24.57
N VAL B 162 45.32 8.34 -25.74
CA VAL B 162 44.41 8.01 -26.83
C VAL B 162 44.71 6.63 -27.37
N GLU B 163 43.68 5.82 -27.59
CA GLU B 163 43.88 4.54 -28.24
C GLU B 163 42.67 4.16 -29.08
N TRP B 164 42.76 3.04 -29.79
CA TRP B 164 41.75 2.70 -30.78
C TRP B 164 41.50 1.20 -30.83
N LEU B 165 40.23 0.82 -30.98
CA LEU B 165 39.84 -0.57 -31.03
C LEU B 165 39.71 -0.99 -32.48
N VAL B 166 40.60 -1.89 -32.92
CA VAL B 166 40.70 -2.21 -34.33
C VAL B 166 40.57 -3.70 -34.62
N SER B 167 39.86 -4.01 -35.70
CA SER B 167 39.77 -5.38 -36.20
C SER B 167 40.16 -5.37 -37.67
N SER B 168 40.03 -6.52 -38.32
CA SER B 168 40.30 -6.60 -39.75
C SER B 168 39.27 -5.80 -40.53
N GLN B 169 38.15 -5.46 -39.90
CA GLN B 169 37.09 -4.73 -40.57
C GLN B 169 37.19 -3.22 -40.43
N GLY B 170 38.06 -2.75 -39.54
CA GLY B 170 38.23 -1.32 -39.37
C GLY B 170 38.53 -0.88 -37.95
N VAL B 171 38.34 0.42 -37.70
CA VAL B 171 38.46 0.98 -36.37
C VAL B 171 37.08 1.18 -35.78
N HIS B 172 36.74 0.37 -34.79
CA HIS B 172 35.39 0.34 -34.23
C HIS B 172 35.12 1.44 -33.20
N ARG B 173 36.06 1.65 -32.30
CA ARG B 173 35.87 2.59 -31.20
C ARG B 173 37.11 3.42 -30.92
N GLY B 174 36.89 4.67 -30.54
CA GLY B 174 37.94 5.48 -29.97
C GLY B 174 37.88 5.49 -28.46
N ARG B 175 39.02 5.69 -27.81
CA ARG B 175 39.06 5.84 -26.37
C ARG B 175 40.17 6.80 -25.96
N PHE B 176 39.88 7.67 -24.99
CA PHE B 176 40.89 8.62 -24.51
C PHE B 176 40.62 9.02 -23.07
N ARG B 177 41.62 9.63 -22.45
CA ARG B 177 41.49 10.05 -21.06
C ARG B 177 41.59 11.56 -20.90
N LEU B 178 40.69 12.13 -20.11
CA LEU B 178 40.72 13.55 -19.82
C LEU B 178 41.25 13.80 -18.42
N GLN B 179 42.21 14.70 -18.31
CA GLN B 179 42.84 15.01 -17.04
C GLN B 179 41.89 15.73 -16.10
N LEU B 180 41.86 15.30 -14.85
CA LEU B 180 41.04 15.95 -13.82
C LEU B 180 41.94 16.42 -12.68
N GLN B 181 41.43 17.35 -11.88
CA GLN B 181 42.16 17.79 -10.71
C GLN B 181 41.42 17.38 -9.45
N ASP B 182 42.02 17.66 -8.30
CA ASP B 182 41.39 17.32 -7.04
C ASP B 182 40.29 18.33 -6.74
N GLY B 183 39.19 17.83 -6.20
CA GLY B 183 38.04 18.66 -5.92
C GLY B 183 37.09 18.73 -7.10
N ASP B 184 37.51 18.17 -8.23
CA ASP B 184 36.69 18.23 -9.44
C ASP B 184 35.49 17.31 -9.35
N ARG B 185 34.36 17.82 -9.81
CA ARG B 185 33.15 17.01 -9.95
C ARG B 185 32.77 16.91 -11.42
N LEU B 186 32.08 15.83 -11.77
CA LEU B 186 31.55 15.67 -13.11
C LEU B 186 30.03 15.76 -13.03
N VAL B 187 29.46 16.83 -13.57
CA VAL B 187 28.03 17.03 -13.54
C VAL B 187 27.51 17.30 -14.93
N GLY B 188 26.50 16.55 -15.37
CA GLY B 188 26.17 16.57 -16.77
C GLY B 188 25.54 15.30 -17.27
N PHE B 189 25.83 15.00 -18.53
CA PHE B 189 25.46 13.77 -19.19
C PHE B 189 23.97 13.68 -19.43
N GLY B 190 23.33 14.83 -19.55
CA GLY B 190 21.90 14.86 -19.75
C GLY B 190 21.17 14.68 -18.44
N GLU B 191 20.04 13.96 -18.49
CA GLU B 191 19.20 13.76 -17.33
C GLU B 191 19.60 12.49 -16.59
N ARG B 192 20.14 12.63 -15.39
CA ARG B 192 20.63 11.49 -14.63
C ARG B 192 19.83 11.33 -13.34
N TYR B 193 19.43 10.09 -13.07
CA TYR B 193 18.61 9.83 -11.90
C TYR B 193 19.37 9.28 -10.68
N ASP B 194 20.60 8.81 -10.86
CA ASP B 194 21.35 8.27 -9.72
C ASP B 194 22.12 9.29 -8.90
N ALA B 195 22.85 10.20 -9.55
CA ALA B 195 23.71 11.13 -8.83
C ALA B 195 23.99 12.42 -9.59
N LEU B 196 24.13 13.52 -8.85
CA LEU B 196 24.49 14.79 -9.44
C LEU B 196 25.94 14.75 -9.93
N ASP B 197 26.84 14.35 -9.04
CA ASP B 197 28.23 14.15 -9.37
C ASP B 197 28.43 12.72 -9.87
N GLN B 198 28.97 12.59 -11.08
CA GLN B 198 29.19 11.29 -11.68
C GLN B 198 30.62 10.79 -11.50
N ARG B 199 31.47 11.57 -10.85
CA ARG B 199 32.87 11.18 -10.73
C ARG B 199 32.99 9.89 -9.91
N GLY B 200 33.80 8.97 -10.43
CA GLY B 200 34.00 7.70 -9.77
C GLY B 200 33.06 6.61 -10.27
N ARG B 201 32.13 6.98 -11.14
CA ARG B 201 31.14 6.03 -11.61
C ARG B 201 31.42 5.54 -13.02
N GLU B 202 30.57 4.61 -13.47
CA GLU B 202 30.56 4.16 -14.85
C GLU B 202 29.17 4.39 -15.41
N LEU B 203 29.11 5.01 -16.58
CA LEU B 203 27.84 5.30 -17.21
C LEU B 203 28.00 5.37 -18.71
N ASP B 204 26.91 5.57 -19.41
CA ASP B 204 26.97 5.69 -20.86
C ASP B 204 25.88 6.63 -21.34
N ALA B 205 26.00 7.09 -22.58
CA ALA B 205 24.95 7.91 -23.15
C ALA B 205 24.31 7.20 -24.32
N VAL B 206 23.11 6.69 -24.09
CA VAL B 206 22.31 6.13 -25.16
C VAL B 206 20.86 6.28 -24.76
N VAL B 207 20.01 6.63 -25.73
CA VAL B 207 18.59 6.81 -25.44
C VAL B 207 17.95 5.46 -25.17
N PHE B 208 17.27 5.33 -24.03
CA PHE B 208 16.64 4.07 -23.67
C PHE B 208 15.42 4.26 -22.79
N GLU B 209 14.38 3.47 -23.00
CA GLU B 209 13.27 3.52 -22.07
C GLU B 209 13.49 2.49 -20.97
N GLN B 210 13.76 2.99 -19.78
CA GLN B 210 13.81 2.16 -18.60
C GLN B 210 12.51 2.38 -17.86
N TYR B 211 11.64 1.40 -17.83
CA TYR B 211 10.37 1.62 -17.21
C TYR B 211 10.48 1.47 -15.71
N LYS B 212 10.38 2.62 -15.07
CA LYS B 212 10.62 2.90 -13.66
C LYS B 212 12.03 2.60 -13.25
N ALA B 213 12.37 2.97 -12.03
CA ALA B 213 13.65 2.69 -11.38
C ALA B 213 14.85 3.10 -12.17
N GLN B 214 14.76 4.23 -12.81
CA GLN B 214 15.86 4.72 -13.63
C GLN B 214 17.15 4.92 -12.84
N GLY B 215 17.03 5.49 -11.65
CA GLY B 215 18.19 5.72 -10.81
C GLY B 215 18.90 4.44 -10.41
N VAL B 216 18.12 3.39 -10.15
CA VAL B 216 18.68 2.10 -9.75
C VAL B 216 19.54 1.54 -10.86
N HIS B 217 19.05 1.61 -12.08
CA HIS B 217 19.76 1.06 -13.23
C HIS B 217 20.83 2.00 -13.79
N GLY B 218 20.71 3.28 -13.49
CA GLY B 218 21.63 4.25 -14.05
C GLY B 218 21.42 4.42 -15.54
N ARG B 219 20.17 4.48 -15.96
CA ARG B 219 19.84 4.70 -17.36
C ARG B 219 18.98 5.96 -17.49
N THR B 220 18.68 6.38 -18.70
CA THR B 220 17.89 7.60 -18.89
C THR B 220 17.21 7.68 -20.25
N TYR B 221 16.13 8.45 -20.32
CA TYR B 221 15.47 8.72 -21.59
C TYR B 221 16.20 9.81 -22.35
N LEU B 222 17.00 10.60 -21.63
CA LEU B 222 17.57 11.81 -22.18
C LEU B 222 19.04 11.98 -21.82
N PRO B 223 19.91 11.17 -22.42
CA PRO B 223 21.37 11.30 -22.23
C PRO B 223 21.97 12.41 -23.09
N MET B 224 23.13 12.91 -22.69
CA MET B 224 23.92 13.76 -23.57
C MET B 224 25.40 13.46 -23.36
N PRO B 225 26.19 13.45 -24.44
CA PRO B 225 27.64 13.28 -24.28
C PRO B 225 28.31 14.60 -23.92
N PHE B 226 27.84 15.22 -22.83
CA PHE B 226 28.34 16.51 -22.36
C PHE B 226 28.39 16.53 -20.84
N ALA B 227 29.38 17.20 -20.27
CA ALA B 227 29.42 17.33 -18.83
C ALA B 227 30.24 18.54 -18.38
N HIS B 228 29.98 18.98 -17.15
CA HIS B 228 30.79 20.00 -16.51
C HIS B 228 31.93 19.35 -15.75
N VAL B 229 33.10 19.98 -15.79
CA VAL B 229 34.19 19.61 -14.89
C VAL B 229 34.42 20.77 -13.95
N VAL B 230 34.07 20.59 -12.68
CA VAL B 230 33.90 21.73 -11.79
C VAL B 230 34.37 21.48 -10.36
N GLY B 231 34.91 22.51 -9.73
CA GLY B 231 35.17 22.52 -8.31
C GLY B 231 36.63 22.49 -7.88
N ALA B 232 37.52 22.14 -8.80
CA ALA B 232 38.94 22.24 -8.51
C ALA B 232 39.30 23.71 -8.32
N ASP B 233 40.40 23.97 -7.62
CA ASP B 233 40.88 25.33 -7.49
C ASP B 233 41.15 25.88 -8.88
N GLY B 234 40.66 27.08 -9.14
CA GLY B 234 40.79 27.67 -10.45
C GLY B 234 39.59 27.38 -11.31
N ASN B 235 39.51 28.07 -12.44
CA ASN B 235 38.35 28.03 -13.31
C ASN B 235 38.06 26.65 -13.84
N GLY B 236 36.77 26.34 -14.00
CA GLY B 236 36.35 25.06 -14.50
C GLY B 236 36.19 25.07 -16.01
N TRP B 237 35.60 23.99 -16.52
CA TRP B 237 35.42 23.82 -17.95
C TRP B 237 34.35 22.77 -18.20
N GLY B 238 34.18 22.39 -19.46
CA GLY B 238 33.24 21.37 -19.84
C GLY B 238 33.62 20.78 -21.17
N PHE B 239 32.95 19.70 -21.57
CA PHE B 239 33.26 19.07 -22.85
C PHE B 239 32.02 18.54 -23.53
N HIS B 240 32.07 18.50 -24.85
CA HIS B 240 31.03 17.86 -25.63
C HIS B 240 31.66 16.96 -26.68
N VAL B 241 31.40 15.67 -26.57
CA VAL B 241 31.80 14.74 -27.62
C VAL B 241 30.78 14.87 -28.73
N ARG B 242 31.21 15.28 -29.93
CA ARG B 242 30.18 15.51 -30.94
C ARG B 242 29.98 14.23 -31.70
N THR B 243 28.97 13.49 -31.26
CA THR B 243 28.54 12.26 -31.89
C THR B 243 27.13 11.99 -31.44
N SER B 244 26.32 11.41 -32.31
CA SER B 244 25.03 10.91 -31.87
C SER B 244 25.13 9.41 -31.62
N ARG B 245 26.34 8.86 -31.79
CA ARG B 245 26.56 7.45 -31.50
C ARG B 245 26.75 7.24 -30.01
N ARG B 246 26.87 5.99 -29.62
CA ARG B 246 26.95 5.65 -28.20
C ARG B 246 28.31 6.04 -27.62
N THR B 247 28.30 6.47 -26.36
CA THR B 247 29.54 6.77 -25.66
C THR B 247 29.51 6.18 -24.26
N TRP B 248 30.68 5.85 -23.73
CA TRP B 248 30.81 5.27 -22.41
C TRP B 248 31.74 6.12 -21.57
N TYR B 249 31.54 6.12 -20.26
CA TYR B 249 32.33 6.98 -19.39
C TYR B 249 32.71 6.27 -18.11
N SER B 250 33.96 6.44 -17.70
CA SER B 250 34.43 5.94 -16.43
C SER B 250 35.51 6.87 -15.91
N SER B 251 35.53 7.10 -14.61
CA SER B 251 36.52 8.01 -14.06
C SER B 251 37.20 7.40 -12.85
N ALA B 252 38.52 7.53 -12.81
CA ALA B 252 39.31 7.04 -11.70
C ALA B 252 40.48 7.98 -11.47
N GLY B 253 40.85 8.16 -10.20
CA GLY B 253 41.93 9.06 -9.85
C GLY B 253 41.71 10.44 -10.46
N ASN B 254 42.75 10.94 -11.12
CA ASN B 254 42.70 12.23 -11.78
C ASN B 254 42.37 12.14 -13.27
N GLU B 255 41.99 10.96 -13.75
CA GLU B 255 41.63 10.81 -15.16
C GLU B 255 40.18 10.39 -15.39
N LEU B 256 39.55 11.00 -16.39
CA LEU B 256 38.25 10.56 -16.87
C LEU B 256 38.40 9.86 -18.21
N THR B 257 37.94 8.62 -18.29
CA THR B 257 38.07 7.86 -19.52
C THR B 257 36.80 7.95 -20.34
N VAL B 258 36.95 8.28 -21.61
CA VAL B 258 35.82 8.39 -22.53
C VAL B 258 35.97 7.38 -23.66
N GLU B 259 34.92 6.62 -23.91
CA GLU B 259 34.91 5.66 -25.02
C GLU B 259 33.84 6.05 -26.01
N VAL B 260 34.19 6.03 -27.29
CA VAL B 260 33.27 6.47 -28.34
C VAL B 260 33.16 5.45 -29.45
N ALA B 261 31.93 5.10 -29.80
CA ALA B 261 31.67 4.25 -30.96
C ALA B 261 31.86 5.08 -32.23
N LEU B 262 32.57 4.54 -33.21
CA LEU B 262 32.85 5.30 -34.41
C LEU B 262 32.00 4.87 -35.61
N GLY B 263 32.14 5.62 -36.69
CA GLY B 263 31.57 5.27 -37.98
C GLY B 263 32.68 4.87 -38.92
N ASP B 264 32.44 5.05 -40.22
CA ASP B 264 33.46 4.79 -41.23
C ASP B 264 34.72 5.60 -40.99
N GLU B 265 34.54 6.86 -40.57
CA GLU B 265 35.67 7.74 -40.35
C GLU B 265 36.16 7.65 -38.91
N PRO B 266 37.42 7.22 -38.73
CA PRO B 266 38.04 7.08 -37.40
C PRO B 266 38.44 8.41 -36.78
N VAL B 267 37.49 9.31 -36.63
CA VAL B 267 37.76 10.63 -36.06
C VAL B 267 36.81 10.94 -34.91
N VAL B 268 37.36 11.43 -33.80
CA VAL B 268 36.56 11.89 -32.68
C VAL B 268 36.68 13.39 -32.51
N ASP B 269 35.58 14.11 -32.71
CA ASP B 269 35.57 15.56 -32.57
C ASP B 269 35.15 15.98 -31.17
N LEU B 270 36.10 16.56 -30.44
CA LEU B 270 35.89 16.93 -29.05
C LEU B 270 35.85 18.44 -28.87
N ALA B 271 34.76 18.95 -28.31
CA ALA B 271 34.64 20.37 -28.04
C ALA B 271 35.00 20.65 -26.58
N ILE B 272 35.69 21.76 -26.34
CA ILE B 272 36.04 22.16 -25.00
C ILE B 272 35.54 23.58 -24.73
N TYR B 273 34.85 23.77 -23.61
CA TYR B 273 34.37 25.09 -23.23
C TYR B 273 35.02 25.51 -21.92
N GLU B 274 35.38 26.78 -21.80
CA GLU B 274 36.11 27.26 -20.64
C GLU B 274 35.30 28.31 -19.88
N GLY B 275 35.67 28.52 -18.62
CA GLY B 275 35.00 29.49 -17.78
C GLY B 275 34.11 28.89 -16.70
N ASP B 276 33.31 29.74 -16.06
CA ASP B 276 32.46 29.30 -14.98
C ASP B 276 31.32 28.46 -15.57
N PRO B 277 30.61 27.70 -14.72
CA PRO B 277 29.61 26.75 -15.23
C PRO B 277 28.61 27.33 -16.23
N ALA B 278 28.12 28.54 -15.97
CA ALA B 278 27.17 29.16 -16.89
C ALA B 278 27.83 29.43 -18.23
N THR B 279 29.07 29.90 -18.20
CA THR B 279 29.82 30.20 -19.41
C THR B 279 30.04 28.93 -20.21
N VAL B 280 30.42 27.87 -19.51
CA VAL B 280 30.60 26.57 -20.10
C VAL B 280 29.32 26.10 -20.79
N LEU B 281 28.19 26.30 -20.12
CA LEU B 281 26.90 25.91 -20.66
C LEU B 281 26.58 26.71 -21.92
N THR B 282 26.92 27.99 -21.89
CA THR B 282 26.71 28.87 -23.05
C THR B 282 27.44 28.37 -24.29
N GLY B 283 28.70 27.99 -24.12
CA GLY B 283 29.46 27.40 -25.21
C GLY B 283 28.76 26.18 -25.78
N PHE B 284 28.24 25.35 -24.89
CA PHE B 284 27.50 24.17 -25.28
C PHE B 284 26.20 24.53 -26.01
N LEU B 285 25.39 25.38 -25.41
CA LEU B 285 24.09 25.69 -25.98
C LEU B 285 24.18 26.55 -27.25
N ASP B 286 25.24 27.35 -27.37
CA ASP B 286 25.48 28.08 -28.61
C ASP B 286 25.68 27.09 -29.75
N GLU B 287 26.43 26.04 -29.48
CA GLU B 287 26.70 25.02 -30.46
C GLU B 287 25.47 24.15 -30.75
N VAL B 288 24.86 23.59 -29.72
CA VAL B 288 23.85 22.56 -29.93
C VAL B 288 22.38 23.01 -29.86
N GLY B 289 22.13 24.26 -29.50
CA GLY B 289 20.77 24.73 -29.36
C GLY B 289 20.33 25.04 -27.93
N ARG B 290 19.32 25.89 -27.82
CA ARG B 290 18.93 26.51 -26.57
C ARG B 290 17.42 26.68 -26.54
N ALA B 291 16.85 26.77 -25.34
CA ALA B 291 15.42 26.99 -25.19
C ALA B 291 14.99 28.35 -25.74
N GLU B 292 13.75 28.40 -26.21
CA GLU B 292 13.11 29.66 -26.53
C GLU B 292 12.03 29.89 -25.48
N GLU B 293 11.69 31.14 -25.22
CA GLU B 293 10.77 31.45 -24.13
C GLU B 293 9.36 30.99 -24.42
N LEU B 294 8.81 30.18 -23.51
CA LEU B 294 7.45 29.69 -23.60
C LEU B 294 6.52 30.63 -22.84
N PRO B 295 5.22 30.61 -23.17
CA PRO B 295 4.26 31.47 -22.45
C PRO B 295 4.22 31.11 -20.98
N GLY B 296 3.94 32.11 -20.14
CA GLY B 296 3.97 31.92 -18.70
C GLY B 296 2.97 30.95 -18.13
N TRP B 297 1.95 30.57 -18.90
CA TRP B 297 0.92 29.69 -18.38
C TRP B 297 1.48 28.30 -18.11
N VAL B 298 2.62 27.97 -18.69
CA VAL B 298 3.19 26.65 -18.45
C VAL B 298 3.67 26.51 -17.00
N PHE B 299 3.74 27.63 -16.29
CA PHE B 299 4.21 27.63 -14.91
C PHE B 299 3.07 27.44 -13.93
N ARG B 300 1.86 27.31 -14.44
CA ARG B 300 0.73 26.98 -13.60
C ARG B 300 0.66 25.47 -13.44
N LEU B 301 -0.27 24.99 -12.63
CA LEU B 301 -0.37 23.56 -12.33
C LEU B 301 -0.90 22.74 -13.50
N TRP B 302 -0.17 21.68 -13.87
CA TRP B 302 -0.67 20.74 -14.87
C TRP B 302 -1.38 19.56 -14.20
N ALA B 303 -2.62 19.30 -14.60
CA ALA B 303 -3.40 18.17 -14.09
C ALA B 303 -3.48 17.06 -15.13
N SER B 304 -3.28 15.82 -14.71
CA SER B 304 -3.29 14.71 -15.65
C SER B 304 -3.69 13.40 -14.96
N GLY B 305 -4.37 12.52 -15.70
CA GLY B 305 -4.42 11.12 -15.35
C GLY B 305 -4.88 10.29 -16.52
N ASN B 306 -4.38 9.07 -16.63
CA ASN B 306 -4.50 8.35 -17.89
C ASN B 306 -5.89 7.78 -18.07
N GLU B 307 -6.60 7.62 -16.96
CA GLU B 307 -7.90 6.97 -16.99
C GLU B 307 -9.03 7.97 -17.19
N TRP B 308 -8.70 9.22 -17.50
CA TRP B 308 -9.75 10.10 -17.94
C TRP B 308 -9.81 9.95 -19.44
N ASN B 309 -10.70 9.06 -19.90
CA ASN B 309 -10.83 8.76 -21.32
C ASN B 309 -12.09 9.28 -21.98
N THR B 310 -12.91 10.01 -21.24
CA THR B 310 -14.14 10.55 -21.80
C THR B 310 -14.27 12.03 -21.54
N GLN B 311 -15.09 12.71 -22.34
CA GLN B 311 -15.36 14.11 -22.14
C GLN B 311 -15.98 14.34 -20.77
N GLN B 312 -16.89 13.46 -20.40
CA GLN B 312 -17.57 13.55 -19.13
C GLN B 312 -16.59 13.47 -17.96
N LEU B 313 -15.57 12.64 -18.10
CA LEU B 313 -14.55 12.47 -17.07
C LEU B 313 -13.64 13.70 -16.97
N VAL B 314 -13.08 14.12 -18.10
CA VAL B 314 -12.20 15.28 -18.11
C VAL B 314 -12.94 16.49 -17.56
N THR B 315 -14.20 16.63 -17.94
CA THR B 315 -15.02 17.73 -17.46
C THR B 315 -15.22 17.64 -15.96
N ALA B 316 -15.50 16.44 -15.48
CA ALA B 316 -15.75 16.22 -14.06
C ALA B 316 -14.54 16.56 -13.21
N ARG B 317 -13.38 16.08 -13.61
CA ARG B 317 -12.14 16.30 -12.88
C ARG B 317 -11.80 17.78 -12.80
N MET B 318 -12.03 18.50 -13.90
CA MET B 318 -11.76 19.92 -13.91
C MET B 318 -12.80 20.67 -13.09
N ASP B 319 -14.03 20.19 -13.13
CA ASP B 319 -15.08 20.83 -12.35
C ASP B 319 -14.78 20.71 -10.86
N THR B 320 -14.17 19.59 -10.46
CA THR B 320 -13.79 19.39 -9.08
C THR B 320 -12.69 20.39 -8.69
N HIS B 321 -11.71 20.58 -9.57
CA HIS B 321 -10.68 21.59 -9.37
C HIS B 321 -11.30 22.94 -9.04
N ARG B 322 -12.35 23.28 -9.78
CA ARG B 322 -13.07 24.54 -9.58
C ARG B 322 -13.86 24.56 -8.28
N ASP B 323 -14.59 23.48 -8.00
CA ASP B 323 -15.44 23.45 -6.82
C ASP B 323 -14.61 23.47 -5.54
N LEU B 324 -13.40 22.94 -5.62
CA LEU B 324 -12.50 22.91 -4.47
C LEU B 324 -11.55 24.10 -4.44
N ALA B 325 -11.66 24.97 -5.45
CA ALA B 325 -10.82 26.16 -5.58
C ALA B 325 -9.34 25.79 -5.60
N ILE B 326 -9.00 24.77 -6.38
CA ILE B 326 -7.61 24.41 -6.58
C ILE B 326 -7.21 24.82 -7.99
N PRO B 327 -6.42 25.89 -8.11
CA PRO B 327 -6.05 26.48 -9.40
C PRO B 327 -5.35 25.49 -10.30
N VAL B 328 -5.70 25.49 -11.58
CA VAL B 328 -5.06 24.62 -12.55
C VAL B 328 -4.94 25.35 -13.90
N GLY B 329 -3.78 25.28 -14.52
CA GLY B 329 -3.56 25.99 -15.77
C GLY B 329 -3.54 25.14 -17.03
N ALA B 330 -3.39 23.84 -16.87
CA ALA B 330 -3.31 22.97 -18.02
C ALA B 330 -3.84 21.59 -17.66
N VAL B 331 -4.52 20.96 -18.61
CA VAL B 331 -4.93 19.59 -18.44
C VAL B 331 -4.39 18.77 -19.60
N VAL B 332 -3.79 17.63 -19.27
CA VAL B 332 -3.35 16.70 -20.29
C VAL B 332 -4.38 15.60 -20.45
N ILE B 333 -4.73 15.31 -21.70
CA ILE B 333 -5.59 14.17 -21.99
C ILE B 333 -4.80 13.10 -22.71
N GLU B 334 -4.60 11.96 -22.05
CA GLU B 334 -3.81 10.88 -22.60
C GLU B 334 -4.65 9.95 -23.45
N ALA B 335 -5.66 9.30 -22.88
CA ALA B 335 -6.49 8.51 -23.78
C ALA B 335 -7.62 9.39 -24.27
N TRP B 336 -7.36 10.04 -25.40
CA TRP B 336 -8.34 10.86 -26.07
C TRP B 336 -8.78 10.25 -27.40
N SER B 337 -8.07 9.20 -27.82
CA SER B 337 -8.09 8.83 -29.23
C SER B 337 -8.69 7.46 -29.51
N ASP B 338 -8.73 7.11 -30.79
CA ASP B 338 -9.24 5.83 -31.25
C ASP B 338 -8.34 4.67 -30.83
N GLU B 339 -7.18 5.02 -30.27
CA GLU B 339 -6.18 4.07 -29.85
C GLU B 339 -5.67 3.22 -31.00
N GLN B 340 -5.73 3.77 -32.20
CA GLN B 340 -5.16 3.10 -33.36
C GLN B 340 -4.10 3.98 -34.01
N GLY B 341 -4.51 4.98 -34.76
CA GLY B 341 -3.59 5.90 -35.35
C GLY B 341 -3.13 6.95 -34.38
N ILE B 342 -3.92 7.14 -33.33
CA ILE B 342 -3.69 8.07 -32.28
C ILE B 342 -3.57 9.50 -32.75
N THR B 343 -4.47 9.87 -33.63
CA THR B 343 -4.49 11.20 -34.14
C THR B 343 -5.91 11.53 -34.40
N ILE B 344 -6.79 10.67 -33.96
CA ILE B 344 -8.24 10.95 -34.07
C ILE B 344 -9.03 10.75 -32.76
N TRP B 345 -9.96 11.65 -32.44
CA TRP B 345 -10.80 11.50 -31.24
C TRP B 345 -11.55 10.16 -31.24
N ARG B 346 -11.67 9.56 -30.08
CA ARG B 346 -12.41 8.33 -29.94
C ARG B 346 -13.90 8.44 -30.29
N ASP B 347 -14.34 7.51 -31.13
CA ASP B 347 -15.71 7.37 -31.55
C ASP B 347 -16.06 8.41 -32.58
N ALA B 348 -15.06 8.91 -33.25
CA ALA B 348 -15.27 9.91 -34.29
C ALA B 348 -15.74 9.25 -35.57
N VAL B 349 -16.82 9.79 -36.15
CA VAL B 349 -17.34 9.24 -37.39
C VAL B 349 -16.75 9.97 -38.60
N TYR B 350 -16.15 9.20 -39.50
CA TYR B 350 -15.51 9.76 -40.68
C TYR B 350 -15.38 8.72 -41.80
N ALA B 351 -15.14 9.22 -43.00
CA ALA B 351 -14.85 8.35 -44.14
C ALA B 351 -13.34 8.19 -44.29
N VAL B 352 -12.87 6.95 -44.27
CA VAL B 352 -11.45 6.67 -44.36
C VAL B 352 -10.86 7.09 -45.71
N THR B 353 -9.73 7.79 -45.68
CA THR B 353 -9.00 8.09 -46.90
C THR B 353 -7.98 7.00 -47.14
N GLU B 354 -8.20 6.20 -48.18
CA GLU B 354 -7.43 4.98 -48.39
C GLU B 354 -6.02 5.26 -48.89
N ASP B 355 -5.79 6.47 -49.40
CA ASP B 355 -4.46 6.85 -49.85
C ASP B 355 -3.55 7.21 -48.67
N GLY B 356 -4.14 7.29 -47.49
CA GLY B 356 -3.38 7.60 -46.29
C GLY B 356 -3.22 9.09 -46.08
N SER B 357 -4.02 9.87 -46.80
CA SER B 357 -3.97 11.32 -46.67
C SER B 357 -4.58 11.74 -45.35
N ALA B 358 -4.12 12.87 -44.84
CA ALA B 358 -4.61 13.41 -43.57
C ALA B 358 -6.05 13.87 -43.70
N HIS B 359 -6.73 13.99 -42.57
CA HIS B 359 -8.11 14.44 -42.54
C HIS B 359 -8.19 15.89 -42.12
N ARG B 360 -9.18 16.60 -42.67
CA ARG B 360 -9.47 17.94 -42.18
C ARG B 360 -10.56 17.81 -41.12
N ALA B 361 -10.94 18.92 -40.50
CA ALA B 361 -11.85 18.88 -39.38
C ALA B 361 -13.27 18.49 -39.79
N GLU B 362 -13.67 18.93 -40.98
CA GLU B 362 -15.04 18.71 -41.45
C GLU B 362 -15.33 17.24 -41.75
N ASP B 363 -14.28 16.45 -41.93
CA ASP B 363 -14.42 15.01 -42.15
C ASP B 363 -15.06 14.30 -40.96
N PHE B 364 -14.93 14.90 -39.78
CA PHE B 364 -15.40 14.25 -38.56
C PHE B 364 -16.75 14.77 -38.09
N SER B 365 -17.57 13.85 -37.61
CA SER B 365 -18.77 14.19 -36.86
C SER B 365 -18.72 13.43 -35.55
N TYR B 366 -19.42 13.94 -34.54
CA TYR B 366 -19.30 13.35 -33.21
C TYR B 366 -20.68 13.05 -32.61
N ARG B 367 -20.87 11.80 -32.21
CA ARG B 367 -22.16 11.34 -31.72
C ARG B 367 -22.38 11.74 -30.27
N PRO B 368 -23.65 11.97 -29.90
CA PRO B 368 -23.98 12.29 -28.51
C PRO B 368 -23.72 11.12 -27.56
N ASP B 369 -23.70 9.91 -28.09
CA ASP B 369 -23.43 8.73 -27.27
C ASP B 369 -21.96 8.33 -27.33
N GLY B 370 -21.16 9.13 -28.03
CA GLY B 370 -19.74 8.84 -28.14
C GLY B 370 -18.94 9.22 -26.91
N ALA B 371 -17.69 8.77 -26.85
CA ALA B 371 -16.80 9.11 -25.75
C ALA B 371 -16.56 10.62 -25.69
N TRP B 372 -16.42 11.23 -26.86
CA TRP B 372 -16.25 12.68 -26.96
C TRP B 372 -17.32 13.29 -27.86
N PRO B 373 -18.50 13.57 -27.29
CA PRO B 373 -19.64 14.12 -28.04
C PRO B 373 -19.37 15.49 -28.67
N ASP B 374 -18.76 16.41 -27.93
CA ASP B 374 -18.44 17.72 -28.47
C ASP B 374 -17.10 18.23 -27.95
N PRO B 375 -16.00 17.68 -28.48
CA PRO B 375 -14.65 18.00 -28.01
C PRO B 375 -14.32 19.48 -28.09
N LYS B 376 -14.89 20.19 -29.06
CA LYS B 376 -14.65 21.62 -29.19
C LYS B 376 -15.31 22.40 -28.06
N ALA B 377 -16.53 22.00 -27.68
CA ALA B 377 -17.23 22.70 -26.61
C ALA B 377 -16.48 22.54 -25.30
N MET B 378 -15.96 21.33 -25.09
CA MET B 378 -15.11 21.06 -23.93
C MET B 378 -13.91 22.01 -23.92
N ILE B 379 -13.07 21.91 -24.94
CA ILE B 379 -11.88 22.73 -25.06
C ILE B 379 -12.18 24.23 -24.97
N ASP B 380 -13.32 24.66 -25.51
CA ASP B 380 -13.70 26.06 -25.42
C ASP B 380 -13.99 26.47 -23.98
N GLU B 381 -14.65 25.59 -23.24
CA GLU B 381 -14.99 25.90 -21.85
C GLU B 381 -13.74 25.91 -20.98
N LEU B 382 -12.86 24.95 -21.18
CA LEU B 382 -11.60 24.91 -20.46
C LEU B 382 -10.76 26.15 -20.74
N HIS B 383 -10.74 26.58 -22.00
CA HIS B 383 -10.07 27.82 -22.37
C HIS B 383 -10.73 29.00 -21.69
N ALA B 384 -12.05 28.95 -21.59
CA ALA B 384 -12.80 30.02 -20.94
C ALA B 384 -12.47 30.10 -19.46
N ARG B 385 -12.10 28.96 -18.87
CA ARG B 385 -11.75 28.91 -17.45
C ARG B 385 -10.26 29.19 -17.25
N GLY B 386 -9.54 29.33 -18.35
CA GLY B 386 -8.12 29.62 -18.29
C GLY B 386 -7.25 28.38 -18.28
N ILE B 387 -7.82 27.27 -18.75
CA ILE B 387 -7.10 26.01 -18.75
C ILE B 387 -6.70 25.61 -20.16
N LYS B 388 -5.41 25.35 -20.35
CA LYS B 388 -4.89 24.85 -21.62
C LYS B 388 -5.14 23.35 -21.76
N VAL B 389 -5.14 22.87 -23.00
CA VAL B 389 -5.35 21.46 -23.28
C VAL B 389 -4.18 20.86 -24.05
N ILE B 390 -3.68 19.73 -23.58
CA ILE B 390 -2.57 19.03 -24.23
C ILE B 390 -2.98 17.60 -24.56
N LEU B 391 -2.67 17.14 -25.77
CA LEU B 391 -3.04 15.80 -26.19
C LEU B 391 -1.83 14.88 -26.33
N TRP B 392 -2.02 13.63 -25.96
CA TRP B 392 -0.95 12.65 -25.93
C TRP B 392 -0.57 12.20 -27.33
N GLN B 393 0.71 11.86 -27.52
CA GLN B 393 1.22 11.43 -28.82
C GLN B 393 2.27 10.37 -28.67
N ILE B 394 2.40 9.54 -29.70
CA ILE B 394 3.45 8.53 -29.76
C ILE B 394 3.95 8.49 -31.20
N PRO B 395 5.28 8.36 -31.39
CA PRO B 395 5.77 8.36 -32.77
C PRO B 395 5.77 6.95 -33.37
N LEU B 396 4.59 6.33 -33.38
CA LEU B 396 4.47 4.96 -33.85
C LEU B 396 3.19 4.75 -34.63
N GLN B 397 3.25 3.92 -35.67
CA GLN B 397 2.07 3.56 -36.43
C GLN B 397 1.81 2.07 -36.30
N LYS B 398 0.62 1.72 -35.81
CA LYS B 398 0.26 0.34 -35.56
C LYS B 398 0.04 -0.46 -36.83
N THR B 399 0.74 -1.60 -36.92
CA THR B 399 0.67 -2.46 -38.09
C THR B 399 -0.29 -3.64 -37.93
N GLU B 400 -0.96 -3.72 -36.79
CA GLU B 400 -1.68 -4.94 -36.44
C GLU B 400 -3.09 -5.02 -37.02
N PHE B 401 -3.55 -3.95 -37.64
CA PHE B 401 -4.89 -3.93 -38.21
C PHE B 401 -4.89 -4.13 -39.72
N SER B 402 -5.85 -4.92 -40.21
CA SER B 402 -5.98 -5.14 -41.64
C SER B 402 -6.73 -4.01 -42.33
N THR B 403 -7.64 -3.36 -41.59
CA THR B 403 -8.52 -2.36 -42.14
C THR B 403 -8.47 -1.06 -41.33
N GLY B 404 -9.05 0.00 -41.89
CA GLY B 404 -9.19 1.24 -41.17
C GLY B 404 -8.19 2.30 -41.60
N GLN B 405 -8.35 3.50 -41.04
CA GLN B 405 -7.44 4.60 -41.33
C GLN B 405 -6.03 4.25 -40.90
N VAL B 406 -5.92 3.53 -39.80
CA VAL B 406 -4.61 3.14 -39.28
C VAL B 406 -3.89 2.25 -40.29
N ALA B 407 -4.65 1.43 -41.00
CA ALA B 407 -4.06 0.51 -41.97
C ALA B 407 -3.68 1.23 -43.26
N ALA B 408 -4.53 2.15 -43.69
CA ALA B 408 -4.26 2.93 -44.89
C ALA B 408 -2.99 3.75 -44.72
N ASP B 409 -2.88 4.43 -43.58
CA ASP B 409 -1.74 5.29 -43.30
C ASP B 409 -0.46 4.49 -43.18
N ALA B 410 -0.57 3.31 -42.59
CA ALA B 410 0.58 2.40 -42.48
C ALA B 410 1.04 1.97 -43.86
N ALA B 411 0.07 1.74 -44.76
CA ALA B 411 0.35 1.40 -46.14
C ALA B 411 1.01 2.59 -46.84
N ALA B 412 0.47 3.77 -46.60
CA ALA B 412 1.00 4.99 -47.21
C ALA B 412 2.45 5.21 -46.82
N MET B 413 2.79 4.91 -45.57
CA MET B 413 4.15 5.12 -45.07
C MET B 413 5.16 4.31 -45.85
N VAL B 414 4.86 3.03 -46.03
CA VAL B 414 5.77 2.13 -46.72
C VAL B 414 5.85 2.49 -48.21
N ARG B 415 4.69 2.73 -48.79
CA ARG B 415 4.60 3.05 -50.21
C ARG B 415 5.27 4.38 -50.56
N ASP B 416 4.95 5.43 -49.81
CA ASP B 416 5.40 6.77 -50.12
C ASP B 416 6.69 7.13 -49.38
N GLY B 417 7.26 6.15 -48.69
CA GLY B 417 8.61 6.28 -48.12
C GLY B 417 8.71 7.10 -46.85
N HIS B 418 7.70 7.02 -46.00
CA HIS B 418 7.67 7.78 -44.76
C HIS B 418 8.14 7.01 -43.54
N ALA B 419 8.46 5.73 -43.72
CA ALA B 419 8.80 4.87 -42.60
C ALA B 419 10.30 4.64 -42.50
N VAL B 420 10.82 4.61 -41.27
CA VAL B 420 12.20 4.26 -41.03
C VAL B 420 12.44 2.86 -41.57
N LEU B 421 13.58 2.66 -42.23
CA LEU B 421 13.83 1.41 -42.92
C LEU B 421 14.93 0.59 -42.28
N GLU B 422 14.83 -0.73 -42.45
CA GLU B 422 15.90 -1.65 -42.08
C GLU B 422 17.01 -1.54 -43.10
N ALA B 423 18.10 -2.26 -42.90
CA ALA B 423 19.22 -2.24 -43.82
C ALA B 423 18.87 -2.87 -45.16
N ASP B 424 17.87 -3.75 -45.15
CA ASP B 424 17.49 -4.46 -46.37
C ASP B 424 16.44 -3.69 -47.17
N GLY B 425 15.98 -2.57 -46.62
CA GLY B 425 15.03 -1.73 -47.32
C GLY B 425 13.59 -1.92 -46.90
N THR B 426 13.33 -2.93 -46.10
CA THR B 426 11.99 -3.12 -45.55
C THR B 426 11.74 -2.15 -44.39
N ALA B 427 10.48 -1.86 -44.12
CA ALA B 427 10.13 -0.93 -43.06
C ALA B 427 10.43 -1.51 -41.68
N TYR B 428 11.08 -0.72 -40.84
CA TYR B 428 11.38 -1.12 -39.47
C TYR B 428 10.12 -1.34 -38.65
N ARG B 429 10.06 -2.49 -37.98
CA ARG B 429 8.95 -2.80 -37.08
C ARG B 429 9.46 -2.68 -35.65
N ASN B 430 8.66 -2.07 -34.78
CA ASN B 430 9.10 -1.83 -33.42
C ASN B 430 9.48 -3.11 -32.71
N ARG B 431 10.72 -3.16 -32.23
CA ARG B 431 11.26 -4.36 -31.61
C ARG B 431 10.93 -4.37 -30.13
N GLY B 432 10.30 -3.31 -29.66
CA GLY B 432 9.92 -3.20 -28.27
C GLY B 432 8.62 -3.93 -27.99
N TRP B 433 8.30 -4.11 -26.70
CA TRP B 433 7.08 -4.78 -26.30
C TRP B 433 5.94 -3.80 -26.10
N TRP B 434 6.27 -2.51 -26.14
CA TRP B 434 5.26 -1.46 -26.07
C TRP B 434 4.97 -0.99 -27.49
N PHE B 435 3.71 -1.11 -27.92
CA PHE B 435 3.35 -0.95 -29.34
C PHE B 435 4.22 -1.85 -30.21
N PRO B 436 4.08 -3.18 -30.07
CA PRO B 436 4.96 -4.09 -30.80
C PRO B 436 4.77 -4.02 -32.31
N GLN B 437 5.89 -4.11 -33.04
CA GLN B 437 5.90 -4.16 -34.50
C GLN B 437 5.28 -2.94 -35.18
N ALA B 438 5.23 -1.83 -34.46
CA ALA B 438 4.71 -0.58 -35.02
C ALA B 438 5.74 0.07 -35.92
N LEU B 439 5.31 0.93 -36.83
CA LEU B 439 6.23 1.66 -37.70
C LEU B 439 6.63 2.99 -37.09
N MET B 440 7.90 3.35 -37.25
CA MET B 440 8.37 4.68 -36.88
C MET B 440 8.44 5.57 -38.10
N PRO B 441 7.62 6.62 -38.15
CA PRO B 441 7.73 7.62 -39.22
C PRO B 441 9.13 8.21 -39.26
N ASP B 442 9.68 8.50 -40.43
CA ASP B 442 11.05 8.97 -40.44
C ASP B 442 11.01 10.48 -40.34
N LEU B 443 11.32 10.99 -39.16
CA LEU B 443 11.15 12.40 -38.88
C LEU B 443 12.47 13.13 -39.05
N SER B 444 13.48 12.40 -39.52
CA SER B 444 14.79 12.98 -39.77
C SER B 444 14.80 13.91 -41.00
N VAL B 445 13.70 13.91 -41.75
CA VAL B 445 13.58 14.76 -42.93
C VAL B 445 12.24 15.48 -42.96
N GLN B 446 12.21 16.64 -43.60
CA GLN B 446 11.07 17.54 -43.53
C GLN B 446 9.78 16.99 -44.13
N ARG B 447 9.87 16.30 -45.26
CA ARG B 447 8.66 15.87 -45.96
C ARG B 447 7.81 14.93 -45.13
N THR B 448 8.46 14.05 -44.37
CA THR B 448 7.74 13.11 -43.54
C THR B 448 7.24 13.79 -42.26
N ARG B 449 8.04 14.69 -41.72
CA ARG B 449 7.61 15.48 -40.57
C ARG B 449 6.32 16.22 -40.91
N ASP B 450 6.27 16.74 -42.13
CA ASP B 450 5.08 17.39 -42.64
C ASP B 450 3.92 16.41 -42.70
N TRP B 451 4.16 15.27 -43.36
CA TRP B 451 3.11 14.29 -43.58
C TRP B 451 2.56 13.75 -42.27
N TRP B 452 3.45 13.43 -41.35
CA TRP B 452 3.06 12.84 -40.08
C TRP B 452 2.28 13.83 -39.22
N THR B 453 2.78 15.06 -39.11
CA THR B 453 2.15 16.05 -38.26
C THR B 453 0.89 16.62 -38.89
N GLU B 454 0.79 16.53 -40.22
CA GLU B 454 -0.36 17.07 -40.93
C GLU B 454 -1.65 16.42 -40.48
N LYS B 455 -1.57 15.15 -40.09
CA LYS B 455 -2.74 14.42 -39.61
C LYS B 455 -3.27 15.02 -38.32
N ARG B 456 -2.40 15.68 -37.56
CA ARG B 456 -2.79 16.27 -36.29
C ARG B 456 -3.17 17.74 -36.42
N ARG B 457 -2.97 18.33 -37.60
CA ARG B 457 -3.12 19.76 -37.80
C ARG B 457 -4.49 20.33 -37.40
N TYR B 458 -5.55 19.57 -37.65
CA TYR B 458 -6.89 20.07 -37.35
C TYR B 458 -7.08 20.26 -35.85
N LEU B 459 -6.35 19.49 -35.06
CA LEU B 459 -6.42 19.61 -33.60
C LEU B 459 -5.98 20.99 -33.16
N VAL B 460 -4.91 21.50 -33.77
CA VAL B 460 -4.44 22.83 -33.45
C VAL B 460 -5.31 23.90 -34.10
N GLU B 461 -5.39 23.89 -35.42
CA GLU B 461 -6.11 24.94 -36.13
C GLU B 461 -7.60 25.01 -35.78
N HIS B 462 -8.32 23.90 -35.91
CA HIS B 462 -9.74 23.92 -35.58
C HIS B 462 -10.03 23.80 -34.08
N PHE B 463 -9.39 22.84 -33.41
CA PHE B 463 -9.72 22.56 -32.01
C PHE B 463 -8.94 23.41 -31.01
N ASP B 464 -7.92 24.10 -31.49
CA ASP B 464 -7.16 25.05 -30.67
C ASP B 464 -6.49 24.37 -29.47
N VAL B 465 -6.00 23.16 -29.66
CA VAL B 465 -5.26 22.51 -28.58
C VAL B 465 -3.94 23.22 -28.44
N ASP B 466 -3.45 23.33 -27.21
CA ASP B 466 -2.34 24.22 -26.93
C ASP B 466 -0.98 23.54 -26.87
N GLY B 467 -0.97 22.22 -27.02
CA GLY B 467 0.28 21.48 -26.96
C GLY B 467 0.11 19.98 -27.11
N PHE B 468 1.23 19.29 -27.25
CA PHE B 468 1.18 17.84 -27.36
C PHE B 468 2.13 17.21 -26.37
N LYS B 469 1.69 16.12 -25.75
CA LYS B 469 2.59 15.38 -24.90
C LYS B 469 3.23 14.32 -25.76
N THR B 470 4.49 14.51 -26.07
CA THR B 470 5.09 13.62 -27.02
C THR B 470 5.90 12.58 -26.28
N ALA B 471 5.24 11.46 -26.06
CA ALA B 471 5.78 10.32 -25.32
C ALA B 471 6.58 9.42 -26.24
N GLY B 472 7.51 8.66 -25.68
CA GLY B 472 8.24 7.68 -26.45
C GLY B 472 9.28 8.32 -27.36
N GLY B 473 9.66 7.59 -28.40
CA GLY B 473 10.74 8.00 -29.28
C GLY B 473 12.03 7.24 -29.02
N GLU B 474 11.96 6.24 -28.14
CA GLU B 474 13.13 5.43 -27.81
C GLU B 474 13.16 4.13 -28.63
N HIS B 475 12.18 3.97 -29.51
CA HIS B 475 11.81 2.67 -30.07
C HIS B 475 12.80 2.06 -31.07
N ALA B 476 13.66 2.87 -31.67
CA ALA B 476 14.50 2.36 -32.75
C ALA B 476 15.71 1.59 -32.23
N TRP B 477 15.77 0.30 -32.56
CA TRP B 477 16.94 -0.50 -32.28
C TRP B 477 17.51 -1.12 -33.57
N GLY B 478 18.67 -0.64 -33.97
CA GLY B 478 19.53 -1.37 -34.88
C GLY B 478 20.70 -0.49 -35.26
N HIS B 479 21.82 -1.09 -35.58
CA HIS B 479 22.99 -0.30 -35.97
C HIS B 479 22.88 0.08 -37.44
N ASP B 480 22.35 -0.85 -38.23
CA ASP B 480 22.28 -0.67 -39.68
C ASP B 480 20.94 -0.12 -40.16
N LEU B 481 20.08 0.31 -39.23
CA LEU B 481 18.84 1.00 -39.60
C LEU B 481 19.17 2.19 -40.48
N VAL B 482 18.27 2.52 -41.41
CA VAL B 482 18.56 3.59 -42.36
C VAL B 482 17.51 4.69 -42.29
N TYR B 483 17.99 5.93 -42.17
CA TYR B 483 17.10 7.09 -42.11
C TYR B 483 17.19 7.89 -43.40
N ALA B 484 16.09 8.54 -43.77
CA ALA B 484 16.01 9.28 -45.02
C ALA B 484 17.00 10.46 -45.10
N ASP B 485 17.59 10.83 -43.97
CA ASP B 485 18.57 11.91 -43.97
C ASP B 485 19.96 11.38 -44.25
N GLY B 486 20.06 10.07 -44.43
CA GLY B 486 21.33 9.45 -44.75
C GLY B 486 22.04 8.81 -43.58
N ARG B 487 21.55 9.06 -42.37
CA ARG B 487 22.17 8.52 -41.17
C ARG B 487 21.79 7.07 -40.90
N LYS B 488 22.80 6.26 -40.60
CA LYS B 488 22.58 4.88 -40.18
C LYS B 488 22.19 4.80 -38.69
N GLY B 489 21.56 3.70 -38.31
CA GLY B 489 21.00 3.52 -36.98
C GLY B 489 21.91 3.87 -35.82
N ASP B 490 23.18 3.49 -35.91
CA ASP B 490 24.14 3.79 -34.86
C ASP B 490 24.25 5.30 -34.59
N GLU B 491 23.84 6.09 -35.57
CA GLU B 491 23.90 7.55 -35.48
C GLU B 491 22.54 8.14 -35.16
N GLY B 492 21.57 7.86 -36.01
CA GLY B 492 20.26 8.46 -35.91
C GLY B 492 19.27 7.90 -34.91
N ASN B 493 19.61 6.80 -34.24
CA ASN B 493 18.70 6.25 -33.25
C ASN B 493 18.55 7.19 -32.06
N ASN B 494 19.67 7.69 -31.57
CA ASN B 494 19.65 8.63 -30.45
C ASN B 494 19.02 9.96 -30.83
N LEU B 495 19.13 10.35 -32.09
CA LEU B 495 18.64 11.64 -32.54
C LEU B 495 17.13 11.65 -32.74
N TYR B 496 16.52 10.48 -32.84
CA TYR B 496 15.11 10.40 -33.18
C TYR B 496 14.18 11.22 -32.26
N PRO B 497 14.35 11.13 -30.93
CA PRO B 497 13.40 11.90 -30.11
C PRO B 497 13.53 13.41 -30.29
N VAL B 498 14.71 13.87 -30.65
CA VAL B 498 14.91 15.29 -30.95
C VAL B 498 14.08 15.70 -32.17
N HIS B 499 14.17 14.93 -33.25
CA HIS B 499 13.37 15.18 -34.45
C HIS B 499 11.89 15.16 -34.13
N TYR B 500 11.52 14.20 -33.29
CA TYR B 500 10.15 13.99 -32.85
C TYR B 500 9.55 15.24 -32.22
N ALA B 501 10.22 15.76 -31.19
CA ALA B 501 9.71 16.95 -30.51
C ALA B 501 9.72 18.15 -31.45
N ARG B 502 10.80 18.29 -32.21
CA ARG B 502 10.94 19.36 -33.18
C ARG B 502 9.78 19.36 -34.16
N ALA B 503 9.41 18.18 -34.62
CA ALA B 503 8.30 18.04 -35.55
C ALA B 503 7.01 18.66 -35.03
N PHE B 504 6.65 18.35 -33.80
CA PHE B 504 5.40 18.86 -33.24
C PHE B 504 5.54 20.27 -32.74
N GLY B 505 6.76 20.65 -32.37
CA GLY B 505 7.05 22.04 -32.10
C GLY B 505 6.77 22.85 -33.35
N ASP B 506 7.27 22.38 -34.48
CA ASP B 506 7.07 23.07 -35.75
C ASP B 506 5.61 23.11 -36.14
N LEU B 507 4.86 22.06 -35.79
CA LEU B 507 3.44 22.02 -36.10
C LEU B 507 2.72 23.16 -35.40
N LEU B 508 3.07 23.38 -34.13
CA LEU B 508 2.45 24.43 -33.36
C LEU B 508 2.84 25.82 -33.86
N ARG B 509 4.12 26.00 -34.19
CA ARG B 509 4.60 27.24 -34.77
C ARG B 509 3.82 27.58 -36.03
N SER B 510 3.75 26.61 -36.94
CA SER B 510 3.08 26.78 -38.23
C SER B 510 1.62 27.18 -38.05
N ALA B 511 1.06 26.87 -36.90
CA ALA B 511 -0.30 27.26 -36.57
C ALA B 511 -0.33 28.54 -35.75
N GLY B 512 0.84 29.15 -35.57
CA GLY B 512 0.93 30.40 -34.84
C GLY B 512 0.74 30.25 -33.33
N LYS B 513 1.13 29.11 -32.78
CA LYS B 513 1.08 28.92 -31.34
C LYS B 513 2.44 28.50 -30.81
N ALA B 514 2.68 28.74 -29.53
CA ALA B 514 3.96 28.44 -28.91
C ALA B 514 4.26 26.94 -28.98
N PRO B 515 5.53 26.60 -29.24
CA PRO B 515 5.97 25.21 -29.43
C PRO B 515 5.95 24.37 -28.16
N VAL B 516 4.78 24.14 -27.59
CA VAL B 516 4.75 23.43 -26.33
C VAL B 516 4.61 21.94 -26.59
N THR B 517 5.72 21.24 -26.43
CA THR B 517 5.72 19.79 -26.51
C THR B 517 6.18 19.29 -25.16
N PHE B 518 5.66 18.14 -24.77
CA PHE B 518 5.93 17.56 -23.47
C PHE B 518 6.58 16.21 -23.70
N SER B 519 7.88 16.09 -23.40
CA SER B 519 8.62 14.91 -23.81
C SER B 519 9.44 14.29 -22.67
N ARG B 520 9.44 12.97 -22.59
CA ARG B 520 10.34 12.28 -21.70
C ARG B 520 11.71 12.06 -22.33
N ALA B 521 11.74 11.89 -23.65
CA ALA B 521 12.95 11.41 -24.32
C ALA B 521 13.65 12.50 -25.12
N GLY B 522 14.96 12.38 -25.24
CA GLY B 522 15.72 13.32 -26.03
C GLY B 522 17.20 13.04 -26.08
N PHE B 523 17.93 13.97 -26.68
CA PHE B 523 19.37 13.86 -26.83
C PHE B 523 19.93 15.27 -26.96
N THR B 524 21.19 15.37 -27.35
CA THR B 524 21.80 16.65 -27.66
C THR B 524 20.94 17.44 -28.66
N GLY B 525 20.61 18.67 -28.31
CA GLY B 525 19.78 19.50 -29.17
C GLY B 525 18.33 19.59 -28.74
N SER B 526 17.95 18.76 -27.77
CA SER B 526 16.57 18.74 -27.31
C SER B 526 16.23 20.02 -26.53
N GLN B 527 17.26 20.73 -26.10
CA GLN B 527 17.08 21.98 -25.35
C GLN B 527 16.19 22.96 -26.10
N ALA B 528 16.20 22.89 -27.42
CA ALA B 528 15.47 23.85 -28.23
C ALA B 528 13.99 23.54 -28.34
N HIS B 529 13.61 22.32 -28.01
CA HIS B 529 12.22 21.92 -28.26
C HIS B 529 11.39 21.55 -27.02
N GLY B 530 10.48 22.45 -26.67
CA GLY B 530 9.46 22.19 -25.68
C GLY B 530 9.85 21.87 -24.26
N ILE B 531 8.96 21.14 -23.61
CA ILE B 531 9.04 20.88 -22.18
C ILE B 531 9.41 19.42 -21.98
N PHE B 532 10.07 19.10 -20.88
CA PHE B 532 10.43 17.73 -20.59
C PHE B 532 9.98 17.28 -19.21
N TRP B 533 9.63 16.00 -19.07
CA TRP B 533 9.34 15.43 -17.75
C TRP B 533 10.14 14.15 -17.55
N ALA B 534 10.30 13.77 -16.28
CA ALA B 534 11.28 12.77 -15.88
C ALA B 534 10.91 11.32 -16.22
N GLY B 535 9.72 11.12 -16.75
CA GLY B 535 9.28 9.79 -17.13
C GLY B 535 8.46 9.02 -16.11
N ASP B 536 8.50 7.69 -16.22
CA ASP B 536 7.66 6.80 -15.43
C ASP B 536 8.32 6.29 -14.17
N GLU B 537 7.69 6.49 -13.02
CA GLU B 537 8.22 5.93 -11.79
C GLU B 537 7.12 5.43 -10.87
N ASP B 538 7.54 4.61 -9.90
CA ASP B 538 6.71 4.21 -8.78
C ASP B 538 6.54 5.37 -7.82
N SER B 539 5.58 5.26 -6.91
CA SER B 539 5.48 6.26 -5.87
C SER B 539 6.33 5.82 -4.68
N THR B 540 7.51 6.40 -4.57
CA THR B 540 8.45 6.04 -3.52
C THR B 540 9.31 7.24 -3.20
N TRP B 541 9.94 7.21 -2.04
CA TRP B 541 10.85 8.27 -1.66
C TRP B 541 12.10 8.20 -2.51
N GLN B 542 12.53 7.00 -2.85
CA GLN B 542 13.68 6.82 -3.72
C GLN B 542 13.44 7.47 -5.08
N ALA B 543 12.22 7.29 -5.61
CA ALA B 543 11.85 7.88 -6.90
C ALA B 543 11.80 9.40 -6.82
N PHE B 544 11.26 9.92 -5.72
CA PHE B 544 11.26 11.34 -5.43
C PHE B 544 12.69 11.89 -5.54
N ARG B 545 13.61 11.27 -4.81
CA ARG B 545 14.99 11.73 -4.78
C ARG B 545 15.66 11.65 -6.15
N SER B 546 15.40 10.56 -6.87
CA SER B 546 15.94 10.39 -8.21
C SER B 546 15.45 11.47 -9.16
N SER B 547 14.17 11.81 -9.04
CA SER B 547 13.58 12.82 -9.91
C SER B 547 14.23 14.18 -9.71
N VAL B 548 14.50 14.52 -8.46
CA VAL B 548 15.15 15.80 -8.15
C VAL B 548 16.51 15.85 -8.85
N THR B 549 17.27 14.77 -8.73
CA THR B 549 18.53 14.61 -9.43
C THR B 549 18.35 14.73 -10.95
N ALA B 550 17.27 14.16 -11.45
CA ALA B 550 17.00 14.19 -12.88
C ALA B 550 16.84 15.63 -13.38
N GLY B 551 16.11 16.44 -12.63
CA GLY B 551 15.90 17.82 -13.00
C GLY B 551 17.15 18.66 -12.91
N LEU B 552 17.99 18.39 -11.92
CA LEU B 552 19.19 19.17 -11.70
C LEU B 552 20.25 18.90 -12.77
N THR B 553 20.48 17.63 -13.06
CA THR B 553 21.45 17.25 -14.08
C THR B 553 21.01 17.76 -15.45
N ALA B 554 19.71 17.65 -15.74
CA ALA B 554 19.19 18.08 -17.03
C ALA B 554 19.30 19.60 -17.19
N ALA B 555 19.13 20.32 -16.09
CA ALA B 555 19.23 21.77 -16.11
C ALA B 555 20.67 22.19 -16.34
N SER B 556 21.60 21.42 -15.79
CA SER B 556 23.02 21.65 -16.01
C SER B 556 23.41 21.48 -17.47
N CYS B 557 22.59 20.76 -18.22
CA CYS B 557 22.80 20.54 -19.66
C CYS B 557 21.94 21.42 -20.55
N GLY B 558 21.15 22.30 -19.96
CA GLY B 558 20.39 23.25 -20.75
C GLY B 558 18.92 22.94 -20.93
N ILE B 559 18.42 21.94 -20.21
CA ILE B 559 16.98 21.70 -20.21
C ILE B 559 16.34 22.59 -19.17
N VAL B 560 15.51 23.50 -19.65
CA VAL B 560 14.99 24.59 -18.84
C VAL B 560 13.65 24.22 -18.25
N TYR B 561 12.70 23.90 -19.11
CA TYR B 561 11.37 23.56 -18.63
C TYR B 561 11.33 22.06 -18.36
N TRP B 562 11.31 21.73 -17.07
CA TRP B 562 11.41 20.35 -16.63
C TRP B 562 10.42 20.08 -15.52
N GLY B 563 9.93 18.85 -15.48
CA GLY B 563 8.99 18.45 -14.47
C GLY B 563 9.06 16.96 -14.23
N TRP B 564 8.16 16.47 -13.40
CA TRP B 564 8.06 15.04 -13.11
C TRP B 564 6.64 14.79 -12.64
N ASP B 565 6.22 13.54 -12.62
CA ASP B 565 4.93 13.25 -12.01
C ASP B 565 5.14 13.26 -10.51
N LEU B 566 4.52 14.22 -9.82
CA LEU B 566 4.82 14.38 -8.41
C LEU B 566 4.27 13.19 -7.62
N ALA B 567 5.14 12.62 -6.79
CA ALA B 567 4.88 11.46 -5.96
C ALA B 567 4.58 10.19 -6.77
N GLY B 568 4.99 10.18 -8.04
CA GLY B 568 4.92 8.98 -8.87
C GLY B 568 3.56 8.75 -9.51
N PHE B 569 3.52 8.20 -10.72
CA PHE B 569 2.23 7.91 -11.33
C PHE B 569 1.79 6.43 -11.28
N SER B 570 2.64 5.57 -10.75
CA SER B 570 2.45 4.13 -10.89
C SER B 570 2.16 3.40 -9.57
N GLY B 571 1.24 2.45 -9.63
CA GLY B 571 0.90 1.64 -8.48
C GLY B 571 -0.18 2.29 -7.64
N PRO B 572 -0.44 1.72 -6.45
CA PRO B 572 -1.44 2.28 -5.53
C PRO B 572 -1.16 3.73 -5.21
N VAL B 573 -2.23 4.48 -4.98
CA VAL B 573 -2.14 5.86 -4.53
C VAL B 573 -1.21 5.94 -3.33
N PRO B 574 -0.28 6.88 -3.37
CA PRO B 574 0.69 7.10 -2.28
C PRO B 574 0.01 7.57 -1.01
N ASP B 575 0.71 7.54 0.11
CA ASP B 575 0.16 8.07 1.35
C ASP B 575 0.16 9.59 1.29
N ALA B 576 -0.38 10.21 2.33
CA ALA B 576 -0.52 11.65 2.35
C ALA B 576 0.83 12.35 2.46
N GLU B 577 1.77 11.75 3.18
CA GLU B 577 3.04 12.42 3.45
C GLU B 577 3.91 12.57 2.19
N LEU B 578 4.09 11.48 1.45
CA LEU B 578 4.86 11.53 0.22
C LEU B 578 4.20 12.46 -0.78
N TYR B 579 2.88 12.38 -0.90
CA TYR B 579 2.15 13.21 -1.83
C TYR B 579 2.35 14.70 -1.53
N LEU B 580 2.21 15.05 -0.25
CA LEU B 580 2.35 16.44 0.16
C LEU B 580 3.79 16.93 0.14
N ARG B 581 4.76 16.06 0.47
CA ARG B 581 6.16 16.47 0.38
C ARG B 581 6.53 16.71 -1.08
N ALA B 582 6.07 15.82 -1.94
CA ALA B 582 6.30 15.96 -3.36
C ALA B 582 5.63 17.21 -3.90
N ALA B 583 4.38 17.43 -3.52
CA ALA B 583 3.62 18.57 -4.02
C ALA B 583 4.25 19.89 -3.62
N ALA B 584 4.68 19.97 -2.35
CA ALA B 584 5.31 21.17 -1.84
C ALA B 584 6.56 21.51 -2.62
N ALA B 585 7.41 20.52 -2.82
CA ALA B 585 8.68 20.74 -3.51
C ALA B 585 8.46 21.06 -4.99
N SER B 586 7.47 20.41 -5.58
CA SER B 586 7.20 20.56 -7.00
C SER B 586 6.69 21.96 -7.33
N ALA B 587 6.09 22.61 -6.35
CA ALA B 587 5.64 23.98 -6.52
C ALA B 587 6.84 24.92 -6.75
N PHE B 588 8.01 24.49 -6.31
CA PHE B 588 9.27 25.19 -6.50
C PHE B 588 10.13 24.65 -7.63
N MET B 589 9.52 23.87 -8.51
CA MET B 589 10.18 23.30 -9.67
C MET B 589 9.66 23.94 -10.96
N PRO B 590 10.42 23.85 -12.05
CA PRO B 590 10.01 24.51 -13.30
C PRO B 590 8.62 24.12 -13.78
N ILE B 591 8.28 22.84 -13.73
CA ILE B 591 6.94 22.39 -14.11
C ILE B 591 6.27 21.61 -12.97
N MET B 592 5.11 22.07 -12.53
CA MET B 592 4.37 21.38 -11.49
C MET B 592 3.22 20.57 -12.06
N GLN B 593 3.33 19.25 -12.02
CA GLN B 593 2.37 18.36 -12.65
C GLN B 593 2.12 17.06 -11.87
N TYR B 594 0.86 16.68 -11.73
CA TYR B 594 0.53 15.35 -11.20
C TYR B 594 -0.07 14.50 -12.32
N HIS B 595 0.11 13.19 -12.21
CA HIS B 595 -0.23 12.28 -13.29
C HIS B 595 -0.49 10.88 -12.73
N SER B 596 -1.22 10.05 -13.46
CA SER B 596 -1.47 8.68 -13.03
C SER B 596 -1.51 7.69 -14.19
N GLU B 597 -0.93 6.51 -13.96
CA GLU B 597 -0.81 5.46 -14.95
C GLU B 597 -2.14 4.77 -15.24
N PHE B 598 -2.21 4.07 -16.37
CA PHE B 598 -3.35 3.23 -16.70
C PHE B 598 -3.52 2.12 -15.66
N ASN B 599 -4.69 2.08 -15.05
CA ASN B 599 -5.04 1.04 -14.08
C ASN B 599 -5.99 -0.05 -14.61
N HIS B 600 -6.28 -0.05 -15.90
CA HIS B 600 -7.26 -0.96 -16.50
C HIS B 600 -8.66 -0.65 -15.98
N HIS B 601 -8.85 0.58 -15.55
CA HIS B 601 -10.13 1.05 -15.04
C HIS B 601 -10.70 0.17 -13.93
N GLN B 602 -9.82 -0.34 -13.08
CA GLN B 602 -10.23 -1.09 -11.90
C GLN B 602 -10.61 -0.16 -10.75
N LEU B 603 -10.93 -0.74 -9.60
CA LEU B 603 -11.30 0.04 -8.43
C LEU B 603 -10.46 -0.37 -7.24
N PRO B 604 -10.10 0.58 -6.37
CA PRO B 604 -10.45 2.01 -6.46
C PRO B 604 -9.61 2.74 -7.51
N LEU B 605 -9.89 4.01 -7.73
CA LEU B 605 -9.13 4.82 -8.70
C LEU B 605 -7.69 5.01 -8.25
N ARG B 606 -6.79 5.04 -9.23
CA ARG B 606 -5.39 5.36 -8.99
C ARG B 606 -5.01 6.82 -9.31
N ASP B 607 -6.02 7.67 -9.52
CA ASP B 607 -5.81 9.09 -9.74
C ASP B 607 -4.88 9.74 -8.71
N ARG B 608 -4.05 10.65 -9.19
CA ARG B 608 -3.14 11.44 -8.34
C ARG B 608 -3.68 12.82 -7.98
N THR B 609 -4.95 13.08 -8.27
CA THR B 609 -5.58 14.32 -7.84
C THR B 609 -5.56 14.47 -6.33
N PRO B 610 -5.54 15.72 -5.83
CA PRO B 610 -5.44 15.88 -4.38
C PRO B 610 -6.66 15.36 -3.62
N TRP B 611 -7.85 15.53 -4.16
CA TRP B 611 -9.04 15.09 -3.45
C TRP B 611 -9.10 13.57 -3.39
N HIS B 612 -8.62 12.89 -4.42
CA HIS B 612 -8.64 11.44 -4.39
C HIS B 612 -7.59 10.87 -3.45
N VAL B 613 -6.45 11.52 -3.35
CA VAL B 613 -5.44 11.11 -2.37
C VAL B 613 -6.03 11.30 -0.97
N ALA B 614 -6.78 12.38 -0.79
CA ALA B 614 -7.41 12.66 0.49
C ALA B 614 -8.45 11.61 0.86
N GLU B 615 -9.25 11.20 -0.12
CA GLU B 615 -10.26 10.18 0.11
C GLU B 615 -9.64 8.81 0.34
N THR B 616 -8.60 8.51 -0.43
CA THR B 616 -7.84 7.28 -0.28
C THR B 616 -7.21 7.16 1.10
N THR B 617 -6.47 8.18 1.51
CA THR B 617 -5.73 8.15 2.77
C THR B 617 -6.59 8.43 3.98
N GLY B 618 -7.70 9.14 3.79
CA GLY B 618 -8.52 9.57 4.90
C GLY B 618 -7.89 10.72 5.66
N ASP B 619 -6.93 11.38 5.04
CA ASP B 619 -6.20 12.49 5.65
C ASP B 619 -6.82 13.81 5.21
N ASP B 620 -7.34 14.59 6.16
CA ASP B 620 -8.08 15.80 5.82
C ASP B 620 -7.20 17.03 5.60
N ARG B 621 -5.89 16.85 5.73
CA ARG B 621 -4.95 17.93 5.41
C ARG B 621 -4.62 18.00 3.92
N VAL B 622 -4.81 16.91 3.18
CA VAL B 622 -4.29 16.82 1.82
C VAL B 622 -4.87 17.90 0.90
N VAL B 623 -6.19 18.05 0.89
CA VAL B 623 -6.82 19.06 0.05
C VAL B 623 -6.47 20.50 0.47
N PRO B 624 -6.62 20.85 1.76
CA PRO B 624 -6.28 22.23 2.11
C PRO B 624 -4.82 22.60 1.84
N LEU B 625 -3.90 21.68 2.11
CA LEU B 625 -2.48 21.96 1.94
C LEU B 625 -2.10 22.03 0.47
N PHE B 626 -2.61 21.10 -0.33
CA PHE B 626 -2.34 21.14 -1.76
C PHE B 626 -2.91 22.40 -2.36
N ARG B 627 -4.08 22.83 -1.89
CA ARG B 627 -4.66 24.07 -2.36
C ARG B 627 -3.72 25.24 -2.05
N ARG B 628 -3.11 25.20 -0.87
CA ARG B 628 -2.15 26.22 -0.48
C ARG B 628 -0.93 26.22 -1.40
N PHE B 629 -0.45 25.05 -1.77
CA PHE B 629 0.70 24.95 -2.66
C PHE B 629 0.35 25.39 -4.08
N ALA B 630 -0.87 25.12 -4.49
CA ALA B 630 -1.31 25.44 -5.84
C ALA B 630 -1.53 26.94 -6.01
N THR B 631 -2.04 27.59 -4.98
CA THR B 631 -2.24 29.02 -5.04
C THR B 631 -0.91 29.74 -4.87
N LEU B 632 -0.03 29.18 -4.03
CA LEU B 632 1.32 29.71 -3.89
C LEU B 632 2.03 29.62 -5.24
N ARG B 633 1.77 28.54 -5.95
CA ARG B 633 2.31 28.36 -7.30
C ARG B 633 1.83 29.47 -8.23
N GLU B 634 0.58 29.86 -8.09
CA GLU B 634 0.02 30.95 -8.89
C GLU B 634 0.78 32.24 -8.62
N SER B 635 1.06 32.51 -7.35
CA SER B 635 1.81 33.67 -6.96
C SER B 635 3.26 33.64 -7.46
N LEU B 636 3.76 32.44 -7.73
CA LEU B 636 5.14 32.26 -8.16
C LEU B 636 5.32 32.41 -9.66
N VAL B 637 4.22 32.52 -10.39
CA VAL B 637 4.28 32.60 -11.84
C VAL B 637 5.07 33.81 -12.38
N PRO B 638 4.87 35.01 -11.79
CA PRO B 638 5.71 36.10 -12.28
C PRO B 638 7.21 35.85 -12.06
N TYR B 639 7.58 35.34 -10.89
CA TYR B 639 8.98 35.09 -10.60
C TYR B 639 9.56 34.05 -11.55
N LEU B 640 8.81 32.98 -11.79
CA LEU B 640 9.23 31.94 -12.71
C LEU B 640 9.44 32.49 -14.12
N THR B 641 8.46 33.26 -14.59
CA THR B 641 8.52 33.85 -15.92
C THR B 641 9.72 34.77 -16.05
N GLU B 642 9.99 35.55 -15.01
CA GLU B 642 11.15 36.42 -14.97
C GLU B 642 12.43 35.61 -15.07
N GLN B 643 12.52 34.57 -14.24
CA GLN B 643 13.75 33.79 -14.13
C GLN B 643 13.97 32.87 -15.32
N ALA B 644 12.89 32.39 -15.93
CA ALA B 644 13.03 31.57 -17.11
C ALA B 644 13.62 32.39 -18.24
N ALA B 645 13.19 33.65 -18.32
CA ALA B 645 13.68 34.55 -19.36
C ALA B 645 15.14 34.90 -19.15
N ARG B 646 15.52 35.11 -17.90
CA ARG B 646 16.92 35.35 -17.56
C ARG B 646 17.75 34.12 -17.89
N THR B 647 17.18 32.94 -17.62
CA THR B 647 17.87 31.67 -17.83
C THR B 647 18.13 31.49 -19.32
N ILE B 648 17.17 31.89 -20.12
CA ILE B 648 17.30 31.82 -21.56
C ILE B 648 18.33 32.82 -22.07
N ALA B 649 18.41 33.98 -21.42
CA ALA B 649 19.37 34.99 -21.84
C ALA B 649 20.80 34.62 -21.45
N THR B 650 21.01 34.29 -20.18
CA THR B 650 22.37 34.04 -19.69
C THR B 650 22.82 32.59 -19.54
N ASP B 651 21.91 31.66 -19.77
CA ASP B 651 22.11 30.22 -19.53
C ASP B 651 22.40 29.86 -18.08
N ARG B 652 22.05 30.74 -17.14
CA ARG B 652 22.07 30.37 -15.74
C ARG B 652 20.80 29.58 -15.49
N PRO B 653 20.92 28.31 -15.12
CA PRO B 653 19.80 27.37 -15.10
C PRO B 653 18.66 27.81 -14.18
N LEU B 654 17.44 27.35 -14.50
CA LEU B 654 16.27 27.65 -13.70
C LEU B 654 16.21 26.76 -12.45
N MET B 655 16.40 25.46 -12.63
CA MET B 655 16.51 24.56 -11.48
C MET B 655 17.99 24.30 -11.33
N ARG B 656 18.60 25.02 -10.40
CA ARG B 656 20.02 25.30 -10.50
C ARG B 656 20.83 24.71 -9.35
N PRO B 657 21.70 23.74 -9.65
CA PRO B 657 22.64 23.22 -8.66
C PRO B 657 23.52 24.34 -8.12
N LEU B 658 23.96 24.21 -6.87
CA LEU B 658 24.63 25.32 -6.21
C LEU B 658 25.99 25.65 -6.82
N PHE B 659 26.60 24.73 -7.55
CA PHE B 659 27.94 24.97 -8.05
C PHE B 659 27.96 26.05 -9.13
N PHE B 660 26.81 26.40 -9.67
CA PHE B 660 26.75 27.46 -10.67
C PHE B 660 27.09 28.82 -10.07
N ASP B 661 26.45 29.18 -8.98
CA ASP B 661 26.79 30.39 -8.24
C ASP B 661 27.91 30.23 -7.21
N HIS B 662 27.97 29.05 -6.61
CA HIS B 662 28.85 28.77 -5.47
C HIS B 662 30.07 27.86 -5.66
N GLU B 663 30.52 27.69 -6.89
CA GLU B 663 31.51 26.66 -7.26
C GLU B 663 32.74 26.49 -6.36
N ASN B 664 33.15 27.52 -5.63
CA ASN B 664 34.32 27.40 -4.76
C ASN B 664 34.04 26.89 -3.34
N ASP B 665 32.78 26.61 -3.06
CA ASP B 665 32.38 26.12 -1.73
C ASP B 665 32.27 24.60 -1.76
N PRO B 666 33.21 23.91 -1.13
CA PRO B 666 33.24 22.44 -1.20
C PRO B 666 32.04 21.79 -0.53
N GLU B 667 31.45 22.49 0.42
CA GLU B 667 30.38 21.95 1.24
C GLU B 667 29.10 21.68 0.47
N ILE B 668 28.90 22.38 -0.65
CA ILE B 668 27.66 22.25 -1.40
C ILE B 668 27.42 20.83 -1.92
N TRP B 669 28.49 20.09 -2.16
CA TRP B 669 28.39 18.76 -2.75
C TRP B 669 27.85 17.73 -1.75
N ASN B 670 27.84 18.11 -0.48
CA ASN B 670 27.28 17.27 0.56
C ASN B 670 25.77 17.48 0.71
N HIS B 671 25.21 18.35 -0.12
CA HIS B 671 23.77 18.56 -0.11
C HIS B 671 23.23 18.64 -1.55
N PRO B 672 23.37 17.55 -2.31
CA PRO B 672 23.10 17.50 -3.75
C PRO B 672 21.63 17.61 -4.13
N TYR B 673 20.71 17.47 -3.17
CA TYR B 673 19.30 17.60 -3.49
C TYR B 673 18.71 19.00 -3.33
N GLN B 674 19.39 19.87 -2.60
CA GLN B 674 18.91 21.23 -2.50
C GLN B 674 19.40 22.01 -3.72
N TYR B 675 18.69 23.07 -4.06
CA TYR B 675 19.01 23.83 -5.28
C TYR B 675 18.47 25.25 -5.24
N LEU B 676 18.96 26.07 -6.14
CA LEU B 676 18.41 27.40 -6.30
C LEU B 676 17.35 27.39 -7.39
N LEU B 677 16.23 28.05 -7.13
CA LEU B 677 15.24 28.26 -8.16
C LEU B 677 15.40 29.69 -8.67
N GLY B 678 15.91 29.81 -9.88
CA GLY B 678 16.33 31.12 -10.37
C GLY B 678 17.48 31.61 -9.53
N ASP B 679 17.64 32.94 -9.45
CA ASP B 679 18.72 33.52 -8.67
C ASP B 679 18.43 33.60 -7.19
N GLU B 680 17.18 33.88 -6.84
CA GLU B 680 16.87 34.35 -5.49
C GLU B 680 16.44 33.33 -4.45
N LEU B 681 16.09 32.12 -4.87
CA LEU B 681 15.46 31.19 -3.94
C LEU B 681 16.20 29.88 -3.82
N LEU B 682 16.56 29.51 -2.60
CA LEU B 682 17.14 28.20 -2.35
C LEU B 682 16.07 27.26 -1.82
N ILE B 683 15.97 26.10 -2.46
CA ILE B 683 14.95 25.11 -2.15
C ILE B 683 15.58 23.86 -1.57
N ASN B 684 14.96 23.28 -0.55
CA ASN B 684 15.47 22.06 0.07
C ASN B 684 14.34 21.06 0.33
N PRO B 685 14.02 20.25 -0.68
CA PRO B 685 12.95 19.26 -0.59
C PRO B 685 13.10 18.31 0.59
N VAL B 686 11.99 17.94 1.20
CA VAL B 686 12.03 17.00 2.32
C VAL B 686 11.84 15.61 1.73
N LEU B 687 12.93 14.86 1.73
CA LEU B 687 13.02 13.59 1.03
C LEU B 687 12.92 12.32 1.89
N GLU B 688 12.69 12.47 3.20
CA GLU B 688 12.49 11.31 4.07
C GLU B 688 11.10 11.34 4.68
N PRO B 689 10.49 10.16 4.87
CA PRO B 689 9.25 10.12 5.66
C PRO B 689 9.54 10.31 7.13
N GLY B 690 8.64 10.98 7.86
CA GLY B 690 8.77 11.09 9.30
C GLY B 690 9.61 12.26 9.81
N ALA B 691 10.11 13.09 8.90
CA ALA B 691 10.97 14.19 9.30
C ALA B 691 10.15 15.30 9.94
N THR B 692 10.45 15.62 11.20
CA THR B 692 9.81 16.75 11.84
C THR B 692 10.67 18.00 11.76
N THR B 693 11.95 17.80 11.47
CA THR B 693 12.88 18.90 11.25
C THR B 693 13.69 18.59 10.01
N TRP B 694 14.26 19.63 9.40
CA TRP B 694 15.03 19.46 8.20
C TRP B 694 16.15 20.49 8.20
N THR B 695 17.33 20.06 7.75
CA THR B 695 18.50 20.93 7.81
C THR B 695 18.93 21.34 6.42
N THR B 696 19.10 22.63 6.22
CA THR B 696 19.51 23.18 4.94
C THR B 696 20.90 23.78 5.05
N TYR B 697 21.73 23.60 4.02
CA TYR B 697 23.02 24.28 3.99
C TYR B 697 22.90 25.58 3.19
N LEU B 698 23.05 26.70 3.88
CA LEU B 698 23.03 28.00 3.24
C LEU B 698 24.45 28.50 2.99
N PRO B 699 24.85 28.61 1.72
CA PRO B 699 26.19 29.09 1.37
C PRO B 699 26.37 30.54 1.75
N ALA B 700 27.57 31.09 1.58
CA ALA B 700 27.84 32.48 1.96
C ALA B 700 26.85 33.42 1.30
N GLY B 701 26.17 34.21 2.11
CA GLY B 701 25.14 35.11 1.65
C GLY B 701 24.25 35.50 2.80
N GLU B 702 23.34 36.44 2.58
CA GLU B 702 22.34 36.80 3.56
C GLU B 702 21.00 36.21 3.14
N TRP B 703 20.37 35.49 4.05
CA TRP B 703 19.19 34.73 3.69
C TRP B 703 18.00 35.05 4.58
N ILE B 704 16.82 34.95 3.99
CA ILE B 704 15.56 35.10 4.70
C ILE B 704 14.76 33.79 4.62
N ASP B 705 14.18 33.39 5.74
CA ASP B 705 13.24 32.28 5.73
C ASP B 705 11.92 32.84 5.21
N VAL B 706 11.46 32.34 4.06
CA VAL B 706 10.33 32.95 3.37
C VAL B 706 9.02 32.76 4.12
N TRP B 707 8.98 31.78 5.02
CA TRP B 707 7.76 31.51 5.76
C TRP B 707 7.60 32.43 6.95
N THR B 708 8.69 32.74 7.63
CA THR B 708 8.65 33.69 8.75
C THR B 708 9.05 35.14 8.44
N GLY B 709 9.69 35.35 7.29
CA GLY B 709 10.29 36.64 6.99
C GLY B 709 11.54 36.99 7.79
N ASP B 710 12.02 36.08 8.65
CA ASP B 710 13.18 36.34 9.49
C ASP B 710 14.52 36.09 8.80
N ARG B 711 15.53 36.86 9.17
CA ARG B 711 16.90 36.54 8.80
C ARG B 711 17.32 35.26 9.52
N VAL B 712 18.12 34.44 8.85
CA VAL B 712 18.67 33.25 9.47
C VAL B 712 20.17 33.20 9.18
N PRO B 713 20.95 32.54 10.04
CA PRO B 713 22.39 32.45 9.81
C PRO B 713 22.72 31.58 8.60
N SER B 714 23.89 31.77 8.01
CA SER B 714 24.30 30.94 6.89
C SER B 714 24.91 29.65 7.44
N GLY B 715 25.28 28.76 6.54
CA GLY B 715 25.72 27.43 6.96
C GLY B 715 24.51 26.55 7.24
N LEU B 716 24.68 25.58 8.12
CA LEU B 716 23.60 24.64 8.41
C LEU B 716 22.48 25.32 9.18
N VAL B 717 21.28 25.24 8.64
CA VAL B 717 20.08 25.76 9.30
C VAL B 717 19.02 24.68 9.42
N THR B 718 18.51 24.53 10.63
CA THR B 718 17.48 23.54 10.90
C THR B 718 16.16 24.25 11.20
N ARG B 719 15.08 23.83 10.57
CA ARG B 719 13.77 24.32 10.95
C ARG B 719 12.74 23.21 10.97
N ASP B 720 11.61 23.48 11.60
CA ASP B 720 10.53 22.53 11.67
C ASP B 720 9.92 22.37 10.30
N VAL B 721 9.52 21.15 9.97
CA VAL B 721 8.88 20.90 8.69
C VAL B 721 7.56 20.14 8.84
N PRO B 722 6.52 20.83 9.30
CA PRO B 722 5.18 20.26 9.17
C PRO B 722 4.84 20.21 7.69
N LEU B 723 3.81 19.46 7.31
CA LEU B 723 3.56 19.21 5.90
C LEU B 723 3.24 20.47 5.10
N GLU B 724 2.91 21.57 5.76
CA GLU B 724 2.58 22.79 5.03
C GLU B 724 3.83 23.58 4.68
N VAL B 725 4.99 23.04 5.04
CA VAL B 725 6.26 23.72 4.83
C VAL B 725 7.26 22.88 4.05
N VAL B 726 7.89 23.48 3.05
CA VAL B 726 9.16 22.97 2.55
C VAL B 726 10.13 24.11 2.79
N PRO B 727 11.37 23.79 3.23
CA PRO B 727 12.28 24.90 3.53
C PRO B 727 12.69 25.64 2.28
N VAL B 728 12.53 26.96 2.31
CA VAL B 728 12.83 27.82 1.18
C VAL B 728 13.43 29.12 1.71
N TYR B 729 14.55 29.54 1.13
CA TYR B 729 15.21 30.73 1.62
C TYR B 729 15.41 31.72 0.49
N CYS B 730 15.15 32.99 0.78
CA CYS B 730 15.28 34.05 -0.21
C CYS B 730 16.52 34.85 0.10
N ARG B 731 17.25 35.22 -0.94
CA ARG B 731 18.39 36.10 -0.75
C ARG B 731 17.86 37.41 -0.20
N ALA B 732 18.51 37.92 0.85
CA ALA B 732 18.01 39.08 1.58
C ALA B 732 17.79 40.29 0.69
N SER B 733 18.60 40.46 -0.34
CA SER B 733 18.51 41.65 -1.16
C SER B 733 17.29 41.66 -2.08
N ARG B 734 16.73 40.49 -2.36
CA ARG B 734 15.50 40.45 -3.13
C ARG B 734 14.23 40.21 -2.30
N TRP B 735 14.37 40.05 -0.98
CA TRP B 735 13.22 39.74 -0.14
C TRP B 735 12.16 40.83 -0.18
N SER B 736 12.60 42.08 -0.26
CA SER B 736 11.67 43.20 -0.33
C SER B 736 10.75 43.06 -1.53
N GLU B 737 11.28 42.54 -2.63
CA GLU B 737 10.47 42.31 -3.81
C GLU B 737 9.63 41.04 -3.73
N LEU B 738 10.21 39.95 -3.22
CA LEU B 738 9.56 38.65 -3.29
C LEU B 738 8.63 38.32 -2.11
N GLN B 739 8.75 39.09 -1.04
CA GLN B 739 7.92 38.90 0.16
C GLN B 739 6.41 38.76 -0.10
N PRO B 740 5.82 39.61 -0.97
CA PRO B 740 4.37 39.48 -1.18
C PRO B 740 3.91 38.13 -1.73
N VAL B 741 4.81 37.40 -2.36
CA VAL B 741 4.49 36.09 -2.92
C VAL B 741 4.12 35.05 -1.84
N PHE B 742 4.76 35.14 -0.68
CA PHE B 742 4.64 34.12 0.35
C PHE B 742 3.62 34.42 1.44
N SER B 743 2.91 35.53 1.32
CA SER B 743 1.93 35.91 2.33
C SER B 743 0.78 34.92 2.40
#